data_5YQI
# 
_entry.id   5YQI 
# 
_audit_conform.dict_name       mmcif_pdbx.dic 
_audit_conform.dict_version    5.380 
_audit_conform.dict_location   http://mmcif.pdb.org/dictionaries/ascii/mmcif_pdbx.dic 
# 
loop_
_database_2.database_id 
_database_2.database_code 
_database_2.pdbx_database_accession 
_database_2.pdbx_DOI 
PDB   5YQI         pdb_00005yqi 10.2210/pdb5yqi/pdb 
WWPDB D_1300005739 ?            ?                   
# 
_pdbx_database_status.status_code                     REL 
_pdbx_database_status.status_code_sf                  REL 
_pdbx_database_status.status_code_mr                  ? 
_pdbx_database_status.entry_id                        5YQI 
_pdbx_database_status.recvd_initial_deposition_date   2017-11-06 
_pdbx_database_status.SG_entry                        N 
_pdbx_database_status.deposit_site                    PDBJ 
_pdbx_database_status.process_site                    PDBJ 
_pdbx_database_status.status_code_cs                  ? 
_pdbx_database_status.methods_development_category    ? 
_pdbx_database_status.pdb_format_compatible           Y 
_pdbx_database_status.status_code_nmr_data            ? 
# 
loop_
_audit_author.name 
_audit_author.pdbx_ordinal 
_audit_author.identifier_ORCID 
'Tong, J.' 1 ? 
'Im, Y.J.' 2 ? 
# 
_citation.abstract                  ? 
_citation.abstract_id_CAS           ? 
_citation.book_id_ISBN              ? 
_citation.book_publisher            ? 
_citation.book_publisher_city       ? 
_citation.book_title                ? 
_citation.coordinate_linkage        ? 
_citation.country                   US 
_citation.database_id_Medline       ? 
_citation.details                   ? 
_citation.id                        primary 
_citation.journal_abbrev            'Proc. Natl. Acad. Sci. U.S.A.' 
_citation.journal_id_ASTM           PNASA6 
_citation.journal_id_CSD            0040 
_citation.journal_id_ISSN           1091-6490 
_citation.journal_full              ? 
_citation.journal_issue             ? 
_citation.journal_volume            115 
_citation.language                  ? 
_citation.page_first                E856 
_citation.page_last                 E865 
_citation.title                     
'Structural basis of sterol recognition and nonvesicular transport by lipid transfer proteins anchored at membrane contact sites' 
_citation.year                      2018 
_citation.database_id_CSD           ? 
_citation.pdbx_database_id_DOI      10.1073/pnas.1719709115 
_citation.pdbx_database_id_PubMed   29339490 
_citation.unpublished_flag          ? 
# 
loop_
_citation_author.citation_id 
_citation_author.name 
_citation_author.ordinal 
_citation_author.identifier_ORCID 
primary 'Tong, J.'    1 ? 
primary 'Manik, M.K.' 2 ? 
primary 'Im, Y.J.'    3 ? 
# 
_cell.angle_alpha                  90.00 
_cell.angle_alpha_esd              ? 
_cell.angle_beta                   90.00 
_cell.angle_beta_esd               ? 
_cell.angle_gamma                  90.00 
_cell.angle_gamma_esd              ? 
_cell.entry_id                     5YQI 
_cell.details                      ? 
_cell.formula_units_Z              ? 
_cell.length_a                     33.433 
_cell.length_a_esd                 ? 
_cell.length_b                     59.505 
_cell.length_b_esd                 ? 
_cell.length_c                     84.290 
_cell.length_c_esd                 ? 
_cell.volume                       ? 
_cell.volume_esd                   ? 
_cell.Z_PDB                        4 
_cell.reciprocal_angle_alpha       ? 
_cell.reciprocal_angle_beta        ? 
_cell.reciprocal_angle_gamma       ? 
_cell.reciprocal_angle_alpha_esd   ? 
_cell.reciprocal_angle_beta_esd    ? 
_cell.reciprocal_angle_gamma_esd   ? 
_cell.reciprocal_length_a          ? 
_cell.reciprocal_length_b          ? 
_cell.reciprocal_length_c          ? 
_cell.reciprocal_length_a_esd      ? 
_cell.reciprocal_length_b_esd      ? 
_cell.reciprocal_length_c_esd      ? 
_cell.pdbx_unique_axis             ? 
# 
_symmetry.entry_id                         5YQI 
_symmetry.cell_setting                     ? 
_symmetry.Int_Tables_number                19 
_symmetry.space_group_name_Hall            ? 
_symmetry.space_group_name_H-M             'P 21 21 21' 
_symmetry.pdbx_full_space_group_name_H-M   ? 
# 
loop_
_entity.id 
_entity.type 
_entity.src_method 
_entity.pdbx_description 
_entity.formula_weight 
_entity.pdbx_number_of_molecules 
_entity.pdbx_ec 
_entity.pdbx_mutation 
_entity.pdbx_fragment 
_entity.details 
1 polymer man 'Membrane-anchored lipid-binding protein YSP2' 19244.969 1   ? ? ? ? 
2 water   nat water                                          18.015    119 ? ? ? ? 
# 
_entity_name_com.entity_id   1 
_entity_name_com.name        
'Lipid transfer at contact site protein 4,Lipid transfer protein anchored at membrane contact sites 3,Yeast suicide protein 2' 
# 
_entity_poly.entity_id                      1 
_entity_poly.type                           'polypeptide(L)' 
_entity_poly.nstd_linkage                   no 
_entity_poly.nstd_monomer                   no 
_entity_poly.pdbx_seq_one_letter_code       
;GSAMDNDHLVIEANINAPLGKVVNLLYGEDVSYYERILKAQKNFEISPIPNNFLTKKIRDYAYTKPLSGSIGPSKTKCLI
TDTLEHYDLEDYVKVLSITKNPDVPSGNIFSVKTVFLFSWDKNNSTKLTVYNSVDWTGKSWIKSMIEKGTFDGVADTTKI
MISEIKKILSD
;
_entity_poly.pdbx_seq_one_letter_code_can   
;GSAMDNDHLVIEANINAPLGKVVNLLYGEDVSYYERILKAQKNFEISPIPNNFLTKKIRDYAYTKPLSGSIGPSKTKCLI
TDTLEHYDLEDYVKVLSITKNPDVPSGNIFSVKTVFLFSWDKNNSTKLTVYNSVDWTGKSWIKSMIEKGTFDGVADTTKI
MISEIKKILSD
;
_entity_poly.pdbx_strand_id                 A 
_entity_poly.pdbx_target_identifier         ? 
# 
loop_
_entity_poly_seq.entity_id 
_entity_poly_seq.num 
_entity_poly_seq.mon_id 
_entity_poly_seq.hetero 
1 1   GLY n 
1 2   SER n 
1 3   ALA n 
1 4   MET n 
1 5   ASP n 
1 6   ASN n 
1 7   ASP n 
1 8   HIS n 
1 9   LEU n 
1 10  VAL n 
1 11  ILE n 
1 12  GLU n 
1 13  ALA n 
1 14  ASN n 
1 15  ILE n 
1 16  ASN n 
1 17  ALA n 
1 18  PRO n 
1 19  LEU n 
1 20  GLY n 
1 21  LYS n 
1 22  VAL n 
1 23  VAL n 
1 24  ASN n 
1 25  LEU n 
1 26  LEU n 
1 27  TYR n 
1 28  GLY n 
1 29  GLU n 
1 30  ASP n 
1 31  VAL n 
1 32  SER n 
1 33  TYR n 
1 34  TYR n 
1 35  GLU n 
1 36  ARG n 
1 37  ILE n 
1 38  LEU n 
1 39  LYS n 
1 40  ALA n 
1 41  GLN n 
1 42  LYS n 
1 43  ASN n 
1 44  PHE n 
1 45  GLU n 
1 46  ILE n 
1 47  SER n 
1 48  PRO n 
1 49  ILE n 
1 50  PRO n 
1 51  ASN n 
1 52  ASN n 
1 53  PHE n 
1 54  LEU n 
1 55  THR n 
1 56  LYS n 
1 57  LYS n 
1 58  ILE n 
1 59  ARG n 
1 60  ASP n 
1 61  TYR n 
1 62  ALA n 
1 63  TYR n 
1 64  THR n 
1 65  LYS n 
1 66  PRO n 
1 67  LEU n 
1 68  SER n 
1 69  GLY n 
1 70  SER n 
1 71  ILE n 
1 72  GLY n 
1 73  PRO n 
1 74  SER n 
1 75  LYS n 
1 76  THR n 
1 77  LYS n 
1 78  CYS n 
1 79  LEU n 
1 80  ILE n 
1 81  THR n 
1 82  ASP n 
1 83  THR n 
1 84  LEU n 
1 85  GLU n 
1 86  HIS n 
1 87  TYR n 
1 88  ASP n 
1 89  LEU n 
1 90  GLU n 
1 91  ASP n 
1 92  TYR n 
1 93  VAL n 
1 94  LYS n 
1 95  VAL n 
1 96  LEU n 
1 97  SER n 
1 98  ILE n 
1 99  THR n 
1 100 LYS n 
1 101 ASN n 
1 102 PRO n 
1 103 ASP n 
1 104 VAL n 
1 105 PRO n 
1 106 SER n 
1 107 GLY n 
1 108 ASN n 
1 109 ILE n 
1 110 PHE n 
1 111 SER n 
1 112 VAL n 
1 113 LYS n 
1 114 THR n 
1 115 VAL n 
1 116 PHE n 
1 117 LEU n 
1 118 PHE n 
1 119 SER n 
1 120 TRP n 
1 121 ASP n 
1 122 LYS n 
1 123 ASN n 
1 124 ASN n 
1 125 SER n 
1 126 THR n 
1 127 LYS n 
1 128 LEU n 
1 129 THR n 
1 130 VAL n 
1 131 TYR n 
1 132 ASN n 
1 133 SER n 
1 134 VAL n 
1 135 ASP n 
1 136 TRP n 
1 137 THR n 
1 138 GLY n 
1 139 LYS n 
1 140 SER n 
1 141 TRP n 
1 142 ILE n 
1 143 LYS n 
1 144 SER n 
1 145 MET n 
1 146 ILE n 
1 147 GLU n 
1 148 LYS n 
1 149 GLY n 
1 150 THR n 
1 151 PHE n 
1 152 ASP n 
1 153 GLY n 
1 154 VAL n 
1 155 ALA n 
1 156 ASP n 
1 157 THR n 
1 158 THR n 
1 159 LYS n 
1 160 ILE n 
1 161 MET n 
1 162 ILE n 
1 163 SER n 
1 164 GLU n 
1 165 ILE n 
1 166 LYS n 
1 167 LYS n 
1 168 ILE n 
1 169 LEU n 
1 170 SER n 
1 171 ASP n 
# 
_entity_src_gen.entity_id                          1 
_entity_src_gen.pdbx_src_id                        1 
_entity_src_gen.pdbx_alt_source_flag               sample 
_entity_src_gen.pdbx_seq_type                      'Biological sequence' 
_entity_src_gen.pdbx_beg_seq_num                   1 
_entity_src_gen.pdbx_end_seq_num                   171 
_entity_src_gen.gene_src_common_name               
;Baker's yeast
;
_entity_src_gen.gene_src_genus                     ? 
_entity_src_gen.pdbx_gene_src_gene                 ? 
_entity_src_gen.gene_src_species                   ? 
_entity_src_gen.gene_src_strain                    ? 
_entity_src_gen.gene_src_tissue                    ? 
_entity_src_gen.gene_src_tissue_fraction           ? 
_entity_src_gen.gene_src_details                   ? 
_entity_src_gen.pdbx_gene_src_fragment             ? 
_entity_src_gen.pdbx_gene_src_scientific_name      'Saccharomyces cerevisiae' 
_entity_src_gen.pdbx_gene_src_ncbi_taxonomy_id     4932 
_entity_src_gen.pdbx_gene_src_variant              ? 
_entity_src_gen.pdbx_gene_src_cell_line            ? 
_entity_src_gen.pdbx_gene_src_atcc                 ? 
_entity_src_gen.pdbx_gene_src_organ                ? 
_entity_src_gen.pdbx_gene_src_organelle            ? 
_entity_src_gen.pdbx_gene_src_cell                 ? 
_entity_src_gen.pdbx_gene_src_cellular_location    ? 
_entity_src_gen.host_org_common_name               ? 
_entity_src_gen.pdbx_host_org_scientific_name      'Escherichia coli BL21(DE3)' 
_entity_src_gen.pdbx_host_org_ncbi_taxonomy_id     469008 
_entity_src_gen.host_org_genus                     ? 
_entity_src_gen.pdbx_host_org_gene                 ? 
_entity_src_gen.pdbx_host_org_organ                ? 
_entity_src_gen.host_org_species                   ? 
_entity_src_gen.pdbx_host_org_tissue               ? 
_entity_src_gen.pdbx_host_org_tissue_fraction      ? 
_entity_src_gen.pdbx_host_org_strain               'BL21(DE3)' 
_entity_src_gen.pdbx_host_org_variant              ? 
_entity_src_gen.pdbx_host_org_cell_line            ? 
_entity_src_gen.pdbx_host_org_atcc                 ? 
_entity_src_gen.pdbx_host_org_culture_collection   ? 
_entity_src_gen.pdbx_host_org_cell                 ? 
_entity_src_gen.pdbx_host_org_organelle            ? 
_entity_src_gen.pdbx_host_org_cellular_location    ? 
_entity_src_gen.pdbx_host_org_vector_type          plasmid 
_entity_src_gen.pdbx_host_org_vector               ? 
_entity_src_gen.host_org_details                   'an N-terminal hexa-histidine tag fusion' 
_entity_src_gen.expression_system_id               ? 
_entity_src_gen.plasmid_name                       pHis2-Thr 
_entity_src_gen.plasmid_details                    ? 
_entity_src_gen.pdbx_description                   ? 
# 
_struct_ref.id                         1 
_struct_ref.db_name                    UNP 
_struct_ref.db_code                    YSP2_YEAST 
_struct_ref.pdbx_db_accession          Q06681 
_struct_ref.pdbx_db_isoform            ? 
_struct_ref.entity_id                  1 
_struct_ref.pdbx_seq_one_letter_code   
;NDHLVIEANINAPLGKVVNLLYGEDVSYYERILKAQKNFEISPIPNNFLTKKIRDYAYTKPLSGSIGPSKTKCLITDTLE
HYDLEDYVKVLSITKNPDVPSGNIFSVKTVFLFSWDKNNSTKLTVYNSVDWTGKSWIKSMIEKGTFDGVADTTKIMISEI
KKILSD
;
_struct_ref.pdbx_align_begin           851 
# 
_struct_ref_seq.align_id                      1 
_struct_ref_seq.ref_id                        1 
_struct_ref_seq.pdbx_PDB_id_code              5YQI 
_struct_ref_seq.pdbx_strand_id                A 
_struct_ref_seq.seq_align_beg                 6 
_struct_ref_seq.pdbx_seq_align_beg_ins_code   ? 
_struct_ref_seq.seq_align_end                 171 
_struct_ref_seq.pdbx_seq_align_end_ins_code   ? 
_struct_ref_seq.pdbx_db_accession             Q06681 
_struct_ref_seq.db_align_beg                  851 
_struct_ref_seq.pdbx_db_align_beg_ins_code    ? 
_struct_ref_seq.db_align_end                  1016 
_struct_ref_seq.pdbx_db_align_end_ins_code    ? 
_struct_ref_seq.pdbx_auth_seq_align_beg       851 
_struct_ref_seq.pdbx_auth_seq_align_end       1016 
# 
loop_
_struct_ref_seq_dif.align_id 
_struct_ref_seq_dif.pdbx_pdb_id_code 
_struct_ref_seq_dif.mon_id 
_struct_ref_seq_dif.pdbx_pdb_strand_id 
_struct_ref_seq_dif.seq_num 
_struct_ref_seq_dif.pdbx_pdb_ins_code 
_struct_ref_seq_dif.pdbx_seq_db_name 
_struct_ref_seq_dif.pdbx_seq_db_accession_code 
_struct_ref_seq_dif.db_mon_id 
_struct_ref_seq_dif.pdbx_seq_db_seq_num 
_struct_ref_seq_dif.details 
_struct_ref_seq_dif.pdbx_auth_seq_num 
_struct_ref_seq_dif.pdbx_ordinal 
1 5YQI GLY A 1 ? UNP Q06681 ? ? 'expression tag' 846 1 
1 5YQI SER A 2 ? UNP Q06681 ? ? 'expression tag' 847 2 
1 5YQI ALA A 3 ? UNP Q06681 ? ? 'expression tag' 848 3 
1 5YQI MET A 4 ? UNP Q06681 ? ? 'expression tag' 849 4 
1 5YQI ASP A 5 ? UNP Q06681 ? ? 'expression tag' 850 5 
# 
loop_
_chem_comp.id 
_chem_comp.type 
_chem_comp.mon_nstd_flag 
_chem_comp.name 
_chem_comp.pdbx_synonyms 
_chem_comp.formula 
_chem_comp.formula_weight 
ALA 'L-peptide linking' y ALANINE         ? 'C3 H7 N O2'     89.093  
ARG 'L-peptide linking' y ARGININE        ? 'C6 H15 N4 O2 1' 175.209 
ASN 'L-peptide linking' y ASPARAGINE      ? 'C4 H8 N2 O3'    132.118 
ASP 'L-peptide linking' y 'ASPARTIC ACID' ? 'C4 H7 N O4'     133.103 
CYS 'L-peptide linking' y CYSTEINE        ? 'C3 H7 N O2 S'   121.158 
GLN 'L-peptide linking' y GLUTAMINE       ? 'C5 H10 N2 O3'   146.144 
GLU 'L-peptide linking' y 'GLUTAMIC ACID' ? 'C5 H9 N O4'     147.129 
GLY 'peptide linking'   y GLYCINE         ? 'C2 H5 N O2'     75.067  
HIS 'L-peptide linking' y HISTIDINE       ? 'C6 H10 N3 O2 1' 156.162 
HOH non-polymer         . WATER           ? 'H2 O'           18.015  
ILE 'L-peptide linking' y ISOLEUCINE      ? 'C6 H13 N O2'    131.173 
LEU 'L-peptide linking' y LEUCINE         ? 'C6 H13 N O2'    131.173 
LYS 'L-peptide linking' y LYSINE          ? 'C6 H15 N2 O2 1' 147.195 
MET 'L-peptide linking' y METHIONINE      ? 'C5 H11 N O2 S'  149.211 
PHE 'L-peptide linking' y PHENYLALANINE   ? 'C9 H11 N O2'    165.189 
PRO 'L-peptide linking' y PROLINE         ? 'C5 H9 N O2'     115.130 
SER 'L-peptide linking' y SERINE          ? 'C3 H7 N O3'     105.093 
THR 'L-peptide linking' y THREONINE       ? 'C4 H9 N O3'     119.119 
TRP 'L-peptide linking' y TRYPTOPHAN      ? 'C11 H12 N2 O2'  204.225 
TYR 'L-peptide linking' y TYROSINE        ? 'C9 H11 N O3'    181.189 
VAL 'L-peptide linking' y VALINE          ? 'C5 H11 N O2'    117.146 
# 
_exptl.absorpt_coefficient_mu     ? 
_exptl.absorpt_correction_T_max   ? 
_exptl.absorpt_correction_T_min   ? 
_exptl.absorpt_correction_type    ? 
_exptl.absorpt_process_details    ? 
_exptl.entry_id                   5YQI 
_exptl.crystals_number            1 
_exptl.details                    ? 
_exptl.method                     'X-RAY DIFFRACTION' 
_exptl.method_details             ? 
# 
_exptl_crystal.colour                      ? 
_exptl_crystal.density_diffrn              ? 
_exptl_crystal.density_Matthews            2.18 
_exptl_crystal.density_method              ? 
_exptl_crystal.density_percent_sol         43.54 
_exptl_crystal.description                 ? 
_exptl_crystal.F_000                       ? 
_exptl_crystal.id                          1 
_exptl_crystal.preparation                 ? 
_exptl_crystal.size_max                    ? 
_exptl_crystal.size_mid                    ? 
_exptl_crystal.size_min                    ? 
_exptl_crystal.size_rad                    ? 
_exptl_crystal.colour_lustre               ? 
_exptl_crystal.colour_modifier             ? 
_exptl_crystal.colour_primary              ? 
_exptl_crystal.density_meas                ? 
_exptl_crystal.density_meas_esd            ? 
_exptl_crystal.density_meas_gt             ? 
_exptl_crystal.density_meas_lt             ? 
_exptl_crystal.density_meas_temp           ? 
_exptl_crystal.density_meas_temp_esd       ? 
_exptl_crystal.density_meas_temp_gt        ? 
_exptl_crystal.density_meas_temp_lt        ? 
_exptl_crystal.pdbx_crystal_image_url      ? 
_exptl_crystal.pdbx_crystal_image_format   ? 
_exptl_crystal.pdbx_mosaicity              ? 
_exptl_crystal.pdbx_mosaicity_esd          ? 
# 
_exptl_crystal_grow.apparatus       ? 
_exptl_crystal_grow.atmosphere      ? 
_exptl_crystal_grow.crystal_id      1 
_exptl_crystal_grow.details         ? 
_exptl_crystal_grow.method          'VAPOR DIFFUSION, HANGING DROP' 
_exptl_crystal_grow.method_ref      ? 
_exptl_crystal_grow.pH              6.0 
_exptl_crystal_grow.pressure        ? 
_exptl_crystal_grow.pressure_esd    ? 
_exptl_crystal_grow.seeding         ? 
_exptl_crystal_grow.seeding_ref     ? 
_exptl_crystal_grow.temp            295 
_exptl_crystal_grow.temp_details    ? 
_exptl_crystal_grow.temp_esd        ? 
_exptl_crystal_grow.time            ? 
_exptl_crystal_grow.pdbx_details    '0.1M MES-NaOH pH 6.0, 30% PEG3350, 0.1M KNO3' 
_exptl_crystal_grow.pdbx_pH_range   ? 
# 
_diffrn.ambient_environment    ? 
_diffrn.ambient_temp           100 
_diffrn.ambient_temp_details   ? 
_diffrn.ambient_temp_esd       ? 
_diffrn.crystal_id             1 
_diffrn.crystal_support        ? 
_diffrn.crystal_treatment      ? 
_diffrn.details                ? 
_diffrn.id                     1 
_diffrn.ambient_pressure       ? 
_diffrn.ambient_pressure_esd   ? 
_diffrn.ambient_pressure_gt    ? 
_diffrn.ambient_pressure_lt    ? 
_diffrn.ambient_temp_gt        ? 
_diffrn.ambient_temp_lt        ? 
# 
_diffrn_detector.details                      ? 
_diffrn_detector.detector                     CCD 
_diffrn_detector.diffrn_id                    1 
_diffrn_detector.type                         'ADSC QUANTUM 270' 
_diffrn_detector.area_resol_mean              ? 
_diffrn_detector.dtime                        ? 
_diffrn_detector.pdbx_frames_total            ? 
_diffrn_detector.pdbx_collection_time_total   ? 
_diffrn_detector.pdbx_collection_date         2015-11-25 
# 
_diffrn_radiation.collimation                      ? 
_diffrn_radiation.diffrn_id                        1 
_diffrn_radiation.filter_edge                      ? 
_diffrn_radiation.inhomogeneity                    ? 
_diffrn_radiation.monochromator                    ? 
_diffrn_radiation.polarisn_norm                    ? 
_diffrn_radiation.polarisn_ratio                   ? 
_diffrn_radiation.probe                            ? 
_diffrn_radiation.type                             ? 
_diffrn_radiation.xray_symbol                      ? 
_diffrn_radiation.wavelength_id                    1 
_diffrn_radiation.pdbx_monochromatic_or_laue_m_l   M 
_diffrn_radiation.pdbx_wavelength_list             ? 
_diffrn_radiation.pdbx_wavelength                  ? 
_diffrn_radiation.pdbx_diffrn_protocol             'SINGLE WAVELENGTH' 
_diffrn_radiation.pdbx_analyzer                    ? 
_diffrn_radiation.pdbx_scattering_type             x-ray 
# 
_diffrn_radiation_wavelength.id           1 
_diffrn_radiation_wavelength.wavelength   0.97950 
_diffrn_radiation_wavelength.wt           1.0 
# 
_diffrn_source.current                     ? 
_diffrn_source.details                     ? 
_diffrn_source.diffrn_id                   1 
_diffrn_source.power                       ? 
_diffrn_source.size                        ? 
_diffrn_source.source                      SYNCHROTRON 
_diffrn_source.target                      ? 
_diffrn_source.type                        'PAL/PLS BEAMLINE 7A (6B, 6C1)' 
_diffrn_source.voltage                     ? 
_diffrn_source.take-off_angle              ? 
_diffrn_source.pdbx_wavelength_list        0.97950 
_diffrn_source.pdbx_wavelength             ? 
_diffrn_source.pdbx_synchrotron_beamline   '7A (6B, 6C1)' 
_diffrn_source.pdbx_synchrotron_site       PAL/PLS 
# 
_reflns.B_iso_Wilson_estimate            ? 
_reflns.entry_id                         5YQI 
_reflns.data_reduction_details           ? 
_reflns.data_reduction_method            ? 
_reflns.d_resolution_high                1.6 
_reflns.d_resolution_low                 50 
_reflns.details                          ? 
_reflns.limit_h_max                      ? 
_reflns.limit_h_min                      ? 
_reflns.limit_k_max                      ? 
_reflns.limit_k_min                      ? 
_reflns.limit_l_max                      ? 
_reflns.limit_l_min                      ? 
_reflns.number_all                       ? 
_reflns.number_obs                       22632 
_reflns.observed_criterion               ? 
_reflns.observed_criterion_F_max         ? 
_reflns.observed_criterion_F_min         ? 
_reflns.observed_criterion_I_max         ? 
_reflns.observed_criterion_I_min         ? 
_reflns.observed_criterion_sigma_F       ? 
_reflns.observed_criterion_sigma_I       ? 
_reflns.percent_possible_obs             98.6 
_reflns.R_free_details                   ? 
_reflns.Rmerge_F_all                     ? 
_reflns.Rmerge_F_obs                     ? 
_reflns.Friedel_coverage                 ? 
_reflns.number_gt                        ? 
_reflns.threshold_expression             ? 
_reflns.pdbx_redundancy                  5.7 
_reflns.pdbx_Rmerge_I_obs                0.06 
_reflns.pdbx_Rmerge_I_all                ? 
_reflns.pdbx_Rsym_value                  ? 
_reflns.pdbx_netI_over_av_sigmaI         ? 
_reflns.pdbx_netI_over_sigmaI            45.5 
_reflns.pdbx_res_netI_over_av_sigmaI_2   ? 
_reflns.pdbx_res_netI_over_sigmaI_2      ? 
_reflns.pdbx_chi_squared                 ? 
_reflns.pdbx_scaling_rejects             ? 
_reflns.pdbx_d_res_high_opt              ? 
_reflns.pdbx_d_res_low_opt               ? 
_reflns.pdbx_d_res_opt_method            ? 
_reflns.phase_calculation_details        ? 
_reflns.pdbx_Rrim_I_all                  ? 
_reflns.pdbx_Rpim_I_all                  ? 
_reflns.pdbx_d_opt                       ? 
_reflns.pdbx_number_measured_all         ? 
_reflns.pdbx_diffrn_id                   1 
_reflns.pdbx_ordinal                     1 
_reflns.pdbx_CC_half                     ? 
_reflns.pdbx_R_split                     ? 
# 
_reflns_shell.d_res_high                  1.60 
_reflns_shell.d_res_low                   1.63 
_reflns_shell.meanI_over_sigI_all         ? 
_reflns_shell.meanI_over_sigI_obs         5.3 
_reflns_shell.number_measured_all         ? 
_reflns_shell.number_measured_obs         ? 
_reflns_shell.number_possible             ? 
_reflns_shell.number_unique_all           ? 
_reflns_shell.number_unique_obs           1117 
_reflns_shell.percent_possible_all        100 
_reflns_shell.percent_possible_obs        ? 
_reflns_shell.Rmerge_F_all                ? 
_reflns_shell.Rmerge_F_obs                ? 
_reflns_shell.Rmerge_I_all                ? 
_reflns_shell.Rmerge_I_obs                0.427 
_reflns_shell.meanI_over_sigI_gt          ? 
_reflns_shell.meanI_over_uI_all           ? 
_reflns_shell.meanI_over_uI_gt            ? 
_reflns_shell.number_measured_gt          ? 
_reflns_shell.number_unique_gt            ? 
_reflns_shell.percent_possible_gt         ? 
_reflns_shell.Rmerge_F_gt                 ? 
_reflns_shell.Rmerge_I_gt                 ? 
_reflns_shell.pdbx_redundancy             5.8 
_reflns_shell.pdbx_Rsym_value             ? 
_reflns_shell.pdbx_chi_squared            ? 
_reflns_shell.pdbx_netI_over_sigmaI_all   ? 
_reflns_shell.pdbx_netI_over_sigmaI_obs   ? 
_reflns_shell.pdbx_Rrim_I_all             ? 
_reflns_shell.pdbx_Rpim_I_all             ? 
_reflns_shell.pdbx_rejects                ? 
_reflns_shell.pdbx_ordinal                1 
_reflns_shell.pdbx_diffrn_id              1 
_reflns_shell.pdbx_CC_half                ? 
_reflns_shell.pdbx_R_split                ? 
# 
_refine.aniso_B[1][1]                            ? 
_refine.aniso_B[1][2]                            ? 
_refine.aniso_B[1][3]                            ? 
_refine.aniso_B[2][2]                            ? 
_refine.aniso_B[2][3]                            ? 
_refine.aniso_B[3][3]                            ? 
_refine.B_iso_max                                ? 
_refine.B_iso_mean                               ? 
_refine.B_iso_min                                ? 
_refine.correlation_coeff_Fo_to_Fc               ? 
_refine.correlation_coeff_Fo_to_Fc_free          ? 
_refine.details                                  ? 
_refine.diff_density_max                         ? 
_refine.diff_density_max_esd                     ? 
_refine.diff_density_min                         ? 
_refine.diff_density_min_esd                     ? 
_refine.diff_density_rms                         ? 
_refine.diff_density_rms_esd                     ? 
_refine.entry_id                                 5YQI 
_refine.pdbx_refine_id                           'X-RAY DIFFRACTION' 
_refine.ls_abs_structure_details                 ? 
_refine.ls_abs_structure_Flack                   ? 
_refine.ls_abs_structure_Flack_esd               ? 
_refine.ls_abs_structure_Rogers                  ? 
_refine.ls_abs_structure_Rogers_esd              ? 
_refine.ls_d_res_high                            1.6 
_refine.ls_d_res_low                             23.973 
_refine.ls_extinction_coef                       ? 
_refine.ls_extinction_coef_esd                   ? 
_refine.ls_extinction_expression                 ? 
_refine.ls_extinction_method                     ? 
_refine.ls_goodness_of_fit_all                   ? 
_refine.ls_goodness_of_fit_all_esd               ? 
_refine.ls_goodness_of_fit_obs                   ? 
_refine.ls_goodness_of_fit_obs_esd               ? 
_refine.ls_hydrogen_treatment                    ? 
_refine.ls_matrix_type                           ? 
_refine.ls_number_constraints                    ? 
_refine.ls_number_parameters                     ? 
_refine.ls_number_reflns_all                     ? 
_refine.ls_number_reflns_obs                     22588 
_refine.ls_number_reflns_R_free                  1122 
_refine.ls_number_reflns_R_work                  ? 
_refine.ls_number_restraints                     ? 
_refine.ls_percent_reflns_obs                    98.49 
_refine.ls_percent_reflns_R_free                 4.97 
_refine.ls_R_factor_all                          ? 
_refine.ls_R_factor_obs                          0.2078 
_refine.ls_R_factor_R_free                       0.2463 
_refine.ls_R_factor_R_free_error                 ? 
_refine.ls_R_factor_R_free_error_details         ? 
_refine.ls_R_factor_R_work                       0.2060 
_refine.ls_R_Fsqd_factor_obs                     ? 
_refine.ls_R_I_factor_obs                        ? 
_refine.ls_redundancy_reflns_all                 ? 
_refine.ls_redundancy_reflns_obs                 ? 
_refine.ls_restrained_S_all                      ? 
_refine.ls_restrained_S_obs                      ? 
_refine.ls_shift_over_esd_max                    ? 
_refine.ls_shift_over_esd_mean                   ? 
_refine.ls_structure_factor_coef                 ? 
_refine.ls_weighting_details                     ? 
_refine.ls_weighting_scheme                      ? 
_refine.ls_wR_factor_all                         ? 
_refine.ls_wR_factor_obs                         ? 
_refine.ls_wR_factor_R_free                      ? 
_refine.ls_wR_factor_R_work                      ? 
_refine.occupancy_max                            ? 
_refine.occupancy_min                            ? 
_refine.solvent_model_details                    ? 
_refine.solvent_model_param_bsol                 ? 
_refine.solvent_model_param_ksol                 ? 
_refine.ls_R_factor_gt                           ? 
_refine.ls_goodness_of_fit_gt                    ? 
_refine.ls_goodness_of_fit_ref                   ? 
_refine.ls_shift_over_su_max                     ? 
_refine.ls_shift_over_su_max_lt                  ? 
_refine.ls_shift_over_su_mean                    ? 
_refine.ls_shift_over_su_mean_lt                 ? 
_refine.pdbx_ls_sigma_I                          ? 
_refine.pdbx_ls_sigma_F                          1.34 
_refine.pdbx_ls_sigma_Fsqd                       ? 
_refine.pdbx_data_cutoff_high_absF               ? 
_refine.pdbx_data_cutoff_high_rms_absF           ? 
_refine.pdbx_data_cutoff_low_absF                ? 
_refine.pdbx_isotropic_thermal_model             ? 
_refine.pdbx_ls_cross_valid_method               'FREE R-VALUE' 
_refine.pdbx_method_to_determine_struct          'MOLECULAR REPLACEMENT' 
_refine.pdbx_starting_model                      5YQJ 
_refine.pdbx_stereochemistry_target_values       ? 
_refine.pdbx_R_Free_selection_details            'Random selection' 
_refine.pdbx_stereochem_target_val_spec_case     ? 
_refine.pdbx_overall_ESU_R                       ? 
_refine.pdbx_overall_ESU_R_Free                  ? 
_refine.pdbx_solvent_vdw_probe_radii             1.11 
_refine.pdbx_solvent_ion_probe_radii             ? 
_refine.pdbx_solvent_shrinkage_radii             0.90 
_refine.pdbx_real_space_R                        ? 
_refine.pdbx_density_correlation                 ? 
_refine.pdbx_pd_number_of_powder_patterns        ? 
_refine.pdbx_pd_number_of_points                 ? 
_refine.pdbx_pd_meas_number_of_points            ? 
_refine.pdbx_pd_proc_ls_prof_R_factor            ? 
_refine.pdbx_pd_proc_ls_prof_wR_factor           ? 
_refine.pdbx_pd_Marquardt_correlation_coeff      ? 
_refine.pdbx_pd_Fsqrd_R_factor                   ? 
_refine.pdbx_pd_ls_matrix_band_width             ? 
_refine.pdbx_overall_phase_error                 22.23 
_refine.pdbx_overall_SU_R_free_Cruickshank_DPI   ? 
_refine.pdbx_overall_SU_R_free_Blow_DPI          ? 
_refine.pdbx_overall_SU_R_Blow_DPI               ? 
_refine.pdbx_TLS_residual_ADP_flag               ? 
_refine.pdbx_diffrn_id                           1 
_refine.overall_SU_B                             ? 
_refine.overall_SU_ML                            0.15 
_refine.overall_SU_R_Cruickshank_DPI             ? 
_refine.overall_SU_R_free                        ? 
_refine.overall_FOM_free_R_set                   ? 
_refine.overall_FOM_work_R_set                   ? 
_refine.pdbx_average_fsc_overall                 ? 
_refine.pdbx_average_fsc_work                    ? 
_refine.pdbx_average_fsc_free                    ? 
# 
_refine_hist.pdbx_refine_id                   'X-RAY DIFFRACTION' 
_refine_hist.cycle_id                         LAST 
_refine_hist.pdbx_number_atoms_protein        1328 
_refine_hist.pdbx_number_atoms_nucleic_acid   0 
_refine_hist.pdbx_number_atoms_ligand         0 
_refine_hist.number_atoms_solvent             119 
_refine_hist.number_atoms_total               1447 
_refine_hist.d_res_high                       1.6 
_refine_hist.d_res_low                        23.973 
# 
loop_
_refine_ls_restr.pdbx_refine_id 
_refine_ls_restr.criterion 
_refine_ls_restr.dev_ideal 
_refine_ls_restr.dev_ideal_target 
_refine_ls_restr.number 
_refine_ls_restr.rejects 
_refine_ls_restr.type 
_refine_ls_restr.weight 
_refine_ls_restr.pdbx_restraint_function 
'X-RAY DIFFRACTION' ? 0.006  ? 1355 ? f_bond_d           ? ? 
'X-RAY DIFFRACTION' ? 0.746  ? 1836 ? f_angle_d          ? ? 
'X-RAY DIFFRACTION' ? 14.208 ? 820  ? f_dihedral_angle_d ? ? 
'X-RAY DIFFRACTION' ? 0.053  ? 214  ? f_chiral_restr     ? ? 
'X-RAY DIFFRACTION' ? 0.005  ? 226  ? f_plane_restr      ? ? 
# 
loop_
_refine_ls_shell.pdbx_refine_id 
_refine_ls_shell.d_res_high 
_refine_ls_shell.d_res_low 
_refine_ls_shell.number_reflns_all 
_refine_ls_shell.number_reflns_obs 
_refine_ls_shell.number_reflns_R_free 
_refine_ls_shell.number_reflns_R_work 
_refine_ls_shell.percent_reflns_obs 
_refine_ls_shell.percent_reflns_R_free 
_refine_ls_shell.R_factor_all 
_refine_ls_shell.R_factor_obs 
_refine_ls_shell.R_factor_R_free 
_refine_ls_shell.R_factor_R_free_error 
_refine_ls_shell.R_factor_R_work 
_refine_ls_shell.redundancy_reflns_all 
_refine_ls_shell.redundancy_reflns_obs 
_refine_ls_shell.wR_factor_all 
_refine_ls_shell.wR_factor_obs 
_refine_ls_shell.wR_factor_R_free 
_refine_ls_shell.wR_factor_R_work 
_refine_ls_shell.pdbx_total_number_of_bins_used 
_refine_ls_shell.pdbx_phase_error 
_refine_ls_shell.pdbx_fsc_work 
_refine_ls_shell.pdbx_fsc_free 
'X-RAY DIFFRACTION' 1.5990 1.6718  . . 130 2623 98.00  . . . 0.2455 . 0.2228 . . . . . . . . . . 
'X-RAY DIFFRACTION' 1.6718 1.7599  . . 168 2657 100.00 . . . 0.2508 . 0.2142 . . . . . . . . . . 
'X-RAY DIFFRACTION' 1.7599 1.8701  . . 139 2681 100.00 . . . 0.2395 . 0.2192 . . . . . . . . . . 
'X-RAY DIFFRACTION' 1.8701 2.0145  . . 157 2667 100.00 . . . 0.2467 . 0.2047 . . . . . . . . . . 
'X-RAY DIFFRACTION' 2.0145 2.2171  . . 150 2706 100.00 . . . 0.2294 . 0.2000 . . . . . . . . . . 
'X-RAY DIFFRACTION' 2.2171 2.5376  . . 137 2718 100.00 . . . 0.2813 . 0.2121 . . . . . . . . . . 
'X-RAY DIFFRACTION' 2.5376 3.1959  . . 128 2763 100.00 . . . 0.2363 . 0.2087 . . . . . . . . . . 
'X-RAY DIFFRACTION' 3.1959 23.9754 . . 113 2651 91.00  . . . 0.2426 . 0.1997 . . . . . . . . . . 
# 
_struct.entry_id                     5YQI 
_struct.title                        'Crystal structure of the first StARkin domain of Lam2' 
_struct.pdbx_model_details           ? 
_struct.pdbx_formula_weight          ? 
_struct.pdbx_formula_weight_method   ? 
_struct.pdbx_model_type_details      ? 
_struct.pdbx_CASP_flag               N 
# 
_struct_keywords.entry_id        5YQI 
_struct_keywords.text            'ligand binding domain, sterol, lipid transport, TRANSPORT PROTEIN' 
_struct_keywords.pdbx_keywords   'TRANSPORT PROTEIN' 
# 
loop_
_struct_asym.id 
_struct_asym.pdbx_blank_PDB_chainid_flag 
_struct_asym.pdbx_modified 
_struct_asym.entity_id 
_struct_asym.details 
A N N 1 ? 
B N N 2 ? 
# 
loop_
_struct_conf.conf_type_id 
_struct_conf.id 
_struct_conf.pdbx_PDB_helix_id 
_struct_conf.beg_label_comp_id 
_struct_conf.beg_label_asym_id 
_struct_conf.beg_label_seq_id 
_struct_conf.pdbx_beg_PDB_ins_code 
_struct_conf.end_label_comp_id 
_struct_conf.end_label_asym_id 
_struct_conf.end_label_seq_id 
_struct_conf.pdbx_end_PDB_ins_code 
_struct_conf.beg_auth_comp_id 
_struct_conf.beg_auth_asym_id 
_struct_conf.beg_auth_seq_id 
_struct_conf.end_auth_comp_id 
_struct_conf.end_auth_asym_id 
_struct_conf.end_auth_seq_id 
_struct_conf.pdbx_PDB_helix_class 
_struct_conf.details 
_struct_conf.pdbx_PDB_helix_length 
HELX_P HELX_P1 AA1 ASP A 5   ? ASP A 7   ? ASP A 850 ASP A 852  5 ? 3  
HELX_P HELX_P2 AA2 PRO A 18  ? GLY A 28  ? PRO A 863 GLY A 873  1 ? 11 
HELX_P HELX_P3 AA3 VAL A 31  ? GLN A 41  ? VAL A 876 GLN A 886  1 ? 11 
HELX_P HELX_P4 AA4 ASN A 52  ? LYS A 57  ? ASN A 897 LYS A 902  1 ? 6  
HELX_P HELX_P5 AA5 ILE A 142 ? LEU A 169 ? ILE A 987 LEU A 1014 1 ? 28 
# 
_struct_conf_type.id          HELX_P 
_struct_conf_type.criteria    ? 
_struct_conf_type.reference   ? 
# 
_struct_sheet.id               AA1 
_struct_sheet.type             ? 
_struct_sheet.number_strands   6 
_struct_sheet.details          ? 
# 
loop_
_struct_sheet_order.sheet_id 
_struct_sheet_order.range_id_1 
_struct_sheet_order.range_id_2 
_struct_sheet_order.offset 
_struct_sheet_order.sense 
AA1 1 2 ? anti-parallel 
AA1 2 3 ? anti-parallel 
AA1 3 4 ? anti-parallel 
AA1 4 5 ? anti-parallel 
AA1 5 6 ? anti-parallel 
# 
loop_
_struct_sheet_range.sheet_id 
_struct_sheet_range.id 
_struct_sheet_range.beg_label_comp_id 
_struct_sheet_range.beg_label_asym_id 
_struct_sheet_range.beg_label_seq_id 
_struct_sheet_range.pdbx_beg_PDB_ins_code 
_struct_sheet_range.end_label_comp_id 
_struct_sheet_range.end_label_asym_id 
_struct_sheet_range.end_label_seq_id 
_struct_sheet_range.pdbx_end_PDB_ins_code 
_struct_sheet_range.beg_auth_comp_id 
_struct_sheet_range.beg_auth_asym_id 
_struct_sheet_range.beg_auth_seq_id 
_struct_sheet_range.end_auth_comp_id 
_struct_sheet_range.end_auth_asym_id 
_struct_sheet_range.end_auth_seq_id 
AA1 1 LEU A 9   ? ILE A 15  ? LEU A 854 ILE A 860 
AA1 2 SER A 125 ? TRP A 136 ? SER A 970 TRP A 981 
AA1 3 PHE A 110 ? ASP A 121 ? PHE A 955 ASP A 966 
AA1 4 TYR A 92  ? LYS A 100 ? TYR A 937 LYS A 945 
AA1 5 LYS A 75  ? ASP A 88  ? LYS A 920 ASP A 933 
AA1 6 ILE A 58  ? PRO A 66  ? ILE A 903 PRO A 911 
# 
loop_
_pdbx_struct_sheet_hbond.sheet_id 
_pdbx_struct_sheet_hbond.range_id_1 
_pdbx_struct_sheet_hbond.range_id_2 
_pdbx_struct_sheet_hbond.range_1_label_atom_id 
_pdbx_struct_sheet_hbond.range_1_label_comp_id 
_pdbx_struct_sheet_hbond.range_1_label_asym_id 
_pdbx_struct_sheet_hbond.range_1_label_seq_id 
_pdbx_struct_sheet_hbond.range_1_PDB_ins_code 
_pdbx_struct_sheet_hbond.range_1_auth_atom_id 
_pdbx_struct_sheet_hbond.range_1_auth_comp_id 
_pdbx_struct_sheet_hbond.range_1_auth_asym_id 
_pdbx_struct_sheet_hbond.range_1_auth_seq_id 
_pdbx_struct_sheet_hbond.range_2_label_atom_id 
_pdbx_struct_sheet_hbond.range_2_label_comp_id 
_pdbx_struct_sheet_hbond.range_2_label_asym_id 
_pdbx_struct_sheet_hbond.range_2_label_seq_id 
_pdbx_struct_sheet_hbond.range_2_PDB_ins_code 
_pdbx_struct_sheet_hbond.range_2_auth_atom_id 
_pdbx_struct_sheet_hbond.range_2_auth_comp_id 
_pdbx_struct_sheet_hbond.range_2_auth_asym_id 
_pdbx_struct_sheet_hbond.range_2_auth_seq_id 
AA1 1 2 N ALA A 13  ? N ALA A 858 O LEU A 128 ? O LEU A 973 
AA1 2 3 O THR A 129 ? O THR A 974 N LEU A 117 ? N LEU A 962 
AA1 3 4 O THR A 114 ? O THR A 959 N SER A 97  ? N SER A 942 
AA1 4 5 O ILE A 98  ? O ILE A 943 N THR A 81  ? N THR A 926 
AA1 5 6 O CYS A 78  ? O CYS A 923 N TYR A 63  ? N TYR A 908 
# 
_atom_sites.entry_id                    5YQI 
_atom_sites.fract_transf_matrix[1][1]   -0.00783458 
_atom_sites.fract_transf_matrix[1][2]   -0.02059407 
_atom_sites.fract_transf_matrix[1][3]   0.02022799 
_atom_sites.fract_transf_matrix[2][1]   0.01299576 
_atom_sites.fract_transf_matrix[2][2]   0.00452872 
_atom_sites.fract_transf_matrix[2][3]   0.00964412 
_atom_sites.fract_transf_matrix[3][1]   -0.00684994 
_atom_sites.fract_transf_matrix[3][2]   0.00798800 
_atom_sites.fract_transf_matrix[3][3]   0.00547948 
_atom_sites.fract_transf_vector[1]      0.372693 
_atom_sites.fract_transf_vector[2]      -0.003017 
_atom_sites.fract_transf_vector[3]      -0.074425 
# 
loop_
_atom_type.symbol 
C 
N 
O 
S 
# 
loop_
_atom_site.group_PDB 
_atom_site.id 
_atom_site.type_symbol 
_atom_site.label_atom_id 
_atom_site.label_alt_id 
_atom_site.label_comp_id 
_atom_site.label_asym_id 
_atom_site.label_entity_id 
_atom_site.label_seq_id 
_atom_site.pdbx_PDB_ins_code 
_atom_site.Cartn_x 
_atom_site.Cartn_y 
_atom_site.Cartn_z 
_atom_site.occupancy 
_atom_site.B_iso_or_equiv 
_atom_site.pdbx_formal_charge 
_atom_site.auth_seq_id 
_atom_site.auth_comp_id 
_atom_site.auth_asym_id 
_atom_site.auth_atom_id 
_atom_site.pdbx_PDB_model_num 
ATOM   1    N N   . ALA A 1 3   ? -7.298  -4.566  -13.082 1.00 42.49 ? 848  ALA A N   1 
ATOM   2    C CA  . ALA A 1 3   ? -6.447  -4.420  -11.908 1.00 44.87 ? 848  ALA A CA  1 
ATOM   3    C C   . ALA A 1 3   ? -7.119  -4.958  -10.649 1.00 39.83 ? 848  ALA A C   1 
ATOM   4    O O   . ALA A 1 3   ? -6.484  -5.606  -9.812  1.00 36.97 ? 848  ALA A O   1 
ATOM   5    C CB  . ALA A 1 3   ? -6.083  -2.978  -11.716 1.00 38.72 ? 848  ALA A CB  1 
ATOM   6    N N   . MET A 1 4   ? -8.411  -4.685  -10.520 1.00 33.57 ? 849  MET A N   1 
ATOM   7    C CA  . MET A 1 4   ? -9.174  -5.087  -9.340  1.00 28.09 ? 849  MET A CA  1 
ATOM   8    C C   . MET A 1 4   ? -9.979  -6.350  -9.633  1.00 29.23 ? 849  MET A C   1 
ATOM   9    O O   . MET A 1 4   ? -11.197 -6.351  -9.624  1.00 28.46 ? 849  MET A O   1 
ATOM   10   C CB  . MET A 1 4   ? -10.091 -3.956  -8.896  1.00 30.57 ? 849  MET A CB  1 
ATOM   11   C CG  . MET A 1 4   ? -9.403  -2.640  -8.573  1.00 31.50 ? 849  MET A CG  1 
ATOM   12   S SD  . MET A 1 4   ? -10.594 -1.467  -7.903  1.00 34.70 ? 849  MET A SD  1 
ATOM   13   C CE  . MET A 1 4   ? -11.441 -0.911  -9.385  1.00 32.90 ? 849  MET A CE  1 
ATOM   14   N N   . ASP A 1 5   ? -9.277  -7.440  -9.907  1.00 30.07 ? 850  ASP A N   1 
ATOM   15   C CA  . ASP A 1 5   ? -9.943  -8.698  -10.208 1.00 32.11 ? 850  ASP A CA  1 
ATOM   16   C C   . ASP A 1 5   ? -9.335  -9.801  -9.351  1.00 32.05 ? 850  ASP A C   1 
ATOM   17   O O   . ASP A 1 5   ? -8.354  -9.594  -8.632  1.00 27.35 ? 850  ASP A O   1 
ATOM   18   C CB  . ASP A 1 5   ? -9.886  -9.033  -11.709 1.00 33.15 ? 850  ASP A CB  1 
ATOM   19   C CG  . ASP A 1 5   ? -8.533  -9.570  -12.162 1.00 36.44 ? 850  ASP A CG  1 
ATOM   20   O OD1 . ASP A 1 5   ? -7.500  -9.301  -11.515 1.00 35.77 ? 850  ASP A OD1 1 
ATOM   21   O OD2 . ASP A 1 5   ? -8.509  -10.278 -13.193 1.00 42.30 ? 850  ASP A OD2 1 
ATOM   22   N N   . ASN A 1 6   ? -9.937  -10.987 -9.424  1.00 30.62 ? 851  ASN A N   1 
ATOM   23   C CA  . ASN A 1 6   ? -9.505  -12.072 -8.555  1.00 28.26 ? 851  ASN A CA  1 
ATOM   24   C C   . ASN A 1 6   ? -8.067  -12.491 -8.841  1.00 28.36 ? 851  ASN A C   1 
ATOM   25   O O   . ASN A 1 6   ? -7.357  -12.920 -7.924  1.00 28.91 ? 851  ASN A O   1 
ATOM   26   C CB  . ASN A 1 6   ? -10.466 -13.254 -8.692  1.00 32.28 ? 851  ASN A CB  1 
ATOM   27   C CG  . ASN A 1 6   ? -10.316 -14.252 -7.570  1.00 40.22 ? 851  ASN A CG  1 
ATOM   28   O OD1 . ASN A 1 6   ? -10.718 -13.990 -6.435  1.00 39.22 ? 851  ASN A OD1 1 
ATOM   29   N ND2 . ASN A 1 6   ? -9.737  -15.406 -7.879  1.00 44.51 ? 851  ASN A ND2 1 
ATOM   30   N N   . ASP A 1 7   ? -7.616  -12.360 -10.094 1.00 28.59 ? 852  ASP A N   1 
ATOM   31   C CA  . ASP A 1 7   ? -6.233  -12.684 -10.433 1.00 32.79 ? 852  ASP A CA  1 
ATOM   32   C C   . ASP A 1 7   ? -5.243  -11.829 -9.657  1.00 27.34 ? 852  ASP A C   1 
ATOM   33   O O   . ASP A 1 7   ? -4.103  -12.248 -9.430  1.00 29.63 ? 852  ASP A O   1 
ATOM   34   C CB  . ASP A 1 7   ? -5.993  -12.497 -11.933 1.00 34.99 ? 852  ASP A CB  1 
ATOM   35   C CG  . ASP A 1 7   ? -6.621  -13.592 -12.772 1.00 43.52 ? 852  ASP A CG  1 
ATOM   36   O OD1 . ASP A 1 7   ? -6.688  -14.748 -12.301 1.00 42.46 ? 852  ASP A OD1 1 
ATOM   37   O OD2 . ASP A 1 7   ? -7.034  -13.292 -13.914 1.00 47.57 ? 852  ASP A OD2 1 
ATOM   38   N N   . HIS A 1 8   ? -5.653  -10.631 -9.244  1.00 26.49 ? 853  HIS A N   1 
ATOM   39   C CA  . HIS A 1 8   ? -4.738  -9.688  -8.614  1.00 25.44 ? 853  HIS A CA  1 
ATOM   40   C C   . HIS A 1 8   ? -5.117  -9.401  -7.169  1.00 25.15 ? 853  HIS A C   1 
ATOM   41   O O   . HIS A 1 8   ? -4.592  -8.459  -6.569  1.00 22.40 ? 853  HIS A O   1 
ATOM   42   C CB  . HIS A 1 8   ? -4.672  -8.400  -9.436  1.00 25.76 ? 853  HIS A CB  1 
ATOM   43   C CG  . HIS A 1 8   ? -4.123  -8.604  -10.815 1.00 30.18 ? 853  HIS A CG  1 
ATOM   44   N ND1 . HIS A 1 8   ? -4.924  -8.872  -11.905 1.00 31.89 ? 853  HIS A ND1 1 
ATOM   45   C CD2 . HIS A 1 8   ? -2.849  -8.600  -11.275 1.00 32.76 ? 853  HIS A CD2 1 
ATOM   46   C CE1 . HIS A 1 8   ? -4.168  -9.011  -12.980 1.00 37.30 ? 853  HIS A CE1 1 
ATOM   47   N NE2 . HIS A 1 8   ? -2.904  -8.855  -12.625 1.00 38.03 ? 853  HIS A NE2 1 
ATOM   48   N N   . LEU A 1 9   ? -5.985  -10.224 -6.590  1.00 23.75 ? 854  LEU A N   1 
ATOM   49   C CA  . LEU A 1 9   ? -6.414  -10.042 -5.209  1.00 22.60 ? 854  LEU A CA  1 
ATOM   50   C C   . LEU A 1 9   ? -5.326  -10.521 -4.256  1.00 24.21 ? 854  LEU A C   1 
ATOM   51   O O   . LEU A 1 9   ? -4.941  -11.695 -4.268  1.00 23.55 ? 854  LEU A O   1 
ATOM   52   C CB  . LEU A 1 9   ? -7.717  -10.794 -4.960  1.00 23.82 ? 854  LEU A CB  1 
ATOM   53   C CG  . LEU A 1 9   ? -8.270  -10.713 -3.536  1.00 25.49 ? 854  LEU A CG  1 
ATOM   54   C CD1 . LEU A 1 9   ? -8.626  -9.281  -3.156  1.00 24.52 ? 854  LEU A CD1 1 
ATOM   55   C CD2 . LEU A 1 9   ? -9.488  -11.632 -3.383  1.00 29.14 ? 854  LEU A CD2 1 
ATOM   56   N N   . VAL A 1 10  ? -4.831  -9.607  -3.429  1.00 22.34 ? 855  VAL A N   1 
ATOM   57   C CA  . VAL A 1 10  ? -3.846  -9.962  -2.418  1.00 20.76 ? 855  VAL A CA  1 
ATOM   58   C C   . VAL A 1 10  ? -4.527  -10.534 -1.183  1.00 25.22 ? 855  VAL A C   1 
ATOM   59   O O   . VAL A 1 10  ? -4.168  -11.616 -0.705  1.00 24.57 ? 855  VAL A O   1 
ATOM   60   C CB  . VAL A 1 10  ? -2.983  -8.736  -2.073  1.00 21.53 ? 855  VAL A CB  1 
ATOM   61   C CG1 . VAL A 1 10  ? -2.024  -9.077  -0.943  1.00 21.74 ? 855  VAL A CG1 1 
ATOM   62   C CG2 . VAL A 1 10  ? -2.210  -8.284  -3.323  1.00 22.51 ? 855  VAL A CG2 1 
ATOM   63   N N   . ILE A 1 11  ? -5.528  -9.826  -0.657  1.00 23.24 ? 856  ILE A N   1 
ATOM   64   C CA  . ILE A 1 11  ? -6.175  -10.248 0.579   1.00 22.41 ? 856  ILE A CA  1 
ATOM   65   C C   . ILE A 1 11  ? -7.498  -9.519  0.744   1.00 23.17 ? 856  ILE A C   1 
ATOM   66   O O   . ILE A 1 11  ? -7.680  -8.408  0.231   1.00 23.84 ? 856  ILE A O   1 
ATOM   67   C CB  . ILE A 1 11  ? -5.261  -10.008 1.795   1.00 27.01 ? 856  ILE A CB  1 
ATOM   68   C CG1 . ILE A 1 11  ? -5.637  -10.938 2.947   1.00 28.35 ? 856  ILE A CG1 1 
ATOM   69   C CG2 . ILE A 1 11  ? -5.335  -8.553  2.252   1.00 25.64 ? 856  ILE A CG2 1 
ATOM   70   C CD1 . ILE A 1 11  ? -4.713  -10.819 4.131   1.00 30.02 ? 856  ILE A CD1 1 
ATOM   71   N N   . GLU A 1 12  ? -8.440  -10.171 1.418   1.00 25.19 ? 857  GLU A N   1 
ATOM   72   C CA  . GLU A 1 12  ? -9.629  -9.541  1.978   1.00 23.88 ? 857  GLU A CA  1 
ATOM   73   C C   . GLU A 1 12  ? -9.567  -9.825  3.467   1.00 26.45 ? 857  GLU A C   1 
ATOM   74   O O   . GLU A 1 12  ? -9.456  -10.990 3.866   1.00 26.38 ? 857  GLU A O   1 
ATOM   75   C CB  . GLU A 1 12  ? -10.920 -10.111 1.381   1.00 25.24 ? 857  GLU A CB  1 
ATOM   76   C CG  . GLU A 1 12  ? -11.103 -9.859  -0.095  1.00 28.11 ? 857  GLU A CG  1 
ATOM   77   C CD  . GLU A 1 12  ? -12.269 -10.649 -0.671  1.00 34.82 ? 857  GLU A CD  1 
ATOM   78   O OE1 . GLU A 1 12  ? -13.287 -10.033 -1.048  1.00 40.55 ? 857  GLU A OE1 1 
ATOM   79   O OE2 . GLU A 1 12  ? -12.163 -11.890 -0.736  1.00 40.89 ? 857  GLU A OE2 1 
ATOM   80   N N   . ALA A 1 13  ? -9.608  -8.774  4.283   1.00 23.11 ? 858  ALA A N   1 
ATOM   81   C CA  . ALA A 1 13  ? -9.413  -8.925  5.714   1.00 23.00 ? 858  ALA A CA  1 
ATOM   82   C C   . ALA A 1 13  ? -10.360 -8.002  6.461   1.00 24.28 ? 858  ALA A C   1 
ATOM   83   O O   . ALA A 1 13  ? -10.749 -6.943  5.962   1.00 24.28 ? 858  ALA A O   1 
ATOM   84   C CB  . ALA A 1 13  ? -7.964  -8.624  6.120   1.00 26.22 ? 858  ALA A CB  1 
ATOM   85   N N   . ASN A 1 14  ? -10.721 -8.412  7.670   1.00 24.53 ? 859  ASN A N   1 
ATOM   86   C CA  . ASN A 1 14  ? -11.567 -7.617  8.540   1.00 26.15 ? 859  ASN A CA  1 
ATOM   87   C C   . ASN A 1 14  ? -10.717 -6.888  9.571   1.00 26.02 ? 859  ASN A C   1 
ATOM   88   O O   . ASN A 1 14  ? -9.755  -7.449  10.106  1.00 27.26 ? 859  ASN A O   1 
ATOM   89   C CB  . ASN A 1 14  ? -12.593 -8.488  9.253   1.00 25.91 ? 859  ASN A CB  1 
ATOM   90   C CG  . ASN A 1 14  ? -13.476 -7.685  10.167  1.00 27.67 ? 859  ASN A CG  1 
ATOM   91   O OD1 . ASN A 1 14  ? -13.154 -7.478  11.340  1.00 31.42 ? 859  ASN A OD1 1 
ATOM   92   N ND2 . ASN A 1 14  ? -14.582 -7.195  9.631   1.00 27.00 ? 859  ASN A ND2 1 
ATOM   93   N N   . ILE A 1 15  ? -11.086 -5.644  9.863   1.00 24.29 ? 860  ILE A N   1 
ATOM   94   C CA  . ILE A 1 15  ? -10.449 -4.867  10.922  1.00 25.81 ? 860  ILE A CA  1 
ATOM   95   C C   . ILE A 1 15  ? -11.540 -4.408  11.878  1.00 28.50 ? 860  ILE A C   1 
ATOM   96   O O   . ILE A 1 15  ? -12.565 -3.873  11.439  1.00 24.06 ? 860  ILE A O   1 
ATOM   97   C CB  . ILE A 1 15  ? -9.660  -3.673  10.358  1.00 24.22 ? 860  ILE A CB  1 
ATOM   98   C CG1 . ILE A 1 15  ? -8.568  -4.173  9.395   1.00 26.80 ? 860  ILE A CG1 1 
ATOM   99   C CG2 . ILE A 1 15  ? -9.070  -2.844  11.500  1.00 26.09 ? 860  ILE A CG2 1 
ATOM   100  C CD1 . ILE A 1 15  ? -7.991  -3.122  8.452   1.00 28.42 ? 860  ILE A CD1 1 
ATOM   101  N N   . ASN A 1 16  ? -11.328 -4.630  13.178  1.00 27.36 ? 861  ASN A N   1 
ATOM   102  C CA  . ASN A 1 16  ? -12.373 -4.426  14.187  1.00 29.41 ? 861  ASN A CA  1 
ATOM   103  C C   . ASN A 1 16  ? -12.463 -2.958  14.612  1.00 28.67 ? 861  ASN A C   1 
ATOM   104  O O   . ASN A 1 16  ? -12.312 -2.604  15.784  1.00 29.25 ? 861  ASN A O   1 
ATOM   105  C CB  . ASN A 1 16  ? -12.125 -5.316  15.399  1.00 31.19 ? 861  ASN A CB  1 
ATOM   106  C CG  . ASN A 1 16  ? -12.632 -6.732  15.206  1.00 37.77 ? 861  ASN A CG  1 
ATOM   107  O OD1 . ASN A 1 16  ? -13.804 -7.024  15.462  1.00 40.58 ? 861  ASN A OD1 1 
ATOM   108  N ND2 . ASN A 1 16  ? -11.749 -7.624  14.764  1.00 37.30 ? 861  ASN A ND2 1 
ATOM   109  N N   . ALA A 1 17  ? -12.734 -2.098  13.633  1.00 22.32 ? 862  ALA A N   1 
ATOM   110  C CA  . ALA A 1 17  ? -12.901 -0.669  13.866  1.00 22.79 ? 862  ALA A CA  1 
ATOM   111  C C   . ALA A 1 17  ? -13.768 -0.099  12.765  1.00 22.86 ? 862  ALA A C   1 
ATOM   112  O O   . ALA A 1 17  ? -13.831 -0.674  11.668  1.00 22.52 ? 862  ALA A O   1 
ATOM   113  C CB  . ALA A 1 17  ? -11.547 0.057   13.910  1.00 22.71 ? 862  ALA A CB  1 
ATOM   114  N N   . PRO A 1 18  ? -14.456 1.015   13.005  1.00 21.41 ? 863  PRO A N   1 
ATOM   115  C CA  . PRO A 1 18  ? -15.300 1.609   11.965  1.00 21.07 ? 863  PRO A CA  1 
ATOM   116  C C   . PRO A 1 18  ? -14.490 2.164   10.798  1.00 21.70 ? 863  PRO A C   1 
ATOM   117  O O   . PRO A 1 18  ? -13.303 2.482   10.920  1.00 21.22 ? 863  PRO A O   1 
ATOM   118  C CB  . PRO A 1 18  ? -16.060 2.725   12.697  1.00 26.07 ? 863  PRO A CB  1 
ATOM   119  C CG  . PRO A 1 18  ? -15.355 2.920   13.992  1.00 24.99 ? 863  PRO A CG  1 
ATOM   120  C CD  . PRO A 1 18  ? -14.648 1.652   14.325  1.00 24.22 ? 863  PRO A CD  1 
ATOM   121  N N   . LEU A 1 19  ? -15.177 2.282   9.656   1.00 21.70 ? 864  LEU A N   1 
ATOM   122  C CA  . LEU A 1 19  ? -14.535 2.645   8.392   1.00 21.15 ? 864  LEU A CA  1 
ATOM   123  C C   . LEU A 1 19  ? -13.732 3.937   8.509   1.00 22.86 ? 864  LEU A C   1 
ATOM   124  O O   . LEU A 1 19  ? -12.570 3.998   8.090   1.00 20.27 ? 864  LEU A O   1 
ATOM   125  C CB  . LEU A 1 19  ? -15.606 2.770   7.304   1.00 21.28 ? 864  LEU A CB  1 
ATOM   126  C CG  . LEU A 1 19  ? -15.150 3.196   5.911   1.00 21.64 ? 864  LEU A CG  1 
ATOM   127  C CD1 . LEU A 1 19  ? -14.117 2.218   5.407   1.00 20.33 ? 864  LEU A CD1 1 
ATOM   128  C CD2 . LEU A 1 19  ? -16.331 3.276   4.938   1.00 20.75 ? 864  LEU A CD2 1 
ATOM   129  N N   . GLY A 1 20  ? -14.333 4.985   9.082   1.00 21.71 ? 865  GLY A N   1 
ATOM   130  C CA  . GLY A 1 20  ? -13.648 6.266   9.130   1.00 22.27 ? 865  GLY A CA  1 
ATOM   131  C C   . GLY A 1 20  ? -12.422 6.237   10.020  1.00 20.19 ? 865  GLY A C   1 
ATOM   132  O O   . GLY A 1 20  ? -11.418 6.898   9.737   1.00 22.30 ? 865  GLY A O   1 
ATOM   133  N N   . LYS A 1 21  ? -12.485 5.470   11.107  1.00 22.56 ? 866  LYS A N   1 
ATOM   134  C CA  . LYS A 1 21  ? -11.336 5.378   12.006  1.00 21.96 ? 866  LYS A CA  1 
ATOM   135  C C   . LYS A 1 21  ? -10.167 4.666   11.339  1.00 22.71 ? 866  LYS A C   1 
ATOM   136  O O   . LYS A 1 21  ? -9.021  5.124   11.434  1.00 20.67 ? 866  LYS A O   1 
ATOM   137  C CB  . LYS A 1 21  ? -11.726 4.660   13.294  1.00 23.62 ? 866  LYS A CB  1 
ATOM   138  C CG  . LYS A 1 21  ? -10.595 4.535   14.283  1.00 24.50 ? 866  LYS A CG  1 
ATOM   139  C CD  . LYS A 1 21  ? -11.075 3.995   15.621  1.00 27.68 ? 866  LYS A CD  1 
ATOM   140  C CE  . LYS A 1 21  ? -9.996  4.142   16.679  1.00 33.81 ? 866  LYS A CE  1 
ATOM   141  N NZ  . LYS A 1 21  ? -10.513 3.820   18.034  1.00 40.22 ? 866  LYS A NZ  1 
ATOM   142  N N   . VAL A 1 22  ? -10.436 3.553   10.645  1.00 19.17 ? 867  VAL A N   1 
ATOM   143  C CA  . VAL A 1 22  ? -9.362  2.824   9.967   1.00 17.55 ? 867  VAL A CA  1 
ATOM   144  C C   . VAL A 1 22  ? -8.725  3.695   8.888   1.00 19.72 ? 867  VAL A C   1 
ATOM   145  O O   . VAL A 1 22  ? -7.495  3.816   8.807   1.00 19.45 ? 867  VAL A O   1 
ATOM   146  C CB  . VAL A 1 22  ? -9.888  1.506   9.370   1.00 20.14 ? 867  VAL A CB  1 
ATOM   147  C CG1 . VAL A 1 22  ? -8.764  0.823   8.582   1.00 19.24 ? 867  VAL A CG1 1 
ATOM   148  C CG2 . VAL A 1 22  ? -10.409 0.583   10.455  1.00 20.33 ? 867  VAL A CG2 1 
ATOM   149  N N   . VAL A 1 23  ? -9.552  4.311   8.040   1.00 18.78 ? 868  VAL A N   1 
ATOM   150  C CA  . VAL A 1 23  ? -9.022  5.110   6.939   1.00 18.68 ? 868  VAL A CA  1 
ATOM   151  C C   . VAL A 1 23  ? -8.247  6.314   7.471   1.00 18.38 ? 868  VAL A C   1 
ATOM   152  O O   . VAL A 1 23  ? -7.138  6.602   7.006   1.00 18.90 ? 868  VAL A O   1 
ATOM   153  C CB  . VAL A 1 23  ? -10.154 5.520   5.977   1.00 19.86 ? 868  VAL A CB  1 
ATOM   154  C CG1 . VAL A 1 23  ? -9.675  6.594   5.000   1.00 22.05 ? 868  VAL A CG1 1 
ATOM   155  C CG2 . VAL A 1 23  ? -10.635 4.288   5.204   1.00 22.34 ? 868  VAL A CG2 1 
ATOM   156  N N   . ASN A 1 24  ? -8.796  7.017   8.477   1.00 17.20 ? 869  ASN A N   1 
ATOM   157  C CA  . ASN A 1 24  ? -8.116  8.206   8.979   1.00 16.84 ? 869  ASN A CA  1 
ATOM   158  C C   . ASN A 1 24  ? -6.893  7.851   9.818   1.00 16.88 ? 869  ASN A C   1 
ATOM   159  O O   . ASN A 1 24  ? -5.957  8.652   9.903   1.00 18.58 ? 869  ASN A O   1 
ATOM   160  C CB  . ASN A 1 24  ? -9.105  9.082   9.754   1.00 20.54 ? 869  ASN A CB  1 
ATOM   161  C CG  . ASN A 1 24  ? -10.160 9.702   8.840   1.00 20.80 ? 869  ASN A CG  1 
ATOM   162  O OD1 . ASN A 1 24  ? -10.138 9.503   7.621   1.00 22.61 ? 869  ASN A OD1 1 
ATOM   163  N ND2 . ASN A 1 24  ? -11.093 10.435  9.428   1.00 27.59 ? 869  ASN A ND2 1 
ATOM   164  N N   . LEU A 1 25  ? -6.862  6.652   10.413  1.00 17.43 ? 870  LEU A N   1 
ATOM   165  C CA  . LEU A 1 25  ? -5.637  6.191   11.064  1.00 17.94 ? 870  LEU A CA  1 
ATOM   166  C C   . LEU A 1 25  ? -4.489  6.139   10.066  1.00 16.89 ? 870  LEU A C   1 
ATOM   167  O O   . LEU A 1 25  ? -3.368  6.566   10.368  1.00 16.10 ? 870  LEU A O   1 
ATOM   168  C CB  . LEU A 1 25  ? -5.859  4.810   11.684  1.00 18.74 ? 870  LEU A CB  1 
ATOM   169  C CG  . LEU A 1 25  ? -4.622  4.198   12.356  1.00 19.86 ? 870  LEU A CG  1 
ATOM   170  C CD1 . LEU A 1 25  ? -4.465  4.707   13.795  1.00 25.09 ? 870  LEU A CD1 1 
ATOM   171  C CD2 . LEU A 1 25  ? -4.666  2.677   12.304  1.00 24.32 ? 870  LEU A CD2 1 
ATOM   172  N N   . LEU A 1 26  ? -4.758  5.637   8.859   1.00 16.62 ? 871  LEU A N   1 
ATOM   173  C CA  . LEU A 1 26  ? -3.725  5.389   7.862   1.00 16.73 ? 871  LEU A CA  1 
ATOM   174  C C   . LEU A 1 26  ? -3.428  6.589   6.985   1.00 14.50 ? 871  LEU A C   1 
ATOM   175  O O   . LEU A 1 26  ? -2.310  6.706   6.483   1.00 15.53 ? 871  LEU A O   1 
ATOM   176  C CB  . LEU A 1 26  ? -4.134  4.223   6.958   1.00 17.66 ? 871  LEU A CB  1 
ATOM   177  C CG  . LEU A 1 26  ? -4.356  2.891   7.677   1.00 18.88 ? 871  LEU A CG  1 
ATOM   178  C CD1 . LEU A 1 26  ? -4.990  1.857   6.745   1.00 17.41 ? 871  LEU A CD1 1 
ATOM   179  C CD2 . LEU A 1 26  ? -3.018  2.388   8.171   1.00 18.74 ? 871  LEU A CD2 1 
ATOM   180  N N   . TYR A 1 27  ? -4.404  7.476   6.780   1.00 15.96 ? 872  TYR A N   1 
ATOM   181  C CA  . TYR A 1 27  ? -4.297  8.517   5.765   1.00 17.04 ? 872  TYR A CA  1 
ATOM   182  C C   . TYR A 1 27  ? -4.577  9.908   6.323   1.00 18.61 ? 872  TYR A C   1 
ATOM   183  O O   . TYR A 1 27  ? -4.542  10.889  5.565   1.00 19.33 ? 872  TYR A O   1 
ATOM   184  C CB  . TYR A 1 27  ? -5.235  8.198   4.581   1.00 15.87 ? 872  TYR A CB  1 
ATOM   185  C CG  . TYR A 1 27  ? -4.778  6.953   3.845   1.00 15.26 ? 872  TYR A CG  1 
ATOM   186  C CD1 . TYR A 1 27  ? -3.663  6.998   3.030   1.00 15.10 ? 872  TYR A CD1 1 
ATOM   187  C CD2 . TYR A 1 27  ? -5.436  5.734   3.996   1.00 19.12 ? 872  TYR A CD2 1 
ATOM   188  C CE1 . TYR A 1 27  ? -3.203  5.859   2.362   1.00 17.89 ? 872  TYR A CE1 1 
ATOM   189  C CE2 . TYR A 1 27  ? -4.989  4.589   3.340   1.00 17.78 ? 872  TYR A CE2 1 
ATOM   190  C CZ  . TYR A 1 27  ? -3.873  4.660   2.519   1.00 18.65 ? 872  TYR A CZ  1 
ATOM   191  O OH  . TYR A 1 27  ? -3.393  3.556   1.847   1.00 24.19 ? 872  TYR A OH  1 
ATOM   192  N N   . GLY A 1 28  ? -4.832  10.020  7.619   1.00 17.35 ? 873  GLY A N   1 
ATOM   193  C CA  . GLY A 1 28  ? -5.071  11.304  8.246   1.00 18.45 ? 873  GLY A CA  1 
ATOM   194  C C   . GLY A 1 28  ? -3.803  12.061  8.586   1.00 17.51 ? 873  GLY A C   1 
ATOM   195  O O   . GLY A 1 28  ? -2.720  11.829  8.038   1.00 17.22 ? 873  GLY A O   1 
ATOM   196  N N   . GLU A 1 29  ? -3.949  12.985  9.536   1.00 18.11 ? 874  GLU A N   1 
ATOM   197  C CA  . GLU A 1 29  ? -2.891  13.942  9.815   1.00 18.35 ? 874  GLU A CA  1 
ATOM   198  C C   . GLU A 1 29  ? -1.835  13.426  10.777  1.00 19.78 ? 874  GLU A C   1 
ATOM   199  O O   . GLU A 1 29  ? -0.812  14.100  10.955  1.00 20.63 ? 874  GLU A O   1 
ATOM   200  C CB  . GLU A 1 29  ? -3.486  15.236  10.384  1.00 18.49 ? 874  GLU A CB  1 
ATOM   201  C CG  . GLU A 1 29  ? -4.287  15.973  9.336   1.00 19.78 ? 874  GLU A CG  1 
ATOM   202  C CD  . GLU A 1 29  ? -5.237  17.001  9.922   1.00 21.31 ? 874  GLU A CD  1 
ATOM   203  O OE1 . GLU A 1 29  ? -5.087  17.360  11.109  1.00 24.36 ? 874  GLU A OE1 1 
ATOM   204  O OE2 . GLU A 1 29  ? -6.131  17.437  9.171   1.00 21.81 ? 874  GLU A OE2 1 
ATOM   205  N N   . ASP A 1 30  ? -2.064  12.289  11.428  1.00 19.56 ? 875  ASP A N   1 
ATOM   206  C CA  . ASP A 1 30  ? -1.040  11.680  12.281  1.00 17.93 ? 875  ASP A CA  1 
ATOM   207  C C   . ASP A 1 30  ? -0.391  10.580  11.462  1.00 17.59 ? 875  ASP A C   1 
ATOM   208  O O   . ASP A 1 30  ? -0.892  9.454   11.402  1.00 18.45 ? 875  ASP A O   1 
ATOM   209  C CB  . ASP A 1 30  ? -1.625  11.137  13.574  1.00 19.46 ? 875  ASP A CB  1 
ATOM   210  C CG  . ASP A 1 30  ? -0.551  10.634  14.534  1.00 19.57 ? 875  ASP A CG  1 
ATOM   211  O OD1 . ASP A 1 30  ? 0.604   10.442  14.101  1.00 20.61 ? 875  ASP A OD1 1 
ATOM   212  O OD2 . ASP A 1 30  ? -0.869  10.442  15.733  1.00 24.76 ? 875  ASP A OD2 1 
ATOM   213  N N   . VAL A 1 31  ? 0.727   10.923  10.818  1.00 18.07 ? 876  VAL A N   1 
ATOM   214  C CA  . VAL A 1 31  ? 1.389   9.965   9.935   1.00 15.90 ? 876  VAL A CA  1 
ATOM   215  C C   . VAL A 1 31  ? 2.238   8.972   10.702  1.00 17.16 ? 876  VAL A C   1 
ATOM   216  O O   . VAL A 1 31  ? 2.831   8.077   10.085  1.00 18.22 ? 876  VAL A O   1 
ATOM   217  C CB  . VAL A 1 31  ? 2.248   10.684  8.874   1.00 17.74 ? 876  VAL A CB  1 
ATOM   218  C CG1 . VAL A 1 31  ? 1.419   11.754  8.157   1.00 18.65 ? 876  VAL A CG1 1 
ATOM   219  C CG2 . VAL A 1 31  ? 3.494   11.295  9.489   1.00 22.82 ? 876  VAL A CG2 1 
ATOM   220  N N   . SER A 1 32  ? 2.319   9.091   12.029  1.00 17.48 ? 877  SER A N   1 
ATOM   221  C CA  . SER A 1 32  ? 3.152   8.166   12.783  1.00 18.37 ? 877  SER A CA  1 
ATOM   222  C C   . SER A 1 32  ? 2.666   6.731   12.648  1.00 19.20 ? 877  SER A C   1 
ATOM   223  O O   . SER A 1 32  ? 3.475   5.798   12.709  1.00 18.69 ? 877  SER A O   1 
ATOM   224  C CB  . SER A 1 32  ? 3.197   8.570   14.259  1.00 18.63 ? 877  SER A CB  1 
ATOM   225  O OG  . SER A 1 32  ? 1.945   8.363   14.891  1.00 21.44 ? 877  SER A OG  1 
ATOM   226  N N   . TYR A 1 33  ? 1.360   6.529   12.447  1.00 16.49 ? 878  TYR A N   1 
ATOM   227  C CA  . TYR A 1 33  ? 0.844   5.171   12.344  1.00 15.83 ? 878  TYR A CA  1 
ATOM   228  C C   . TYR A 1 33  ? 1.308   4.501   11.059  1.00 17.36 ? 878  TYR A C   1 
ATOM   229  O O   . TYR A 1 33  ? 1.754   3.351   11.087  1.00 16.68 ? 878  TYR A O   1 
ATOM   230  C CB  . TYR A 1 33  ? -0.680  5.162   12.433  1.00 18.36 ? 878  TYR A CB  1 
ATOM   231  C CG  . TYR A 1 33  ? -1.198  5.807   13.680  1.00 16.89 ? 878  TYR A CG  1 
ATOM   232  C CD1 . TYR A 1 33  ? -0.967  5.230   14.925  1.00 19.34 ? 878  TYR A CD1 1 
ATOM   233  C CD2 . TYR A 1 33  ? -1.932  6.989   13.626  1.00 20.27 ? 878  TYR A CD2 1 
ATOM   234  C CE1 . TYR A 1 33  ? -1.453  5.827   16.083  1.00 21.31 ? 878  TYR A CE1 1 
ATOM   235  C CE2 . TYR A 1 33  ? -2.420  7.581   14.772  1.00 23.22 ? 878  TYR A CE2 1 
ATOM   236  C CZ  . TYR A 1 33  ? -2.168  6.996   15.999  1.00 23.22 ? 878  TYR A CZ  1 
ATOM   237  O OH  . TYR A 1 33  ? -2.653  7.583   17.148  1.00 23.88 ? 878  TYR A OH  1 
ATOM   238  N N   . TYR A 1 34  ? 1.209   5.193   9.915   1.00 15.75 ? 879  TYR A N   1 
ATOM   239  C CA  . TYR A 1 34  ? 1.712   4.563   8.696   1.00 17.06 ? 879  TYR A CA  1 
ATOM   240  C C   . TYR A 1 34  ? 3.227   4.432   8.735   1.00 16.66 ? 879  TYR A C   1 
ATOM   241  O O   . TYR A 1 34  ? 3.775   3.447   8.229   1.00 17.08 ? 879  TYR A O   1 
ATOM   242  C CB  . TYR A 1 34  ? 1.259   5.304   7.428   1.00 16.35 ? 879  TYR A CB  1 
ATOM   243  C CG  . TYR A 1 34  ? 0.877   4.291   6.345   1.00 18.08 ? 879  TYR A CG  1 
ATOM   244  C CD1 . TYR A 1 34  ? 1.860   3.616   5.623   1.00 21.10 ? 879  TYR A CD1 1 
ATOM   245  C CD2 . TYR A 1 34  ? -0.454  3.948   6.112   1.00 21.29 ? 879  TYR A CD2 1 
ATOM   246  C CE1 . TYR A 1 34  ? 1.530   2.653   4.676   1.00 23.38 ? 879  TYR A CE1 1 
ATOM   247  C CE2 . TYR A 1 34  ? -0.794  2.984   5.163   1.00 21.91 ? 879  TYR A CE2 1 
ATOM   248  C CZ  . TYR A 1 34  ? 0.203   2.340   4.450   1.00 23.68 ? 879  TYR A CZ  1 
ATOM   249  O OH  . TYR A 1 34  ? -0.146  1.380   3.515   1.00 23.89 ? 879  TYR A OH  1 
ATOM   250  N N   . GLU A 1 35  ? 3.927   5.377   9.373   1.00 17.01 ? 880  GLU A N   1 
ATOM   251  C CA  . GLU A 1 35  ? 5.373   5.227   9.499   1.00 17.44 ? 880  GLU A CA  1 
ATOM   252  C C   . GLU A 1 35  ? 5.722   4.007   10.345  1.00 18.14 ? 880  GLU A C   1 
ATOM   253  O O   . GLU A 1 35  ? 6.643   3.249   10.006  1.00 18.36 ? 880  GLU A O   1 
ATOM   254  C CB  . GLU A 1 35  ? 5.988   6.512   10.063  1.00 20.23 ? 880  GLU A CB  1 
ATOM   255  C CG  . GLU A 1 35  ? 6.063   7.619   8.996   1.00 28.46 ? 880  GLU A CG  1 
ATOM   256  C CD  . GLU A 1 35  ? 6.430   9.001   9.536   1.00 33.72 ? 880  GLU A CD  1 
ATOM   257  O OE1 . GLU A 1 35  ? 6.520   9.169   10.773  1.00 36.27 ? 880  GLU A OE1 1 
ATOM   258  O OE2 . GLU A 1 35  ? 6.626   9.925   8.702   1.00 32.02 ? 880  GLU A OE2 1 
ATOM   259  N N   . ARG A 1 36  ? 4.944   3.755   11.400  1.00 17.41 ? 881  ARG A N   1 
ATOM   260  C CA  . ARG A 1 36  ? 5.134   2.556   12.207  1.00 17.13 ? 881  ARG A CA  1 
ATOM   261  C C   . ARG A 1 36  ? 4.931   1.296   11.374  1.00 20.37 ? 881  ARG A C   1 
ATOM   262  O O   . ARG A 1 36  ? 5.682   0.316   11.498  1.00 20.02 ? 881  ARG A O   1 
ATOM   263  C CB  . ARG A 1 36  ? 4.173   2.593   13.391  1.00 20.45 ? 881  ARG A CB  1 
ATOM   264  C CG  . ARG A 1 36  ? 4.060   1.299   14.117  1.00 21.33 ? 881  ARG A CG  1 
ATOM   265  C CD  . ARG A 1 36  ? 3.090   1.433   15.279  1.00 25.72 ? 881  ARG A CD  1 
ATOM   266  N NE  . ARG A 1 36  ? 2.877   0.138   15.901  1.00 28.32 ? 881  ARG A NE  1 
ATOM   267  C CZ  . ARG A 1 36  ? 2.379   -0.036  17.119  1.00 26.34 ? 881  ARG A CZ  1 
ATOM   268  N NH1 . ARG A 1 36  ? 2.222   -1.260  17.597  1.00 28.55 ? 881  ARG A NH1 1 
ATOM   269  N NH2 . ARG A 1 36  ? 2.033   1.009   17.853  1.00 28.67 ? 881  ARG A NH2 1 
ATOM   270  N N   . ILE A 1 37  ? 3.906   1.299   10.520  1.00 16.32 ? 882  ILE A N   1 
ATOM   271  C CA  . ILE A 1 37  ? 3.653   0.145   9.660   1.00 16.90 ? 882  ILE A CA  1 
ATOM   272  C C   . ILE A 1 37  ? 4.833   -0.085  8.725   1.00 18.78 ? 882  ILE A C   1 
ATOM   273  O O   . ILE A 1 37  ? 5.300   -1.218  8.552   1.00 17.04 ? 882  ILE A O   1 
ATOM   274  C CB  . ILE A 1 37  ? 2.326   0.334   8.892   1.00 16.69 ? 882  ILE A CB  1 
ATOM   275  C CG1 . ILE A 1 37  ? 1.148   0.213   9.865   1.00 16.77 ? 882  ILE A CG1 1 
ATOM   276  C CG2 . ILE A 1 37  ? 2.178   -0.664  7.745   1.00 19.16 ? 882  ILE A CG2 1 
ATOM   277  C CD1 . ILE A 1 37  ? -0.139  0.838   9.364   1.00 17.82 ? 882  ILE A CD1 1 
ATOM   278  N N   . LEU A 1 38  ? 5.347   0.988   8.124   1.00 16.63 ? 883  LEU A N   1 
ATOM   279  C CA  . LEU A 1 38  ? 6.456   0.847   7.191   1.00 18.11 ? 883  LEU A CA  1 
ATOM   280  C C   . LEU A 1 38  ? 7.689   0.284   7.889   1.00 17.77 ? 883  LEU A C   1 
ATOM   281  O O   . LEU A 1 38  ? 8.392   -0.570  7.337   1.00 19.55 ? 883  LEU A O   1 
ATOM   282  C CB  . LEU A 1 38  ? 6.746   2.200   6.545   1.00 19.17 ? 883  LEU A CB  1 
ATOM   283  C CG  . LEU A 1 38  ? 5.677   2.657   5.554   1.00 18.17 ? 883  LEU A CG  1 
ATOM   284  C CD1 . LEU A 1 38  ? 5.945   4.090   5.196   1.00 20.05 ? 883  LEU A CD1 1 
ATOM   285  C CD2 . LEU A 1 38  ? 5.699   1.790   4.295   1.00 21.12 ? 883  LEU A CD2 1 
ATOM   286  N N   . LYS A 1 39  ? 7.950   0.728   9.124   1.00 17.83 ? 884  LYS A N   1 
ATOM   287  C CA  . LYS A 1 39  ? 9.087   0.183   9.864   1.00 19.07 ? 884  LYS A CA  1 
ATOM   288  C C   . LYS A 1 39  ? 8.869   -1.276  10.228  1.00 19.10 ? 884  LYS A C   1 
ATOM   289  O O   . LYS A 1 39  ? 9.805   -2.088  10.143  1.00 19.85 ? 884  LYS A O   1 
ATOM   290  C CB  . LYS A 1 39  ? 9.346   1.028   11.114  1.00 21.55 ? 884  LYS A CB  1 
ATOM   291  C CG  . LYS A 1 39  ? 9.875   2.417   10.800  1.00 26.81 ? 884  LYS A CG  1 
ATOM   292  C CD  . LYS A 1 39  ? 10.124  3.234   12.060  1.00 35.88 ? 884  LYS A CD  1 
ATOM   293  C CE  . LYS A 1 39  ? 11.513  2.980   12.629  1.00 44.59 ? 884  LYS A CE  1 
ATOM   294  N NZ  . LYS A 1 39  ? 12.563  3.743   11.886  1.00 49.65 ? 884  LYS A NZ  1 
ATOM   295  N N   . ALA A 1 40  ? 7.645   -1.633  10.622  1.00 19.76 ? 885  ALA A N   1 
ATOM   296  C CA  . ALA A 1 40  ? 7.323   -3.027  10.900  1.00 18.74 ? 885  ALA A CA  1 
ATOM   297  C C   . ALA A 1 40  ? 7.520   -3.901  9.670   1.00 20.25 ? 885  ALA A C   1 
ATOM   298  O O   . ALA A 1 40  ? 7.846   -5.086  9.801   1.00 21.06 ? 885  ALA A O   1 
ATOM   299  C CB  . ALA A 1 40  ? 5.882   -3.144  11.408  1.00 20.06 ? 885  ALA A CB  1 
ATOM   300  N N   . GLN A 1 41  ? 7.336   -3.336  8.472   1.00 19.12 ? 886  GLN A N   1 
ATOM   301  C CA  . GLN A 1 41  ? 7.549   -4.050  7.216   1.00 19.61 ? 886  GLN A CA  1 
ATOM   302  C C   . GLN A 1 41  ? 9.016   -4.104  6.818   1.00 24.07 ? 886  GLN A C   1 
ATOM   303  O O   . GLN A 1 41  ? 9.326   -4.603  5.727   1.00 22.39 ? 886  GLN A O   1 
ATOM   304  C CB  . GLN A 1 41  ? 6.723   -3.408  6.094   1.00 20.09 ? 886  GLN A CB  1 
ATOM   305  C CG  . GLN A 1 41  ? 5.221   -3.467  6.329   1.00 18.03 ? 886  GLN A CG  1 
ATOM   306  C CD  . GLN A 1 41  ? 4.440   -2.558  5.407   1.00 20.11 ? 886  GLN A CD  1 
ATOM   307  O OE1 . GLN A 1 41  ? 4.946   -1.522  4.953   1.00 20.72 ? 886  GLN A OE1 1 
ATOM   308  N NE2 . GLN A 1 41  ? 3.191   -2.929  5.141   1.00 17.74 ? 886  GLN A NE2 1 
ATOM   309  N N   . LYS A 1 42  ? 9.905   -3.596  7.680   1.00 21.53 ? 887  LYS A N   1 
ATOM   310  C CA  . LYS A 1 42  ? 11.360  -3.658  7.542   1.00 21.16 ? 887  LYS A CA  1 
ATOM   311  C C   . LYS A 1 42  ? 11.898  -2.612  6.577   1.00 25.75 ? 887  LYS A C   1 
ATOM   312  O O   . LYS A 1 42  ? 13.058  -2.692  6.155   1.00 26.15 ? 887  LYS A O   1 
ATOM   313  C CB  . LYS A 1 42  ? 11.842  -5.053  7.116   1.00 22.90 ? 887  LYS A CB  1 
ATOM   314  C CG  . LYS A 1 42  ? 11.360  -6.168  8.032   1.00 28.49 ? 887  LYS A CG  1 
ATOM   315  C CD  . LYS A 1 42  ? 11.670  -7.540  7.431   1.00 38.36 ? 887  LYS A CD  1 
ATOM   316  C CE  . LYS A 1 42  ? 10.925  -8.664  8.148   1.00 41.86 ? 887  LYS A CE  1 
ATOM   317  N NZ  . LYS A 1 42  ? 11.309  -10.018 7.627   1.00 48.24 ? 887  LYS A NZ  1 
ATOM   318  N N   . ASN A 1 43  ? 11.096  -1.608  6.233   1.00 21.26 ? 888  ASN A N   1 
ATOM   319  C CA  . ASN A 1 43  ? 11.595  -0.479  5.466   1.00 21.12 ? 888  ASN A CA  1 
ATOM   320  C C   . ASN A 1 43  ? 12.337  0.492   6.375   1.00 24.07 ? 888  ASN A C   1 
ATOM   321  O O   . ASN A 1 43  ? 12.131  0.530   7.589   1.00 22.35 ? 888  ASN A O   1 
ATOM   322  C CB  . ASN A 1 43  ? 10.436  0.221   4.759   1.00 19.52 ? 888  ASN A CB  1 
ATOM   323  C CG  . ASN A 1 43  ? 9.675   -0.717  3.876   1.00 22.38 ? 888  ASN A CG  1 
ATOM   324  O OD1 . ASN A 1 43  ? 10.269  -1.408  3.044   1.00 22.93 ? 888  ASN A OD1 1 
ATOM   325  N ND2 . ASN A 1 43  ? 8.354   -0.785  4.064   1.00 24.67 ? 888  ASN A ND2 1 
ATOM   326  N N   . PHE A 1 44  ? 13.213  1.282   5.768   1.00 22.79 ? 889  PHE A N   1 
ATOM   327  C CA  . PHE A 1 44  ? 13.989  2.257   6.518   1.00 26.01 ? 889  PHE A CA  1 
ATOM   328  C C   . PHE A 1 44  ? 14.272  3.446   5.613   1.00 25.87 ? 889  PHE A C   1 
ATOM   329  O O   . PHE A 1 44  ? 13.874  3.469   4.444   1.00 24.64 ? 889  PHE A O   1 
ATOM   330  C CB  . PHE A 1 44  ? 15.269  1.625   7.080   1.00 30.10 ? 889  PHE A CB  1 
ATOM   331  C CG  . PHE A 1 44  ? 16.135  0.971   6.042   1.00 29.52 ? 889  PHE A CG  1 
ATOM   332  C CD1 . PHE A 1 44  ? 15.862  -0.317  5.599   1.00 27.90 ? 889  PHE A CD1 1 
ATOM   333  C CD2 . PHE A 1 44  ? 17.238  1.634   5.523   1.00 31.16 ? 889  PHE A CD2 1 
ATOM   334  C CE1 . PHE A 1 44  ? 16.656  -0.924  4.648   1.00 31.18 ? 889  PHE A CE1 1 
ATOM   335  C CE2 . PHE A 1 44  ? 18.040  1.029   4.568   1.00 29.85 ? 889  PHE A CE2 1 
ATOM   336  C CZ  . PHE A 1 44  ? 17.751  -0.249  4.132   1.00 32.09 ? 889  PHE A CZ  1 
ATOM   337  N N   . GLU A 1 45  ? 14.965  4.442   6.161   1.00 28.35 ? 890  GLU A N   1 
ATOM   338  C CA  . GLU A 1 45  ? 15.212  5.696   5.447   1.00 29.27 ? 890  GLU A CA  1 
ATOM   339  C C   . GLU A 1 45  ? 13.903  6.294   4.924   1.00 22.34 ? 890  GLU A C   1 
ATOM   340  O O   . GLU A 1 45  ? 13.818  6.769   3.791   1.00 26.62 ? 890  GLU A O   1 
ATOM   341  C CB  . GLU A 1 45  ? 16.208  5.488   4.303   1.00 31.17 ? 890  GLU A CB  1 
ATOM   342  C CG  . GLU A 1 45  ? 17.659  5.386   4.762   1.00 32.99 ? 890  GLU A CG  1 
ATOM   343  C CD  . GLU A 1 45  ? 18.574  4.781   3.704   1.00 34.59 ? 890  GLU A CD  1 
ATOM   344  O OE1 . GLU A 1 45  ? 18.077  4.393   2.629   1.00 38.61 ? 890  GLU A OE1 1 
ATOM   345  O OE2 . GLU A 1 45  ? 19.787  4.702   3.963   1.00 39.68 ? 890  GLU A OE2 1 
ATOM   346  N N   . ILE A 1 46  ? 12.872  6.259   5.762   1.00 25.78 ? 891  ILE A N   1 
ATOM   347  C CA  . ILE A 1 46  ? 11.541  6.714   5.363   1.00 23.92 ? 891  ILE A CA  1 
ATOM   348  C C   . ILE A 1 46  ? 11.504  8.235   5.405   1.00 22.75 ? 891  ILE A C   1 
ATOM   349  O O   . ILE A 1 46  ? 11.712  8.834   6.464   1.00 28.04 ? 891  ILE A O   1 
ATOM   350  C CB  . ILE A 1 46  ? 10.462  6.124   6.280   1.00 23.47 ? 891  ILE A CB  1 
ATOM   351  C CG1 . ILE A 1 46  ? 10.497  4.598   6.240   1.00 22.09 ? 891  ILE A CG1 1 
ATOM   352  C CG2 . ILE A 1 46  ? 9.085   6.654   5.895   1.00 25.17 ? 891  ILE A CG2 1 
ATOM   353  C CD1 . ILE A 1 46  ? 9.815   3.970   7.438   1.00 24.04 ? 891  ILE A CD1 1 
ATOM   354  N N   . SER A 1 47  ? 11.205  8.864   4.269   1.00 21.81 ? 892  SER A N   1 
ATOM   355  C CA  . SER A 1 47  ? 11.085  10.314  4.251   1.00 22.99 ? 892  SER A CA  1 
ATOM   356  C C   . SER A 1 47  ? 9.777   10.722  4.928   1.00 24.08 ? 892  SER A C   1 
ATOM   357  O O   . SER A 1 47  ? 8.852   9.920   5.037   1.00 25.19 ? 892  SER A O   1 
ATOM   358  C CB  . SER A 1 47  ? 11.150  10.837  2.818   1.00 25.37 ? 892  SER A CB  1 
ATOM   359  O OG  . SER A 1 47  ? 9.961   10.554  2.104   1.00 27.02 ? 892  SER A OG  1 
ATOM   360  N N   . PRO A 1 48  ? 9.685   11.956  5.422   1.00 25.49 ? 893  PRO A N   1 
ATOM   361  C CA  . PRO A 1 48  ? 8.472   12.360  6.150   1.00 24.61 ? 893  PRO A CA  1 
ATOM   362  C C   . PRO A 1 48  ? 7.223   12.222  5.288   1.00 23.44 ? 893  PRO A C   1 
ATOM   363  O O   . PRO A 1 48  ? 7.148   12.768  4.186   1.00 25.10 ? 893  PRO A O   1 
ATOM   364  C CB  . PRO A 1 48  ? 8.748   13.825  6.521   1.00 29.84 ? 893  PRO A CB  1 
ATOM   365  C CG  . PRO A 1 48  ? 9.926   14.237  5.658   1.00 28.86 ? 893  PRO A CG  1 
ATOM   366  C CD  . PRO A 1 48  ? 10.720  13.005  5.440   1.00 27.70 ? 893  PRO A CD  1 
ATOM   367  N N   . ILE A 1 49  ? 6.251   11.470  5.788   1.00 22.49 ? 894  ILE A N   1 
ATOM   368  C CA  . ILE A 1 49  ? 5.003   11.275  5.050   1.00 18.42 ? 894  ILE A CA  1 
ATOM   369  C C   . ILE A 1 49  ? 4.173   12.564  5.158   1.00 20.48 ? 894  ILE A C   1 
ATOM   370  O O   . ILE A 1 49  ? 3.957   13.052  6.271   1.00 21.25 ? 894  ILE A O   1 
ATOM   371  C CB  . ILE A 1 49  ? 4.217   10.078  5.591   1.00 18.45 ? 894  ILE A CB  1 
ATOM   372  C CG1 . ILE A 1 49  ? 4.998   8.773   5.401   1.00 21.94 ? 894  ILE A CG1 1 
ATOM   373  C CG2 . ILE A 1 49  ? 2.836   9.968   4.928   1.00 20.81 ? 894  ILE A CG2 1 
ATOM   374  C CD1 . ILE A 1 49  ? 4.265   7.552   5.932   1.00 23.80 ? 894  ILE A CD1 1 
ATOM   375  N N   . PRO A 1 50  ? 3.726   13.127  4.045   1.00 18.26 ? 895  PRO A N   1 
ATOM   376  C CA  . PRO A 1 50  ? 2.874   14.322  4.124   1.00 18.63 ? 895  PRO A CA  1 
ATOM   377  C C   . PRO A 1 50  ? 1.633   14.044  4.952   1.00 19.20 ? 895  PRO A C   1 
ATOM   378  O O   . PRO A 1 50  ? 1.019   12.984  4.840   1.00 18.69 ? 895  PRO A O   1 
ATOM   379  C CB  . PRO A 1 50  ? 2.529   14.597  2.659   1.00 19.80 ? 895  PRO A CB  1 
ATOM   380  C CG  . PRO A 1 50  ? 3.674   13.995  1.907   1.00 19.09 ? 895  PRO A CG  1 
ATOM   381  C CD  . PRO A 1 50  ? 4.081   12.774  2.660   1.00 20.35 ? 895  PRO A CD  1 
ATOM   382  N N   . ASN A 1 51  ? 1.275   15.002  5.808   1.00 19.94 ? 896  ASN A N   1 
ATOM   383  C CA  . ASN A 1 51  ? 0.133   14.837  6.693   1.00 19.81 ? 896  ASN A CA  1 
ATOM   384  C C   . ASN A 1 51  ? -1.163  15.376  6.096   1.00 18.82 ? 896  ASN A C   1 
ATOM   385  O O   . ASN A 1 51  ? -2.201  15.326  6.765   1.00 20.01 ? 896  ASN A O   1 
ATOM   386  C CB  . ASN A 1 51  ? 0.414   15.512  8.048   1.00 22.80 ? 896  ASN A CB  1 
ATOM   387  C CG  . ASN A 1 51  ? 0.679   17.011  7.924   1.00 26.58 ? 896  ASN A CG  1 
ATOM   388  O OD1 . ASN A 1 51  ? 0.017   17.710  7.163   1.00 25.35 ? 896  ASN A OD1 1 
ATOM   389  N ND2 . ASN A 1 51  ? 1.662   17.507  8.680   1.00 28.94 ? 896  ASN A ND2 1 
ATOM   390  N N   . ASN A 1 52  ? -1.127  15.849  4.850   1.00 21.83 ? 897  ASN A N   1 
ATOM   391  C CA  . ASN A 1 52  ? -2.220  16.592  4.228   1.00 23.98 ? 897  ASN A CA  1 
ATOM   392  C C   . ASN A 1 52  ? -2.911  15.808  3.115   1.00 24.86 ? 897  ASN A C   1 
ATOM   393  O O   . ASN A 1 52  ? -3.487  16.398  2.196   1.00 24.12 ? 897  ASN A O   1 
ATOM   394  C CB  . ASN A 1 52  ? -1.704  17.935  3.693   1.00 22.04 ? 897  ASN A CB  1 
ATOM   395  C CG  . ASN A 1 52  ? -0.561  17.783  2.683   1.00 26.55 ? 897  ASN A CG  1 
ATOM   396  O OD1 . ASN A 1 52  ? -0.162  16.677  2.329   1.00 24.94 ? 897  ASN A OD1 1 
ATOM   397  N ND2 . ASN A 1 52  ? -0.040  18.911  2.207   1.00 26.32 ? 897  ASN A ND2 1 
ATOM   398  N N   . PHE A 1 53  ? -2.876  14.474  3.190   1.00 19.62 ? 898  PHE A N   1 
ATOM   399  C CA  . PHE A 1 53  ? -3.410  13.650  2.107   1.00 20.72 ? 898  PHE A CA  1 
ATOM   400  C C   . PHE A 1 53  ? -4.907  13.888  1.895   1.00 21.06 ? 898  PHE A C   1 
ATOM   401  O O   . PHE A 1 53  ? -5.374  13.998  0.751   1.00 21.56 ? 898  PHE A O   1 
ATOM   402  C CB  . PHE A 1 53  ? -3.125  12.180  2.424   1.00 20.61 ? 898  PHE A CB  1 
ATOM   403  C CG  . PHE A 1 53  ? -3.725  11.215  1.455   1.00 19.25 ? 898  PHE A CG  1 
ATOM   404  C CD1 . PHE A 1 53  ? -3.151  11.035  0.201   1.00 18.84 ? 898  PHE A CD1 1 
ATOM   405  C CD2 . PHE A 1 53  ? -4.838  10.458  1.801   1.00 19.34 ? 898  PHE A CD2 1 
ATOM   406  C CE1 . PHE A 1 53  ? -3.691  10.127  -0.700  1.00 19.16 ? 898  PHE A CE1 1 
ATOM   407  C CE2 . PHE A 1 53  ? -5.381  9.538   0.903   1.00 19.53 ? 898  PHE A CE2 1 
ATOM   408  C CZ  . PHE A 1 53  ? -4.795  9.377   -0.344  1.00 18.45 ? 898  PHE A CZ  1 
ATOM   409  N N   . LEU A 1 54  ? -5.682  13.968  2.973   1.00 19.65 ? 899  LEU A N   1 
ATOM   410  C CA  . LEU A 1 54  ? -7.123  14.034  2.785   1.00 22.30 ? 899  LEU A CA  1 
ATOM   411  C C   . LEU A 1 54  ? -7.574  15.363  2.193   1.00 23.45 ? 899  LEU A C   1 
ATOM   412  O O   . LEU A 1 54  ? -8.675  15.426  1.637   1.00 29.73 ? 899  LEU A O   1 
ATOM   413  C CB  . LEU A 1 54  ? -7.850  13.765  4.103   1.00 21.58 ? 899  LEU A CB  1 
ATOM   414  C CG  . LEU A 1 54  ? -7.698  12.314  4.587   1.00 19.72 ? 899  LEU A CG  1 
ATOM   415  C CD1 . LEU A 1 54  ? -8.443  12.100  5.902   1.00 23.39 ? 899  LEU A CD1 1 
ATOM   416  C CD2 . LEU A 1 54  ? -8.171  11.308  3.542   1.00 24.63 ? 899  LEU A CD2 1 
ATOM   417  N N   . THR A 1 55  ? -6.755  16.416  2.280   1.00 21.98 ? 900  THR A N   1 
ATOM   418  C CA  . THR A 1 55  ? -7.095  17.660  1.591   1.00 22.43 ? 900  THR A CA  1 
ATOM   419  C C   . THR A 1 55  ? -6.491  17.730  0.195   1.00 21.99 ? 900  THR A C   1 
ATOM   420  O O   . THR A 1 55  ? -7.160  18.159  -0.754  1.00 24.20 ? 900  THR A O   1 
ATOM   421  C CB  . THR A 1 55  ? -6.631  18.883  2.388   1.00 24.10 ? 900  THR A CB  1 
ATOM   422  O OG1 . THR A 1 55  ? -5.213  18.824  2.605   1.00 32.86 ? 900  THR A OG1 1 
ATOM   423  C CG2 . THR A 1 55  ? -7.322  18.945  3.703   1.00 23.53 ? 900  THR A CG2 1 
ATOM   424  N N   . LYS A 1 56  ? -5.230  17.322  0.049   1.00 21.02 ? 901  LYS A N   1 
ATOM   425  C CA  . LYS A 1 56  ? -4.572  17.436  -1.245  1.00 20.06 ? 901  LYS A CA  1 
ATOM   426  C C   . LYS A 1 56  ? -4.979  16.332  -2.212  1.00 21.75 ? 901  LYS A C   1 
ATOM   427  O O   . LYS A 1 56  ? -4.850  16.517  -3.425  1.00 23.27 ? 901  LYS A O   1 
ATOM   428  C CB  . LYS A 1 56  ? -3.057  17.417  -1.070  1.00 20.68 ? 901  LYS A CB  1 
ATOM   429  C CG  . LYS A 1 56  ? -2.506  18.614  -0.326  1.00 22.62 ? 901  LYS A CG  1 
ATOM   430  C CD  . LYS A 1 56  ? -2.851  19.895  -1.074  1.00 26.37 ? 901  LYS A CD  1 
ATOM   431  C CE  . LYS A 1 56  ? -1.916  21.016  -0.692  1.00 35.40 ? 901  LYS A CE  1 
ATOM   432  N NZ  . LYS A 1 56  ? -2.086  21.393  0.735   1.00 40.78 ? 901  LYS A NZ  1 
ATOM   433  N N   . LYS A 1 57  ? -5.463  15.197  -1.701  1.00 22.26 ? 902  LYS A N   1 
ATOM   434  C CA  . LYS A 1 57  ? -5.848  14.002  -2.452  1.00 21.26 ? 902  LYS A CA  1 
ATOM   435  C C   . LYS A 1 57  ? -4.644  13.256  -3.013  1.00 18.95 ? 902  LYS A C   1 
ATOM   436  O O   . LYS A 1 57  ? -4.812  12.330  -3.824  1.00 19.95 ? 902  LYS A O   1 
ATOM   437  C CB  . LYS A 1 57  ? -6.828  14.305  -3.595  1.00 22.45 ? 902  LYS A CB  1 
ATOM   438  C CG  . LYS A 1 57  ? -7.946  15.265  -3.215  1.00 25.42 ? 902  LYS A CG  1 
ATOM   439  C CD  . LYS A 1 57  ? -8.745  14.735  -2.044  1.00 25.57 ? 902  LYS A CD  1 
ATOM   440  C CE  . LYS A 1 57  ? -9.937  15.633  -1.779  1.00 30.25 ? 902  LYS A CE  1 
ATOM   441  N NZ  . LYS A 1 57  ? -10.759 15.089  -0.676  1.00 33.15 ? 902  LYS A NZ  1 
ATOM   442  N N   . ILE A 1 58  ? -3.434  13.629  -2.599  1.00 18.36 ? 903  ILE A N   1 
ATOM   443  C CA  . ILE A 1 58  ? -2.210  12.977  -3.040  1.00 19.91 ? 903  ILE A CA  1 
ATOM   444  C C   . ILE A 1 58  ? -1.178  13.134  -1.934  1.00 20.58 ? 903  ILE A C   1 
ATOM   445  O O   . ILE A 1 58  ? -1.175  14.128  -1.201  1.00 18.22 ? 903  ILE A O   1 
ATOM   446  C CB  . ILE A 1 58  ? -1.703  13.581  -4.374  1.00 20.81 ? 903  ILE A CB  1 
ATOM   447  C CG1 . ILE A 1 58  ? -0.497  12.809  -4.919  1.00 23.85 ? 903  ILE A CG1 1 
ATOM   448  C CG2 . ILE A 1 58  ? -1.390  15.073  -4.196  1.00 23.53 ? 903  ILE A CG2 1 
ATOM   449  C CD1 . ILE A 1 58  ? -0.143  13.174  -6.360  1.00 25.00 ? 903  ILE A CD1 1 
ATOM   450  N N   . ARG A 1 59  ? -0.306  12.140  -1.798  1.00 17.44 ? 904  ARG A N   1 
ATOM   451  C CA  . ARG A 1 59  ? 0.909   12.350  -1.020  1.00 17.14 ? 904  ARG A CA  1 
ATOM   452  C C   . ARG A 1 59  ? 2.026   11.539  -1.650  1.00 19.94 ? 904  ARG A C   1 
ATOM   453  O O   . ARG A 1 59  ? 1.798   10.420  -2.119  1.00 19.15 ? 904  ARG A O   1 
ATOM   454  C CB  . ARG A 1 59  ? 0.731   11.991  0.467   1.00 17.45 ? 904  ARG A CB  1 
ATOM   455  C CG  . ARG A 1 59  ? 0.403   10.534  0.769   1.00 16.15 ? 904  ARG A CG  1 
ATOM   456  C CD  . ARG A 1 59  ? 0.076   10.379  2.253   1.00 18.65 ? 904  ARG A CD  1 
ATOM   457  N NE  . ARG A 1 59  ? -0.006  8.987   2.669   1.00 17.70 ? 904  ARG A NE  1 
ATOM   458  C CZ  . ARG A 1 59  ? -0.456  8.592   3.858   1.00 16.91 ? 904  ARG A CZ  1 
ATOM   459  N NH1 . ARG A 1 59  ? -0.454  7.299   4.148   1.00 18.41 ? 904  ARG A NH1 1 
ATOM   460  N NH2 . ARG A 1 59  ? -0.896  9.478   4.754   1.00 17.91 ? 904  ARG A NH2 1 
ATOM   461  N N   . ASP A 1 60  ? 3.218   12.130  -1.685  1.00 18.96 ? 905  ASP A N   1 
ATOM   462  C CA  . ASP A 1 60  ? 4.429   11.469  -2.152  1.00 18.14 ? 905  ASP A CA  1 
ATOM   463  C C   . ASP A 1 60  ? 5.421   11.352  -1.010  1.00 20.19 ? 905  ASP A C   1 
ATOM   464  O O   . ASP A 1 60  ? 5.578   12.280  -0.206  1.00 21.31 ? 905  ASP A O   1 
ATOM   465  C CB  . ASP A 1 60  ? 5.085   12.226  -3.307  1.00 20.44 ? 905  ASP A CB  1 
ATOM   466  C CG  . ASP A 1 60  ? 4.402   11.972  -4.621  1.00 22.16 ? 905  ASP A CG  1 
ATOM   467  O OD1 . ASP A 1 60  ? 3.377   12.616  -4.890  1.00 24.35 ? 905  ASP A OD1 1 
ATOM   468  O OD2 . ASP A 1 60  ? 4.879   11.105  -5.381  1.00 25.31 ? 905  ASP A OD2 1 
ATOM   469  N N   . TYR A 1 61  ? 6.092   10.211  -0.954  1.00 18.86 ? 906  TYR A N   1 
ATOM   470  C CA  . TYR A 1 61  ? 7.205   10.024  -0.037  1.00 18.85 ? 906  TYR A CA  1 
ATOM   471  C C   . TYR A 1 61  ? 8.055   8.892   -0.589  1.00 20.03 ? 906  TYR A C   1 
ATOM   472  O O   . TYR A 1 61  ? 7.794   8.384   -1.679  1.00 19.94 ? 906  TYR A O   1 
ATOM   473  C CB  . TYR A 1 61  ? 6.715   9.761   1.387   1.00 20.66 ? 906  TYR A CB  1 
ATOM   474  C CG  . TYR A 1 61  ? 5.865   8.528   1.585   1.00 21.52 ? 906  TYR A CG  1 
ATOM   475  C CD1 . TYR A 1 61  ? 4.488   8.555   1.361   1.00 19.12 ? 906  TYR A CD1 1 
ATOM   476  C CD2 . TYR A 1 61  ? 6.433   7.343   2.042   1.00 21.10 ? 906  TYR A CD2 1 
ATOM   477  C CE1 . TYR A 1 61  ? 3.705   7.409   1.564   1.00 21.96 ? 906  TYR A CE1 1 
ATOM   478  C CE2 . TYR A 1 61  ? 5.674   6.217   2.244   1.00 21.81 ? 906  TYR A CE2 1 
ATOM   479  C CZ  . TYR A 1 61  ? 4.313   6.248   2.003   1.00 21.48 ? 906  TYR A CZ  1 
ATOM   480  O OH  . TYR A 1 61  ? 3.571   5.112   2.221   1.00 22.81 ? 906  TYR A OH  1 
ATOM   481  N N   . ALA A 1 62  ? 9.092   8.524   0.155   1.00 19.57 ? 907  ALA A N   1 
ATOM   482  C CA  . ALA A 1 62  ? 10.005  7.488   -0.299  1.00 21.04 ? 907  ALA A CA  1 
ATOM   483  C C   . ALA A 1 62  ? 10.555  6.734   0.898   1.00 21.84 ? 907  ALA A C   1 
ATOM   484  O O   . ALA A 1 62  ? 10.532  7.221   2.029   1.00 21.65 ? 907  ALA A O   1 
ATOM   485  C CB  . ALA A 1 62  ? 11.157  8.076   -1.123  1.00 23.33 ? 907  ALA A CB  1 
ATOM   486  N N   . TYR A 1 63  ? 11.069  5.536   0.622   1.00 19.75 ? 908  TYR A N   1 
ATOM   487  C CA  . TYR A 1 63  ? 11.771  4.765   1.634   1.00 21.00 ? 908  TYR A CA  1 
ATOM   488  C C   . TYR A 1 63  ? 12.656  3.754   0.925   1.00 21.63 ? 908  TYR A C   1 
ATOM   489  O O   . TYR A 1 63  ? 12.565  3.562   -0.287  1.00 21.68 ? 908  TYR A O   1 
ATOM   490  C CB  . TYR A 1 63  ? 10.812  4.068   2.602   1.00 20.38 ? 908  TYR A CB  1 
ATOM   491  C CG  . TYR A 1 63  ? 9.771   3.181   1.959   1.00 20.52 ? 908  TYR A CG  1 
ATOM   492  C CD1 . TYR A 1 63  ? 10.061  1.863   1.619   1.00 21.71 ? 908  TYR A CD1 1 
ATOM   493  C CD2 . TYR A 1 63  ? 8.486   3.645   1.729   1.00 19.53 ? 908  TYR A CD2 1 
ATOM   494  C CE1 . TYR A 1 63  ? 9.102   1.050   1.049   1.00 22.15 ? 908  TYR A CE1 1 
ATOM   495  C CE2 . TYR A 1 63  ? 7.525   2.833   1.170   1.00 23.54 ? 908  TYR A CE2 1 
ATOM   496  C CZ  . TYR A 1 63  ? 7.838   1.540   0.824   1.00 23.88 ? 908  TYR A CZ  1 
ATOM   497  O OH  . TYR A 1 63  ? 6.871   0.732   0.260   1.00 27.97 ? 908  TYR A OH  1 
ATOM   498  N N   . THR A 1 64  ? 13.522  3.117   1.700   1.00 24.97 ? 909  THR A N   1 
ATOM   499  C CA  . THR A 1 64  ? 14.379  2.053   1.196   1.00 24.55 ? 909  THR A CA  1 
ATOM   500  C C   . THR A 1 64  ? 13.853  0.709   1.676   1.00 23.94 ? 909  THR A C   1 
ATOM   501  O O   . THR A 1 64  ? 13.567  0.540   2.868   1.00 23.43 ? 909  THR A O   1 
ATOM   502  C CB  . THR A 1 64  ? 15.821  2.249   1.658   1.00 28.85 ? 909  THR A CB  1 
ATOM   503  O OG1 . THR A 1 64  ? 16.281  3.535   1.229   1.00 30.55 ? 909  THR A OG1 1 
ATOM   504  C CG2 . THR A 1 64  ? 16.718  1.163   1.060   1.00 30.53 ? 909  THR A CG2 1 
ATOM   505  N N   . LYS A 1 65  ? 13.712  -0.237  0.743   1.00 22.96 ? 910  LYS A N   1 
ATOM   506  C CA  . LYS A 1 65  ? 13.146  -1.553  1.001   1.00 23.24 ? 910  LYS A CA  1 
ATOM   507  C C   . LYS A 1 65  ? 14.198  -2.629  0.798   1.00 27.47 ? 910  LYS A C   1 
ATOM   508  O O   . LYS A 1 65  ? 14.824  -2.676  -0.272  1.00 30.49 ? 910  LYS A O   1 
ATOM   509  C CB  . LYS A 1 65  ? 11.954  -1.811  0.065   1.00 26.83 ? 910  LYS A CB  1 
ATOM   510  C CG  . LYS A 1 65  ? 11.473  -3.252  0.036   1.00 28.74 ? 910  LYS A CG  1 
ATOM   511  C CD  . LYS A 1 65  ? 10.195  -3.409  -0.787  1.00 30.30 ? 910  LYS A CD  1 
ATOM   512  C CE  . LYS A 1 65  ? 9.016   -2.684  -0.157  1.00 35.19 ? 910  LYS A CE  1 
ATOM   513  N NZ  . LYS A 1 65  ? 8.558   -3.344  1.101   1.00 37.56 ? 910  LYS A NZ  1 
ATOM   514  N N   . PRO A 1 66  ? 14.422  -3.506  1.775   1.00 28.54 ? 911  PRO A N   1 
ATOM   515  C CA  . PRO A 1 66  ? 15.378  -4.600  1.564   1.00 29.60 ? 911  PRO A CA  1 
ATOM   516  C C   . PRO A 1 66  ? 14.822  -5.629  0.590   1.00 30.16 ? 911  PRO A C   1 
ATOM   517  O O   . PRO A 1 66  ? 13.625  -5.930  0.591   1.00 30.86 ? 911  PRO A O   1 
ATOM   518  C CB  . PRO A 1 66  ? 15.563  -5.183  2.969   1.00 29.75 ? 911  PRO A CB  1 
ATOM   519  C CG  . PRO A 1 66  ? 14.285  -4.862  3.673   1.00 31.96 ? 911  PRO A CG  1 
ATOM   520  C CD  . PRO A 1 66  ? 13.827  -3.537  3.124   1.00 28.84 ? 911  PRO A CD  1 
ATOM   521  N N   . LEU A 1 67  ? 15.699  -6.150  -0.268  1.00 32.91 ? 912  LEU A N   1 
ATOM   522  C CA  . LEU A 1 67  ? 15.305  -7.156  -1.252  1.00 31.89 ? 912  LEU A CA  1 
ATOM   523  C C   . LEU A 1 67  ? 16.108  -8.433  -1.056  1.00 35.95 ? 912  LEU A C   1 
ATOM   524  O O   . LEU A 1 67  ? 17.263  -8.384  -0.641  1.00 36.67 ? 912  LEU A O   1 
ATOM   525  C CB  . LEU A 1 67  ? 15.493  -6.632  -2.681  1.00 35.88 ? 912  LEU A CB  1 
ATOM   526  C CG  . LEU A 1 67  ? 14.717  -5.376  -3.086  1.00 29.63 ? 912  LEU A CG  1 
ATOM   527  C CD1 . LEU A 1 67  ? 15.071  -4.963  -4.503  1.00 32.08 ? 912  LEU A CD1 1 
ATOM   528  C CD2 . LEU A 1 67  ? 13.214  -5.594  -2.948  1.00 34.61 ? 912  LEU A CD2 1 
ATOM   529  N N   . ILE A 1 71  ? 18.389  -12.194 -8.374  1.00 43.22 ? 916  ILE A N   1 
ATOM   530  C CA  . ILE A 1 71  ? 18.530  -11.174 -9.404  1.00 40.36 ? 916  ILE A CA  1 
ATOM   531  C C   . ILE A 1 71  ? 18.116  -9.835  -8.815  1.00 46.36 ? 916  ILE A C   1 
ATOM   532  O O   . ILE A 1 71  ? 17.116  -9.746  -8.099  1.00 44.98 ? 916  ILE A O   1 
ATOM   533  C CB  . ILE A 1 71  ? 17.703  -11.522 -10.672 1.00 38.08 ? 916  ILE A CB  1 
ATOM   534  C CG1 . ILE A 1 71  ? 18.535  -12.333 -11.669 1.00 39.30 ? 916  ILE A CG1 1 
ATOM   535  C CG2 . ILE A 1 71  ? 17.164  -10.264 -11.350 1.00 42.18 ? 916  ILE A CG2 1 
ATOM   536  C CD1 . ILE A 1 71  ? 19.176  -13.564 -11.104 1.00 35.23 ? 916  ILE A CD1 1 
ATOM   537  N N   . GLY A 1 72  ? 18.895  -8.797  -9.106  1.00 44.44 ? 917  GLY A N   1 
ATOM   538  C CA  . GLY A 1 72  ? 18.586  -7.465  -8.647  1.00 39.44 ? 917  GLY A CA  1 
ATOM   539  C C   . GLY A 1 72  ? 19.447  -7.051  -7.472  1.00 41.82 ? 917  GLY A C   1 
ATOM   540  O O   . GLY A 1 72  ? 20.250  -7.833  -6.953  1.00 40.09 ? 917  GLY A O   1 
ATOM   541  N N   . PRO A 1 73  ? 19.301  -5.801  -7.037  1.00 41.03 ? 918  PRO A N   1 
ATOM   542  C CA  . PRO A 1 73  ? 20.051  -5.333  -5.866  1.00 37.47 ? 918  PRO A CA  1 
ATOM   543  C C   . PRO A 1 73  ? 19.487  -5.904  -4.572  1.00 38.49 ? 918  PRO A C   1 
ATOM   544  O O   . PRO A 1 73  ? 18.387  -6.456  -4.521  1.00 35.77 ? 918  PRO A O   1 
ATOM   545  C CB  . PRO A 1 73  ? 19.882  -3.812  -5.922  1.00 38.61 ? 918  PRO A CB  1 
ATOM   546  C CG  . PRO A 1 73  ? 18.585  -3.613  -6.648  1.00 39.44 ? 918  PRO A CG  1 
ATOM   547  C CD  . PRO A 1 73  ? 18.507  -4.727  -7.660  1.00 39.10 ? 918  PRO A CD  1 
ATOM   548  N N   . SER A 1 74  ? 20.282  -5.766  -3.508  1.00 37.93 ? 919  SER A N   1 
ATOM   549  C CA  . SER A 1 74  ? 19.878  -6.245  -2.192  1.00 34.81 ? 919  SER A CA  1 
ATOM   550  C C   . SER A 1 74  ? 18.856  -5.328  -1.537  1.00 38.60 ? 919  SER A C   1 
ATOM   551  O O   . SER A 1 74  ? 18.241  -5.711  -0.536  1.00 37.19 ? 919  SER A O   1 
ATOM   552  C CB  . SER A 1 74  ? 21.103  -6.378  -1.289  1.00 38.48 ? 919  SER A CB  1 
ATOM   553  O OG  . SER A 1 74  ? 21.740  -5.122  -1.131  1.00 44.82 ? 919  SER A OG  1 
ATOM   554  N N   . LYS A 1 75  ? 18.680  -4.128  -2.075  1.00 33.94 ? 920  LYS A N   1 
ATOM   555  C CA  . LYS A 1 75  ? 17.730  -3.154  -1.566  1.00 35.11 ? 920  LYS A CA  1 
ATOM   556  C C   . LYS A 1 75  ? 17.481  -2.161  -2.684  1.00 37.17 ? 920  LYS A C   1 
ATOM   557  O O   . LYS A 1 75  ? 18.269  -2.059  -3.628  1.00 37.52 ? 920  LYS A O   1 
ATOM   558  C CB  . LYS A 1 75  ? 18.256  -2.435  -0.319  1.00 35.92 ? 920  LYS A CB  1 
ATOM   559  C CG  . LYS A 1 75  ? 19.329  -1.395  -0.621  1.00 37.02 ? 920  LYS A CG  1 
ATOM   560  C CD  . LYS A 1 75  ? 19.901  -0.824  0.665   1.00 41.62 ? 920  LYS A CD  1 
ATOM   561  C CE  . LYS A 1 75  ? 20.523  0.552   0.450   1.00 45.33 ? 920  LYS A CE  1 
ATOM   562  N NZ  . LYS A 1 75  ? 21.553  0.569   -0.628  1.00 48.49 ? 920  LYS A NZ  1 
ATOM   563  N N   . THR A 1 76  ? 16.379  -1.426  -2.581  1.00 32.25 ? 921  THR A N   1 
ATOM   564  C CA  . THR A 1 76  ? 16.185  -0.368  -3.556  1.00 32.75 ? 921  THR A CA  1 
ATOM   565  C C   . THR A 1 76  ? 15.276  0.707   -2.983  1.00 31.88 ? 921  THR A C   1 
ATOM   566  O O   . THR A 1 76  ? 14.487  0.468   -2.063  1.00 28.25 ? 921  THR A O   1 
ATOM   567  C CB  . THR A 1 76  ? 15.621  -0.899  -4.876  1.00 38.49 ? 921  THR A CB  1 
ATOM   568  O OG1 . THR A 1 76  ? 15.828  0.079   -5.908  1.00 43.40 ? 921  THR A OG1 1 
ATOM   569  C CG2 . THR A 1 76  ? 14.130  -1.187  -4.744  1.00 33.14 ? 921  THR A CG2 1 
ATOM   570  N N   . LYS A 1 77  ? 15.418  1.899   -3.546  1.00 30.97 ? 922  LYS A N   1 
ATOM   571  C CA  . LYS A 1 77  ? 14.591  3.030   -3.175  1.00 28.09 ? 922  LYS A CA  1 
ATOM   572  C C   . LYS A 1 77  ? 13.205  2.863   -3.781  1.00 29.35 ? 922  LYS A C   1 
ATOM   573  O O   . LYS A 1 77  ? 13.063  2.547   -4.968  1.00 30.06 ? 922  LYS A O   1 
ATOM   574  C CB  . LYS A 1 77  ? 15.241  4.330   -3.647  1.00 29.50 ? 922  LYS A CB  1 
ATOM   575  C CG  . LYS A 1 77  ? 14.418  5.576   -3.369  1.00 35.24 ? 922  LYS A CG  1 
ATOM   576  C CD  . LYS A 1 77  ? 15.285  6.819   -3.377  1.00 41.29 ? 922  LYS A CD  1 
ATOM   577  C CE  . LYS A 1 77  ? 14.900  7.761   -2.247  1.00 44.57 ? 922  LYS A CE  1 
ATOM   578  N NZ  . LYS A 1 77  ? 15.439  9.129   -2.467  1.00 45.53 ? 922  LYS A NZ  1 
ATOM   579  N N   . CYS A 1 78  ? 12.186  3.036   -2.952  1.00 25.52 ? 923  CYS A N   1 
ATOM   580  C CA  . CYS A 1 78  ? 10.800  3.009   -3.393  1.00 24.31 ? 923  CYS A CA  1 
ATOM   581  C C   . CYS A 1 78  ? 10.263  4.430   -3.375  1.00 22.85 ? 923  CYS A C   1 
ATOM   582  O O   . CYS A 1 78  ? 10.344  5.104   -2.351  1.00 25.40 ? 923  CYS A O   1 
ATOM   583  C CB  . CYS A 1 78  ? 9.946   2.124   -2.482  1.00 21.91 ? 923  CYS A CB  1 
ATOM   584  S SG  . CYS A 1 78  ? 10.395  0.368   -2.524  1.00 28.92 ? 923  CYS A SG  1 
ATOM   585  N N   . LEU A 1 79  ? 9.749   4.889   -4.510  1.00 21.54 ? 924  LEU A N   1 
ATOM   586  C CA  . LEU A 1 79  ? 9.096   6.188   -4.600  1.00 21.33 ? 924  LEU A CA  1 
ATOM   587  C C   . LEU A 1 79  ? 7.592   5.959   -4.600  1.00 21.31 ? 924  LEU A C   1 
ATOM   588  O O   . LEU A 1 79  ? 7.067   5.313   -5.516  1.00 20.95 ? 924  LEU A O   1 
ATOM   589  C CB  . LEU A 1 79  ? 9.530   6.916   -5.869  1.00 23.80 ? 924  LEU A CB  1 
ATOM   590  C CG  . LEU A 1 79  ? 11.040  7.039   -6.043  1.00 28.02 ? 924  LEU A CG  1 
ATOM   591  C CD1 . LEU A 1 79  ? 11.347  7.755   -7.348  1.00 31.90 ? 924  LEU A CD1 1 
ATOM   592  C CD2 . LEU A 1 79  ? 11.637  7.765   -4.855  1.00 31.72 ? 924  LEU A CD2 1 
ATOM   593  N N   . ILE A 1 80  ? 6.897   6.492   -3.590  1.00 19.05 ? 925  ILE A N   1 
ATOM   594  C CA  . ILE A 1 80  ? 5.479   6.199   -3.359  1.00 20.24 ? 925  ILE A CA  1 
ATOM   595  C C   . ILE A 1 80  ? 4.633   7.405   -3.740  1.00 19.00 ? 925  ILE A C   1 
ATOM   596  O O   . ILE A 1 80  ? 4.906   8.526   -3.297  1.00 19.53 ? 925  ILE A O   1 
ATOM   597  C CB  . ILE A 1 80  ? 5.203   5.827   -1.892  1.00 22.11 ? 925  ILE A CB  1 
ATOM   598  C CG1 . ILE A 1 80  ? 6.172   4.742   -1.419  1.00 23.12 ? 925  ILE A CG1 1 
ATOM   599  C CG2 . ILE A 1 80  ? 3.726   5.425   -1.705  1.00 19.93 ? 925  ILE A CG2 1 
ATOM   600  C CD1 . ILE A 1 80  ? 6.016   3.425   -2.132  1.00 22.53 ? 925  ILE A CD1 1 
ATOM   601  N N   . THR A 1 81  ? 3.582   7.167   -4.528  1.00 18.43 ? 926  THR A N   1 
ATOM   602  C CA  . THR A 1 81  ? 2.542   8.171   -4.759  1.00 17.91 ? 926  THR A CA  1 
ATOM   603  C C   . THR A 1 81  ? 1.192   7.567   -4.392  1.00 20.68 ? 926  THR A C   1 
ATOM   604  O O   . THR A 1 81  ? 0.722   6.648   -5.069  1.00 20.39 ? 926  THR A O   1 
ATOM   605  C CB  . THR A 1 81  ? 2.509   8.642   -6.213  1.00 19.25 ? 926  THR A CB  1 
ATOM   606  O OG1 . THR A 1 81  ? 3.813   9.065   -6.631  1.00 21.63 ? 926  THR A OG1 1 
ATOM   607  C CG2 . THR A 1 81  ? 1.488   9.795   -6.367  1.00 22.85 ? 926  THR A CG2 1 
ATOM   608  N N   . ASP A 1 82  ? 0.576   8.089   -3.330  1.00 17.13 ? 927  ASP A N   1 
ATOM   609  C CA  . ASP A 1 82  ? -0.783  7.734   -2.931  1.00 17.20 ? 927  ASP A CA  1 
ATOM   610  C C   . ASP A 1 82  ? -1.745  8.755   -3.517  1.00 18.85 ? 927  ASP A C   1 
ATOM   611  O O   . ASP A 1 82  ? -1.507  9.957   -3.395  1.00 19.19 ? 927  ASP A O   1 
ATOM   612  C CB  . ASP A 1 82  ? -0.965  7.773   -1.413  1.00 18.76 ? 927  ASP A CB  1 
ATOM   613  C CG  . ASP A 1 82  ? -0.232  6.678   -0.677  1.00 17.25 ? 927  ASP A CG  1 
ATOM   614  O OD1 . ASP A 1 82  ? -0.092  5.551   -1.199  1.00 20.50 ? 927  ASP A OD1 1 
ATOM   615  O OD2 . ASP A 1 82  ? 0.184   6.962   0.472   1.00 19.15 ? 927  ASP A OD2 1 
ATOM   616  N N   . THR A 1 83  ? -2.855  8.288   -4.086  1.00 17.52 ? 928  THR A N   1 
ATOM   617  C CA  . THR A 1 83  ? -3.918  9.204   -4.490  1.00 18.45 ? 928  THR A CA  1 
ATOM   618  C C   . THR A 1 83  ? -5.250  8.738   -3.919  1.00 19.12 ? 928  THR A C   1 
ATOM   619  O O   . THR A 1 83  ? -5.530  7.536   -3.855  1.00 19.35 ? 928  THR A O   1 
ATOM   620  C CB  . THR A 1 83  ? -4.021  9.336   -6.024  1.00 19.74 ? 928  THR A CB  1 
ATOM   621  O OG1 . THR A 1 83  ? -4.024  8.037   -6.621  1.00 23.70 ? 928  THR A OG1 1 
ATOM   622  C CG2 . THR A 1 83  ? -2.849  10.155  -6.569  1.00 20.28 ? 928  THR A CG2 1 
ATOM   623  N N   . LEU A 1 84  ? -6.074  9.699   -3.509  1.00 15.86 ? 929  LEU A N   1 
ATOM   624  C CA  . LEU A 1 84  ? -7.388  9.409   -2.944  1.00 17.72 ? 929  LEU A CA  1 
ATOM   625  C C   . LEU A 1 84  ? -8.376  9.334   -4.103  1.00 21.86 ? 929  LEU A C   1 
ATOM   626  O O   . LEU A 1 84  ? -8.783  10.358  -4.655  1.00 23.33 ? 929  LEU A O   1 
ATOM   627  C CB  . LEU A 1 84  ? -7.776  10.473  -1.923  1.00 20.26 ? 929  LEU A CB  1 
ATOM   628  C CG  . LEU A 1 84  ? -9.089  10.220  -1.195  1.00 18.69 ? 929  LEU A CG  1 
ATOM   629  C CD1 . LEU A 1 84  ? -9.065  8.871   -0.484  1.00 21.34 ? 929  LEU A CD1 1 
ATOM   630  C CD2 . LEU A 1 84  ? -9.395  11.360  -0.221  1.00 21.64 ? 929  LEU A CD2 1 
ATOM   631  N N   . GLU A 1 85  ? -8.752  8.118   -4.479  1.00 18.42 ? 930  GLU A N   1 
ATOM   632  C CA  . GLU A 1 85  ? -9.620  7.922   -5.636  1.00 20.88 ? 930  GLU A CA  1 
ATOM   633  C C   . GLU A 1 85  ? -11.095 8.079   -5.302  1.00 24.94 ? 930  GLU A C   1 
ATOM   634  O O   . GLU A 1 85  ? -11.875 8.504   -6.164  1.00 25.65 ? 930  GLU A O   1 
ATOM   635  C CB  . GLU A 1 85  ? -9.371  6.540   -6.249  1.00 22.21 ? 930  GLU A CB  1 
ATOM   636  C CG  . GLU A 1 85  ? -7.942  6.345   -6.683  1.00 23.83 ? 930  GLU A CG  1 
ATOM   637  C CD  . GLU A 1 85  ? -7.551  7.293   -7.795  1.00 29.89 ? 930  GLU A CD  1 
ATOM   638  O OE1 . GLU A 1 85  ? -8.407  7.583   -8.657  1.00 35.00 ? 930  GLU A OE1 1 
ATOM   639  O OE2 . GLU A 1 85  ? -6.390  7.759   -7.808  1.00 31.60 ? 930  GLU A OE2 1 
ATOM   640  N N   . HIS A 1 86  ? -11.488 7.762   -4.069  1.00 20.69 ? 931  HIS A N   1 
ATOM   641  C CA  . HIS A 1 86  ? -12.870 7.850   -3.631  1.00 22.61 ? 931  HIS A CA  1 
ATOM   642  C C   . HIS A 1 86  ? -12.869 7.939   -2.117  1.00 20.76 ? 931  HIS A C   1 
ATOM   643  O O   . HIS A 1 86  ? -12.063 7.266   -1.470  1.00 20.89 ? 931  HIS A O   1 
ATOM   644  C CB  . HIS A 1 86  ? -13.664 6.625   -4.083  1.00 21.46 ? 931  HIS A CB  1 
ATOM   645  C CG  . HIS A 1 86  ? -15.142 6.815   -4.027  1.00 22.04 ? 931  HIS A CG  1 
ATOM   646  N ND1 . HIS A 1 86  ? -15.837 7.434   -5.042  1.00 23.70 ? 931  HIS A ND1 1 
ATOM   647  C CD2 . HIS A 1 86  ? -16.067 6.422   -3.118  1.00 22.62 ? 931  HIS A CD2 1 
ATOM   648  C CE1 . HIS A 1 86  ? -17.123 7.457   -4.739  1.00 24.46 ? 931  HIS A CE1 1 
ATOM   649  N NE2 . HIS A 1 86  ? -17.292 6.838   -3.583  1.00 25.65 ? 931  HIS A NE2 1 
ATOM   650  N N   . TYR A 1 87  ? -13.757 8.757   -1.552  1.00 19.84 ? 932  TYR A N   1 
ATOM   651  C CA  . TYR A 1 87  ? -13.859 8.847   -0.090  1.00 21.99 ? 932  TYR A CA  1 
ATOM   652  C C   . TYR A 1 87  ? -15.325 9.105   0.246   1.00 24.66 ? 932  TYR A C   1 
ATOM   653  O O   . TYR A 1 87  ? -15.805 10.230  0.098   1.00 23.76 ? 932  TYR A O   1 
ATOM   654  C CB  . TYR A 1 87  ? -12.955 9.945   0.476   1.00 23.79 ? 932  TYR A CB  1 
ATOM   655  C CG  . TYR A 1 87  ? -12.796 9.982   1.995   1.00 21.91 ? 932  TYR A CG  1 
ATOM   656  C CD1 . TYR A 1 87  ? -13.821 10.436  2.817   1.00 26.24 ? 932  TYR A CD1 1 
ATOM   657  C CD2 . TYR A 1 87  ? -11.602 9.593   2.601   1.00 22.10 ? 932  TYR A CD2 1 
ATOM   658  C CE1 . TYR A 1 87  ? -13.674 10.478  4.203   1.00 25.77 ? 932  TYR A CE1 1 
ATOM   659  C CE2 . TYR A 1 87  ? -11.444 9.634   3.991   1.00 20.49 ? 932  TYR A CE2 1 
ATOM   660  C CZ  . TYR A 1 87  ? -12.484 10.086  4.784   1.00 24.61 ? 932  TYR A CZ  1 
ATOM   661  O OH  . TYR A 1 87  ? -12.342 10.129  6.159   1.00 25.30 ? 932  TYR A OH  1 
ATOM   662  N N   . ASP A 1 88  ? -16.023 8.065   0.699   1.00 23.11 ? 933  ASP A N   1 
ATOM   663  C CA  . ASP A 1 88  ? -17.431 8.177   1.084   1.00 24.73 ? 933  ASP A CA  1 
ATOM   664  C C   . ASP A 1 88  ? -17.631 7.270   2.296   1.00 23.82 ? 933  ASP A C   1 
ATOM   665  O O   . ASP A 1 88  ? -17.745 6.048   2.151   1.00 25.48 ? 933  ASP A O   1 
ATOM   666  C CB  . ASP A 1 88  ? -18.343 7.794   -0.076  1.00 25.74 ? 933  ASP A CB  1 
ATOM   667  C CG  . ASP A 1 88  ? -19.816 7.826   0.293   1.00 28.63 ? 933  ASP A CG  1 
ATOM   668  O OD1 . ASP A 1 88  ? -20.149 8.211   1.427   1.00 29.11 ? 933  ASP A OD1 1 
ATOM   669  O OD2 . ASP A 1 88  ? -20.643 7.488   -0.578  1.00 32.59 ? 933  ASP A OD2 1 
ATOM   670  N N   . LEU A 1 89  ? -17.670 7.870   3.488   1.00 27.03 ? 934  LEU A N   1 
ATOM   671  C CA  . LEU A 1 89  ? -17.740 7.079   4.710   1.00 26.71 ? 934  LEU A CA  1 
ATOM   672  C C   . LEU A 1 89  ? -19.080 6.371   4.884   1.00 29.12 ? 934  LEU A C   1 
ATOM   673  O O   . LEU A 1 89  ? -19.217 5.564   5.808   1.00 30.14 ? 934  LEU A O   1 
ATOM   674  C CB  . LEU A 1 89  ? -17.423 7.960   5.926   1.00 28.75 ? 934  LEU A CB  1 
ATOM   675  C CG  . LEU A 1 89  ? -15.955 8.405   6.020   1.00 28.20 ? 934  LEU A CG  1 
ATOM   676  C CD1 . LEU A 1 89  ? -15.638 9.164   7.319   1.00 28.46 ? 934  LEU A CD1 1 
ATOM   677  C CD2 . LEU A 1 89  ? -15.029 7.206   5.861   1.00 30.56 ? 934  LEU A CD2 1 
ATOM   678  N N   . GLU A 1 90  ? -20.057 6.633   4.021   1.00 28.76 ? 935  GLU A N   1 
ATOM   679  C CA  . GLU A 1 90  ? -21.278 5.843   3.994   1.00 33.64 ? 935  GLU A CA  1 
ATOM   680  C C   . GLU A 1 90  ? -21.161 4.632   3.082   1.00 29.85 ? 935  GLU A C   1 
ATOM   681  O O   . GLU A 1 90  ? -22.098 3.830   3.020   1.00 31.49 ? 935  GLU A O   1 
ATOM   682  C CB  . GLU A 1 90  ? -22.468 6.708   3.554   1.00 31.72 ? 935  GLU A CB  1 
ATOM   683  C CG  . GLU A 1 90  ? -22.692 7.968   4.388   1.00 40.27 ? 935  GLU A CG  1 
ATOM   684  C CD  . GLU A 1 90  ? -23.186 7.668   5.793   1.00 45.69 ? 935  GLU A CD  1 
ATOM   685  O OE1 . GLU A 1 90  ? -23.018 8.529   6.684   1.00 51.64 ? 935  GLU A OE1 1 
ATOM   686  O OE2 . GLU A 1 90  ? -23.747 6.574   6.008   1.00 45.46 ? 935  GLU A OE2 1 
ATOM   687  N N   . ASP A 1 91  ? -20.027 4.464   2.396   1.00 26.94 ? 936  ASP A N   1 
ATOM   688  C CA  . ASP A 1 91  ? -19.924 3.462   1.342   1.00 25.92 ? 936  ASP A CA  1 
ATOM   689  C C   . ASP A 1 91  ? -18.542 2.815   1.313   1.00 24.35 ? 936  ASP A C   1 
ATOM   690  O O   . ASP A 1 91  ? -18.356 1.715   1.847   1.00 25.06 ? 936  ASP A O   1 
ATOM   691  C CB  . ASP A 1 91  ? -20.254 4.101   -0.007  1.00 27.51 ? 936  ASP A CB  1 
ATOM   692  C CG  . ASP A 1 91  ? -20.481 3.086   -1.099  1.00 28.84 ? 936  ASP A CG  1 
ATOM   693  O OD1 . ASP A 1 91  ? -20.563 1.876   -0.796  1.00 31.21 ? 936  ASP A OD1 1 
ATOM   694  O OD2 . ASP A 1 91  ? -20.587 3.498   -2.274  1.00 33.69 ? 936  ASP A OD2 1 
ATOM   695  N N   . TYR A 1 92  ? -17.568 3.473   0.687   1.00 23.35 ? 937  TYR A N   1 
ATOM   696  C CA  . TYR A 1 92  ? -16.223 2.917   0.621   1.00 22.64 ? 937  TYR A CA  1 
ATOM   697  C C   . TYR A 1 92  ? -15.209 4.035   0.395   1.00 23.35 ? 937  TYR A C   1 
ATOM   698  O O   . TYR A 1 92  ? -15.544 5.147   -0.026  1.00 21.13 ? 937  TYR A O   1 
ATOM   699  C CB  . TYR A 1 92  ? -16.106 1.853   -0.484  1.00 20.12 ? 937  TYR A CB  1 
ATOM   700  C CG  . TYR A 1 92  ? -16.131 2.423   -1.881  1.00 22.37 ? 937  TYR A CG  1 
ATOM   701  C CD1 . TYR A 1 92  ? -17.338 2.694   -2.527  1.00 25.37 ? 937  TYR A CD1 1 
ATOM   702  C CD2 . TYR A 1 92  ? -14.953 2.695   -2.558  1.00 21.55 ? 937  TYR A CD2 1 
ATOM   703  C CE1 . TYR A 1 92  ? -17.355 3.218   -3.815  1.00 26.27 ? 937  TYR A CE1 1 
ATOM   704  C CE2 . TYR A 1 92  ? -14.962 3.217   -3.836  1.00 23.19 ? 937  TYR A CE2 1 
ATOM   705  C CZ  . TYR A 1 92  ? -16.164 3.484   -4.458  1.00 24.29 ? 937  TYR A CZ  1 
ATOM   706  O OH  . TYR A 1 92  ? -16.148 4.002   -5.733  1.00 27.22 ? 937  TYR A OH  1 
ATOM   707  N N   . VAL A 1 93  ? -13.948 3.716   0.689   1.00 17.83 ? 938  VAL A N   1 
ATOM   708  C CA  . VAL A 1 93  ? -12.821 4.599   0.418   1.00 17.67 ? 938  VAL A CA  1 
ATOM   709  C C   . VAL A 1 93  ? -11.836 3.820   -0.438  1.00 18.59 ? 938  VAL A C   1 
ATOM   710  O O   . VAL A 1 93  ? -11.590 2.640   -0.176  1.00 19.32 ? 938  VAL A O   1 
ATOM   711  C CB  . VAL A 1 93  ? -12.159 5.078   1.729   1.00 18.45 ? 938  VAL A CB  1 
ATOM   712  C CG1 . VAL A 1 93  ? -10.933 5.924   1.449   1.00 18.49 ? 938  VAL A CG1 1 
ATOM   713  C CG2 . VAL A 1 93  ? -13.180 5.845   2.596   1.00 20.43 ? 938  VAL A CG2 1 
ATOM   714  N N   . LYS A 1 94  ? -11.292 4.460   -1.474  1.00 17.36 ? 939  LYS A N   1 
ATOM   715  C CA  . LYS A 1 94  ? -10.322 3.805   -2.350  1.00 16.34 ? 939  LYS A CA  1 
ATOM   716  C C   . LYS A 1 94  ? -9.058  4.642   -2.425  1.00 18.19 ? 939  LYS A C   1 
ATOM   717  O O   . LYS A 1 94  ? -9.114  5.820   -2.788  1.00 18.85 ? 939  LYS A O   1 
ATOM   718  C CB  . LYS A 1 94  ? -10.881 3.592   -3.762  1.00 20.44 ? 939  LYS A CB  1 
ATOM   719  C CG  . LYS A 1 94  ? -9.881  2.914   -4.713  1.00 20.29 ? 939  LYS A CG  1 
ATOM   720  C CD  . LYS A 1 94  ? -10.438 2.719   -6.128  1.00 22.76 ? 939  LYS A CD  1 
ATOM   721  C CE  . LYS A 1 94  ? -9.406  2.129   -7.094  1.00 25.83 ? 939  LYS A CE  1 
ATOM   722  N NZ  . LYS A 1 94  ? -9.884  2.239   -8.516  1.00 29.18 ? 939  LYS A NZ  1 
ATOM   723  N N   . VAL A 1 95  ? -7.922  4.030   -2.088  1.00 16.77 ? 940  VAL A N   1 
ATOM   724  C CA  . VAL A 1 95  ? -6.615  4.659   -2.221  1.00 16.61 ? 940  VAL A CA  1 
ATOM   725  C C   . VAL A 1 95  ? -5.811  3.873   -3.239  1.00 17.24 ? 940  VAL A C   1 
ATOM   726  O O   . VAL A 1 95  ? -5.713  2.644   -3.150  1.00 18.43 ? 940  VAL A O   1 
ATOM   727  C CB  . VAL A 1 95  ? -5.872  4.727   -0.874  1.00 16.99 ? 940  VAL A CB  1 
ATOM   728  C CG1 . VAL A 1 95  ? -4.437  5.209   -1.094  1.00 18.50 ? 940  VAL A CG1 1 
ATOM   729  C CG2 . VAL A 1 95  ? -6.628  5.659   0.087   1.00 18.41 ? 940  VAL A CG2 1 
ATOM   730  N N   . LEU A 1 96  ? -5.239  4.580   -4.199  1.00 16.56 ? 941  LEU A N   1 
ATOM   731  C CA  . LEU A 1 96  ? -4.326  4.000   -5.170  1.00 17.34 ? 941  LEU A CA  1 
ATOM   732  C C   . LEU A 1 96  ? -2.904  4.372   -4.777  1.00 19.31 ? 941  LEU A C   1 
ATOM   733  O O   . LEU A 1 96  ? -2.597  5.556   -4.608  1.00 19.75 ? 941  LEU A O   1 
ATOM   734  C CB  . LEU A 1 96  ? -4.654  4.515   -6.572  1.00 21.44 ? 941  LEU A CB  1 
ATOM   735  C CG  . LEU A 1 96  ? -3.666  4.135   -7.659  1.00 24.15 ? 941  LEU A CG  1 
ATOM   736  C CD1 . LEU A 1 96  ? -3.847  2.669   -7.911  1.00 26.36 ? 941  LEU A CD1 1 
ATOM   737  C CD2 . LEU A 1 96  ? -3.916  4.939   -8.929  1.00 25.19 ? 941  LEU A CD2 1 
ATOM   738  N N   . SER A 1 97  ? -2.038  3.368   -4.631  1.00 18.22 ? 942  SER A N   1 
ATOM   739  C CA  . SER A 1 97  ? -0.636  3.595   -4.282  1.00 18.03 ? 942  SER A CA  1 
ATOM   740  C C   . SER A 1 97  ? 0.245   3.106   -5.423  1.00 20.75 ? 942  SER A C   1 
ATOM   741  O O   . SER A 1 97  ? 0.294   1.902   -5.702  1.00 24.43 ? 942  SER A O   1 
ATOM   742  C CB  . SER A 1 97  ? -0.268  2.881   -2.988  1.00 19.92 ? 942  SER A CB  1 
ATOM   743  O OG  . SER A 1 97  ? 0.992   3.345   -2.506  1.00 22.52 ? 942  SER A OG  1 
ATOM   744  N N   . ILE A 1 98  ? 0.954   4.025   -6.064  1.00 17.43 ? 943  ILE A N   1 
ATOM   745  C CA  . ILE A 1 98  ? 1.912   3.679   -7.115  1.00 19.07 ? 943  ILE A CA  1 
ATOM   746  C C   . ILE A 1 98  ? 3.315   3.658   -6.523  1.00 23.46 ? 943  ILE A C   1 
ATOM   747  O O   . ILE A 1 98  ? 3.740   4.617   -5.861  1.00 21.80 ? 943  ILE A O   1 
ATOM   748  C CB  . ILE A 1 98  ? 1.827   4.664   -8.295  1.00 23.01 ? 943  ILE A CB  1 
ATOM   749  C CG1 . ILE A 1 98  ? 0.429   4.653   -8.924  1.00 22.43 ? 943  ILE A CG1 1 
ATOM   750  C CG2 . ILE A 1 98  ? 2.867   4.303   -9.368  1.00 23.55 ? 943  ILE A CG2 1 
ATOM   751  C CD1 . ILE A 1 98  ? -0.040  3.289   -9.368  1.00 29.54 ? 943  ILE A CD1 1 
ATOM   752  N N   . THR A 1 99  ? 4.048   2.570   -6.767  1.00 20.65 ? 944  THR A N   1 
ATOM   753  C CA  . THR A 1 99  ? 5.439   2.469   -6.359  1.00 22.20 ? 944  THR A CA  1 
ATOM   754  C C   . THR A 1 99  ? 6.317   2.460   -7.599  1.00 23.12 ? 944  THR A C   1 
ATOM   755  O O   . THR A 1 99  ? 6.090   1.672   -8.521  1.00 23.88 ? 944  THR A O   1 
ATOM   756  C CB  . THR A 1 99  ? 5.707   1.206   -5.539  1.00 25.46 ? 944  THR A CB  1 
ATOM   757  O OG1 . THR A 1 99  ? 4.903   1.224   -4.354  1.00 28.45 ? 944  THR A OG1 1 
ATOM   758  C CG2 . THR A 1 99  ? 7.166   1.149   -5.128  1.00 25.32 ? 944  THR A CG2 1 
ATOM   759  N N   . LYS A 1 100 ? 7.315   3.336   -7.620  1.00 21.24 ? 945  LYS A N   1 
ATOM   760  C CA  . LYS A 1 100 ? 8.326   3.334   -8.665  1.00 23.53 ? 945  LYS A CA  1 
ATOM   761  C C   . LYS A 1 100 ? 9.657   2.895   -8.071  1.00 23.96 ? 945  LYS A C   1 
ATOM   762  O O   . LYS A 1 100 ? 10.009  3.289   -6.954  1.00 25.99 ? 945  LYS A O   1 
ATOM   763  C CB  . LYS A 1 100 ? 8.460   4.716   -9.310  1.00 27.76 ? 945  LYS A CB  1 
ATOM   764  C CG  . LYS A 1 100 ? 7.285   5.122   -10.187 1.00 28.74 ? 945  LYS A CG  1 
ATOM   765  C CD  . LYS A 1 100 ? 7.249   4.299   -11.467 1.00 33.11 ? 945  LYS A CD  1 
ATOM   766  C CE  . LYS A 1 100 ? 8.597   4.302   -12.183 1.00 36.30 ? 945  LYS A CE  1 
ATOM   767  N NZ  . LYS A 1 100 ? 8.555   3.590   -13.496 1.00 40.01 ? 945  LYS A NZ  1 
ATOM   768  N N   . ASN A 1 101 ? 10.396  2.080   -8.830  1.00 26.53 ? 946  ASN A N   1 
ATOM   769  C CA  . ASN A 1 101 ? 11.686  1.533   -8.409  1.00 29.28 ? 946  ASN A CA  1 
ATOM   770  C C   . ASN A 1 101 ? 12.693  1.767   -9.524  1.00 32.46 ? 946  ASN A C   1 
ATOM   771  O O   . ASN A 1 101 ? 13.064  0.837   -10.253 1.00 30.78 ? 946  ASN A O   1 
ATOM   772  C CB  . ASN A 1 101 ? 11.574  0.047   -8.072  1.00 27.61 ? 946  ASN A CB  1 
ATOM   773  C CG  . ASN A 1 101 ? 10.650  -0.213  -6.902  1.00 29.81 ? 946  ASN A CG  1 
ATOM   774  O OD1 . ASN A 1 101 ? 11.032  -0.022  -5.745  1.00 29.74 ? 946  ASN A OD1 1 
ATOM   775  N ND2 . ASN A 1 101 ? 9.426   -0.635  -7.193  1.00 32.72 ? 946  ASN A ND2 1 
ATOM   776  N N   . PRO A 1 102 ? 13.169  3.003   -9.683  1.00 33.91 ? 947  PRO A N   1 
ATOM   777  C CA  . PRO A 1 102 ? 14.058  3.299   -10.816 1.00 36.46 ? 947  PRO A CA  1 
ATOM   778  C C   . PRO A 1 102 ? 15.395  2.577   -10.758 1.00 39.82 ? 947  PRO A C   1 
ATOM   779  O O   . PRO A 1 102 ? 16.079  2.506   -11.787 1.00 40.78 ? 947  PRO A O   1 
ATOM   780  C CB  . PRO A 1 102 ? 14.236  4.822   -10.730 1.00 35.45 ? 947  PRO A CB  1 
ATOM   781  C CG  . PRO A 1 102 ? 14.011  5.140   -9.289  1.00 35.32 ? 947  PRO A CG  1 
ATOM   782  C CD  . PRO A 1 102 ? 12.942  4.185   -8.832  1.00 35.05 ? 947  PRO A CD  1 
ATOM   783  N N   . ASP A 1 103 ? 15.777  2.016   -9.608  1.00 33.93 ? 948  ASP A N   1 
ATOM   784  C CA  . ASP A 1 103 ? 17.104  1.445   -9.412  1.00 37.91 ? 948  ASP A CA  1 
ATOM   785  C C   . ASP A 1 103 ? 17.127  -0.083  -9.498  1.00 39.69 ? 948  ASP A C   1 
ATOM   786  O O   . ASP A 1 103 ? 18.073  -0.705  -9.003  1.00 41.92 ? 948  ASP A O   1 
ATOM   787  C CB  . ASP A 1 103 ? 17.678  1.897   -8.067  1.00 37.99 ? 948  ASP A CB  1 
ATOM   788  C CG  . ASP A 1 103 ? 17.927  3.395   -8.010  1.00 44.29 ? 948  ASP A CG  1 
ATOM   789  O OD1 . ASP A 1 103 ? 18.002  4.029   -9.086  1.00 44.64 ? 948  ASP A OD1 1 
ATOM   790  O OD2 . ASP A 1 103 ? 18.053  3.940   -6.890  1.00 45.02 ? 948  ASP A OD2 1 
ATOM   791  N N   . VAL A 1 104 ? 16.127  -0.698  -10.112 1.00 34.26 ? 949  VAL A N   1 
ATOM   792  C CA  . VAL A 1 104 ? 16.113  -2.153  -10.277 1.00 35.54 ? 949  VAL A CA  1 
ATOM   793  C C   . VAL A 1 104 ? 16.065  -2.460  -11.757 1.00 36.81 ? 949  VAL A C   1 
ATOM   794  O O   . VAL A 1 104 ? 15.682  -1.602  -12.577 1.00 34.00 ? 949  VAL A O   1 
ATOM   795  C CB  . VAL A 1 104 ? 14.928  -2.803  -9.522  1.00 34.36 ? 949  VAL A CB  1 
ATOM   796  C CG1 . VAL A 1 104 ? 14.953  -2.404  -8.062  1.00 33.69 ? 949  VAL A CG1 1 
ATOM   797  C CG2 . VAL A 1 104 ? 13.608  -2.439  -10.180 1.00 32.21 ? 949  VAL A CG2 1 
ATOM   798  N N   . PRO A 1 105 ? 16.467  -3.667  -12.162 1.00 34.75 ? 950  PRO A N   1 
ATOM   799  C CA  . PRO A 1 105 ? 16.367  -4.056  -13.572 1.00 33.16 ? 950  PRO A CA  1 
ATOM   800  C C   . PRO A 1 105 ? 14.953  -3.884  -14.102 1.00 34.01 ? 950  PRO A C   1 
ATOM   801  O O   . PRO A 1 105 ? 13.976  -4.247  -13.442 1.00 33.86 ? 950  PRO A O   1 
ATOM   802  C CB  . PRO A 1 105 ? 16.794  -5.526  -13.563 1.00 32.23 ? 950  PRO A CB  1 
ATOM   803  C CG  . PRO A 1 105 ? 17.728  -5.624  -12.393 1.00 37.97 ? 950  PRO A CG  1 
ATOM   804  C CD  . PRO A 1 105 ? 17.166  -4.685  -11.354 1.00 38.75 ? 950  PRO A CD  1 
ATOM   805  N N   . SER A 1 106 ? 14.852  -3.320  -15.304 1.00 31.91 ? 951  SER A N   1 
ATOM   806  C CA  . SER A 1 106 ? 13.601  -2.939  -15.948 1.00 32.44 ? 951  SER A CA  1 
ATOM   807  C C   . SER A 1 106 ? 12.844  -1.872  -15.161 1.00 29.01 ? 951  SER A C   1 
ATOM   808  O O   . SER A 1 106 ? 11.701  -1.557  -15.500 1.00 30.86 ? 951  SER A O   1 
ATOM   809  C CB  . SER A 1 106 ? 12.691  -4.155  -16.195 1.00 27.85 ? 951  SER A CB  1 
ATOM   810  O OG  . SER A 1 106 ? 13.295  -5.116  -17.058 1.00 31.69 ? 951  SER A OG  1 
ATOM   811  N N   . GLY A 1 107 ? 13.471  -1.285  -14.139 1.00 29.51 ? 952  GLY A N   1 
ATOM   812  C CA  . GLY A 1 107 ? 12.786  -0.349  -13.261 1.00 32.57 ? 952  GLY A CA  1 
ATOM   813  C C   . GLY A 1 107 ? 12.321  0.917   -13.945 1.00 33.01 ? 952  GLY A C   1 
ATOM   814  O O   . GLY A 1 107 ? 11.437  1.606   -13.424 1.00 33.51 ? 952  GLY A O   1 
ATOM   815  N N   . ASN A 1 108 ? 12.888  1.238   -15.102 1.00 35.58 ? 953  ASN A N   1 
ATOM   816  C CA  . ASN A 1 108 ? 12.460  2.406   -15.856 1.00 37.73 ? 953  ASN A CA  1 
ATOM   817  C C   . ASN A 1 108 ? 11.238  2.142   -16.729 1.00 35.44 ? 953  ASN A C   1 
ATOM   818  O O   . ASN A 1 108 ? 10.707  3.092   -17.317 1.00 35.57 ? 953  ASN A O   1 
ATOM   819  C CB  . ASN A 1 108 ? 13.617  2.922   -16.720 1.00 37.41 ? 953  ASN A CB  1 
ATOM   820  C CG  . ASN A 1 108 ? 14.244  1.834   -17.575 1.00 41.30 ? 953  ASN A CG  1 
ATOM   821  O OD1 . ASN A 1 108 ? 13.951  1.720   -18.764 1.00 44.07 ? 953  ASN A OD1 1 
ATOM   822  N ND2 . ASN A 1 108 ? 15.112  1.025   -16.968 1.00 44.21 ? 953  ASN A ND2 1 
ATOM   823  N N   . ILE A 1 109 ? 10.766  0.898   -16.826 1.00 29.65 ? 954  ILE A N   1 
ATOM   824  C CA  . ILE A 1 109 ? 9.641   0.606   -17.710 1.00 31.22 ? 954  ILE A CA  1 
ATOM   825  C C   . ILE A 1 109 ? 8.510   -0.131  -16.998 1.00 27.22 ? 954  ILE A C   1 
ATOM   826  O O   . ILE A 1 109 ? 7.666   -0.757  -17.650 1.00 27.36 ? 954  ILE A O   1 
ATOM   827  C CB  . ILE A 1 109 ? 10.095  -0.202  -18.937 1.00 34.61 ? 954  ILE A CB  1 
ATOM   828  C CG1 . ILE A 1 109 ? 10.780  -1.495  -18.489 1.00 31.57 ? 954  ILE A CG1 1 
ATOM   829  C CG2 . ILE A 1 109 ? 11.003  0.650   -19.819 1.00 35.87 ? 954  ILE A CG2 1 
ATOM   830  C CD1 . ILE A 1 109 ? 10.461  -2.679  -19.357 1.00 34.07 ? 954  ILE A CD1 1 
ATOM   831  N N   . PHE A 1 110 ? 8.466   -0.070  -15.668 1.00 27.72 ? 955  PHE A N   1 
ATOM   832  C CA  . PHE A 1 110 ? 7.272   -0.528  -14.969 1.00 24.41 ? 955  PHE A CA  1 
ATOM   833  C C   . PHE A 1 110 ? 7.044   0.307   -13.722 1.00 23.38 ? 955  PHE A C   1 
ATOM   834  O O   . PHE A 1 110 ? 7.970   0.919   -13.182 1.00 25.27 ? 955  PHE A O   1 
ATOM   835  C CB  . PHE A 1 110 ? 7.307   -2.027  -14.585 1.00 24.27 ? 955  PHE A CB  1 
ATOM   836  C CG  . PHE A 1 110 ? 8.249   -2.373  -13.447 1.00 23.96 ? 955  PHE A CG  1 
ATOM   837  C CD1 . PHE A 1 110 ? 7.807   -2.373  -12.128 1.00 25.22 ? 955  PHE A CD1 1 
ATOM   838  C CD2 . PHE A 1 110 ? 9.560   -2.752  -13.701 1.00 28.05 ? 955  PHE A CD2 1 
ATOM   839  C CE1 . PHE A 1 110 ? 8.666   -2.705  -11.084 1.00 24.51 ? 955  PHE A CE1 1 
ATOM   840  C CE2 . PHE A 1 110 ? 10.424  -3.078  -12.663 1.00 26.35 ? 955  PHE A CE2 1 
ATOM   841  C CZ  . PHE A 1 110 ? 9.972   -3.070  -11.354 1.00 28.10 ? 955  PHE A CZ  1 
ATOM   842  N N   . SER A 1 111 ? 5.787   0.328   -13.293 1.00 26.80 ? 956  SER A N   1 
ATOM   843  C CA  . SER A 1 111 ? 5.384   0.816   -11.986 1.00 24.34 ? 956  SER A CA  1 
ATOM   844  C C   . SER A 1 111 ? 4.505   -0.241  -11.333 1.00 23.91 ? 956  SER A C   1 
ATOM   845  O O   . SER A 1 111 ? 3.893   -1.077  -12.001 1.00 23.98 ? 956  SER A O   1 
ATOM   846  C CB  . SER A 1 111 ? 4.626   2.148   -12.077 1.00 25.31 ? 956  SER A CB  1 
ATOM   847  O OG  . SER A 1 111 ? 3.487   2.036   -12.909 1.00 29.85 ? 956  SER A OG  1 
ATOM   848  N N   . VAL A 1 112 ? 4.439   -0.193  -10.010 1.00 22.04 ? 957  VAL A N   1 
ATOM   849  C CA  . VAL A 1 112 ? 3.665   -1.148  -9.230  1.00 19.78 ? 957  VAL A CA  1 
ATOM   850  C C   . VAL A 1 112 ? 2.443   -0.427  -8.691  1.00 24.06 ? 957  VAL A C   1 
ATOM   851  O O   . VAL A 1 112 ? 2.563   0.666   -8.123  1.00 22.13 ? 957  VAL A O   1 
ATOM   852  C CB  . VAL A 1 112 ? 4.491   -1.759  -8.088  1.00 19.90 ? 957  VAL A CB  1 
ATOM   853  C CG1 . VAL A 1 112 ? 3.630   -2.696  -7.257  1.00 22.82 ? 957  VAL A CG1 1 
ATOM   854  C CG2 . VAL A 1 112 ? 5.718   -2.499  -8.653  1.00 23.45 ? 957  VAL A CG2 1 
ATOM   855  N N   . LYS A 1 113 ? 1.278   -1.035  -8.867  1.00 22.81 ? 958  LYS A N   1 
ATOM   856  C CA  . LYS A 1 113 ? 0.011   -0.414  -8.513  1.00 22.92 ? 958  LYS A CA  1 
ATOM   857  C C   . LYS A 1 113 ? -0.643  -1.264  -7.435  1.00 24.36 ? 958  LYS A C   1 
ATOM   858  O O   . LYS A 1 113 ? -0.900  -2.452  -7.644  1.00 23.42 ? 958  LYS A O   1 
ATOM   859  C CB  . LYS A 1 113 ? -0.869  -0.285  -9.759  1.00 24.84 ? 958  LYS A CB  1 
ATOM   860  C CG  . LYS A 1 113 ? -2.285  0.106   -9.508  1.00 33.22 ? 958  LYS A CG  1 
ATOM   861  C CD  . LYS A 1 113 ? -2.804  0.867   -10.717 1.00 38.14 ? 958  LYS A CD  1 
ATOM   862  C CE  . LYS A 1 113 ? -3.561  -0.049  -11.625 1.00 41.80 ? 958  LYS A CE  1 
ATOM   863  N NZ  . LYS A 1 113 ? -4.921  -0.247  -11.057 1.00 47.07 ? 958  LYS A NZ  1 
ATOM   864  N N   . THR A 1 114 ? -0.893  -0.669  -6.275  1.00 20.58 ? 959  THR A N   1 
ATOM   865  C CA  . THR A 1 114 ? -1.547  -1.357  -5.175  1.00 19.83 ? 959  THR A CA  1 
ATOM   866  C C   . THR A 1 114 ? -2.811  -0.585  -4.852  1.00 19.98 ? 959  THR A C   1 
ATOM   867  O O   . THR A 1 114 ? -2.767  0.634   -4.655  1.00 19.88 ? 959  THR A O   1 
ATOM   868  C CB  . THR A 1 114 ? -0.637  -1.468  -3.945  1.00 21.10 ? 959  THR A CB  1 
ATOM   869  O OG1 . THR A 1 114 ? 0.560   -2.162  -4.313  1.00 23.43 ? 959  THR A OG1 1 
ATOM   870  C CG2 . THR A 1 114 ? -1.319  -2.252  -2.830  1.00 21.34 ? 959  THR A CG2 1 
ATOM   871  N N   . VAL A 1 115 ? -3.939  -1.273  -4.852  1.00 17.64 ? 960  VAL A N   1 
ATOM   872  C CA  . VAL A 1 115 ? -5.220  -0.653  -4.547  1.00 17.90 ? 960  VAL A CA  1 
ATOM   873  C C   . VAL A 1 115 ? -5.657  -1.098  -3.161  1.00 20.98 ? 960  VAL A C   1 
ATOM   874  O O   . VAL A 1 115 ? -5.681  -2.300  -2.868  1.00 20.05 ? 960  VAL A O   1 
ATOM   875  C CB  . VAL A 1 115 ? -6.275  -1.018  -5.607  1.00 20.04 ? 960  VAL A CB  1 
ATOM   876  C CG1 . VAL A 1 115 ? -7.642  -0.471  -5.212  1.00 22.42 ? 960  VAL A CG1 1 
ATOM   877  C CG2 . VAL A 1 115 ? -5.855  -0.484  -6.958  1.00 25.11 ? 960  VAL A CG2 1 
ATOM   878  N N   . PHE A 1 116 ? -5.988  -0.127  -2.303  1.00 17.20 ? 961  PHE A N   1 
ATOM   879  C CA  . PHE A 1 116 ? -6.551  -0.377  -0.979  1.00 18.49 ? 961  PHE A CA  1 
ATOM   880  C C   . PHE A 1 116 ? -8.003  0.077   -1.022  1.00 17.08 ? 961  PHE A C   1 
ATOM   881  O O   . PHE A 1 116 ? -8.279  1.268   -1.211  1.00 18.48 ? 961  PHE A O   1 
ATOM   882  C CB  . PHE A 1 116 ? -5.785  0.358   0.121   1.00 19.17 ? 961  PHE A CB  1 
ATOM   883  C CG  . PHE A 1 116 ? -4.340  -0.042  0.213   1.00 17.20 ? 961  PHE A CG  1 
ATOM   884  C CD1 . PHE A 1 116 ? -3.953  -1.172  0.936   1.00 17.57 ? 961  PHE A CD1 1 
ATOM   885  C CD2 . PHE A 1 116 ? -3.362  0.709   -0.430  1.00 19.57 ? 961  PHE A CD2 1 
ATOM   886  C CE1 . PHE A 1 116 ? -2.612  -1.541  1.023   1.00 18.55 ? 961  PHE A CE1 1 
ATOM   887  C CE2 . PHE A 1 116 ? -2.016  0.347   -0.355  1.00 18.38 ? 961  PHE A CE2 1 
ATOM   888  C CZ  . PHE A 1 116 ? -1.638  -0.780  0.370   1.00 21.63 ? 961  PHE A CZ  1 
ATOM   889  N N   . LEU A 1 117 ? -8.918  -0.876  -0.853  1.00 19.17 ? 962  LEU A N   1 
ATOM   890  C CA  . LEU A 1 117 ? -10.355 -0.627  -0.826  1.00 18.91 ? 962  LEU A CA  1 
ATOM   891  C C   . LEU A 1 117 ? -10.845 -0.869  0.591   1.00 20.21 ? 962  LEU A C   1 
ATOM   892  O O   . LEU A 1 117 ? -10.678 -1.972  1.119   1.00 23.02 ? 962  LEU A O   1 
ATOM   893  C CB  . LEU A 1 117 ? -11.093 -1.549  -1.799  1.00 20.73 ? 962  LEU A CB  1 
ATOM   894  C CG  . LEU A 1 117 ? -11.099 -1.221  -3.291  1.00 29.26 ? 962  LEU A CG  1 
ATOM   895  C CD1 . LEU A 1 117 ? -11.841 -2.296  -4.061  1.00 31.73 ? 962  LEU A CD1 1 
ATOM   896  C CD2 . LEU A 1 117 ? -11.750 0.116   -3.540  1.00 28.43 ? 962  LEU A CD2 1 
ATOM   897  N N   . PHE A 1 118 ? -11.422 0.154   1.211   1.00 16.39 ? 963  PHE A N   1 
ATOM   898  C CA  . PHE A 1 118 ? -11.972 0.057   2.562   1.00 16.71 ? 963  PHE A CA  1 
ATOM   899  C C   . PHE A 1 118 ? -13.484 0.205   2.477   1.00 19.14 ? 963  PHE A C   1 
ATOM   900  O O   . PHE A 1 118 ? -13.977 1.202   1.947   1.00 20.58 ? 963  PHE A O   1 
ATOM   901  C CB  . PHE A 1 118 ? -11.418 1.144   3.478   1.00 19.63 ? 963  PHE A CB  1 
ATOM   902  C CG  . PHE A 1 118 ? -9.918  1.198   3.545   1.00 19.11 ? 963  PHE A CG  1 
ATOM   903  C CD1 . PHE A 1 118 ? -9.195  1.902   2.591   1.00 17.36 ? 963  PHE A CD1 1 
ATOM   904  C CD2 . PHE A 1 118 ? -9.240  0.606   4.600   1.00 18.60 ? 963  PHE A CD2 1 
ATOM   905  C CE1 . PHE A 1 118 ? -7.815  1.983   2.667   1.00 18.90 ? 963  PHE A CE1 1 
ATOM   906  C CE2 . PHE A 1 118 ? -7.852  0.681   4.677   1.00 18.70 ? 963  PHE A CE2 1 
ATOM   907  C CZ  . PHE A 1 118 ? -7.144  1.371   3.711   1.00 18.79 ? 963  PHE A CZ  1 
ATOM   908  N N   . SER A 1 119 ? -14.211 -0.756  3.033   1.00 19.41 ? 964  SER A N   1 
ATOM   909  C CA  . SER A 1 119 ? -15.669 -0.698  3.009   1.00 18.05 ? 964  SER A CA  1 
ATOM   910  C C   . SER A 1 119 ? -16.212 -1.165  4.350   1.00 21.44 ? 964  SER A C   1 
ATOM   911  O O   . SER A 1 119 ? -15.470 -1.597  5.234   1.00 20.74 ? 964  SER A O   1 
ATOM   912  C CB  . SER A 1 119 ? -16.251 -1.545  1.868   1.00 23.52 ? 964  SER A CB  1 
ATOM   913  O OG  . SER A 1 119 ? -15.821 -2.897  1.949   1.00 25.23 ? 964  SER A OG  1 
ATOM   914  N N   . TRP A 1 120 ? -17.532 -1.090  4.497   1.00 24.10 ? 965  TRP A N   1 
ATOM   915  C CA  . TRP A 1 120 ? -18.142 -1.465  5.765   1.00 22.42 ? 965  TRP A CA  1 
ATOM   916  C C   . TRP A 1 120 ? -18.271 -2.975  5.875   1.00 23.84 ? 965  TRP A C   1 
ATOM   917  O O   . TRP A 1 120 ? -18.564 -3.668  4.895   1.00 26.34 ? 965  TRP A O   1 
ATOM   918  C CB  . TRP A 1 120 ? -19.523 -0.819  5.919   1.00 23.90 ? 965  TRP A CB  1 
ATOM   919  C CG  . TRP A 1 120 ? -19.483 0.608   6.329   1.00 23.89 ? 965  TRP A CG  1 
ATOM   920  C CD1 . TRP A 1 120 ? -19.755 1.692   5.551   1.00 23.92 ? 965  TRP A CD1 1 
ATOM   921  C CD2 . TRP A 1 120 ? -19.157 1.117   7.631   1.00 21.92 ? 965  TRP A CD2 1 
ATOM   922  N NE1 . TRP A 1 120 ? -19.618 2.846   6.285   1.00 24.29 ? 965  TRP A NE1 1 
ATOM   923  C CE2 . TRP A 1 120 ? -19.252 2.523   7.564   1.00 23.08 ? 965  TRP A CE2 1 
ATOM   924  C CE3 . TRP A 1 120 ? -18.786 0.522   8.842   1.00 25.24 ? 965  TRP A CE3 1 
ATOM   925  C CZ2 . TRP A 1 120 ? -18.994 3.349   8.660   1.00 26.32 ? 965  TRP A CZ2 1 
ATOM   926  C CZ3 . TRP A 1 120 ? -18.537 1.348   9.937   1.00 24.40 ? 965  TRP A CZ3 1 
ATOM   927  C CH2 . TRP A 1 120 ? -18.643 2.747   9.838   1.00 23.39 ? 965  TRP A CH2 1 
ATOM   928  N N   . ASP A 1 121 ? -18.055 -3.483  7.082   1.00 23.93 ? 966  ASP A N   1 
ATOM   929  C CA  . ASP A 1 121 ? -18.245 -4.887  7.390   1.00 23.62 ? 966  ASP A CA  1 
ATOM   930  C C   . ASP A 1 121 ? -19.196 -4.979  8.579   1.00 25.72 ? 966  ASP A C   1 
ATOM   931  O O   . ASP A 1 121 ? -19.673 -3.962  9.097   1.00 26.98 ? 966  ASP A O   1 
ATOM   932  C CB  . ASP A 1 121 ? -16.902 -5.570  7.664   1.00 26.50 ? 966  ASP A CB  1 
ATOM   933  C CG  . ASP A 1 121 ? -16.911 -7.037  7.311   1.00 29.92 ? 966  ASP A CG  1 
ATOM   934  O OD1 . ASP A 1 121 ? -18.007 -7.630  7.226   1.00 32.11 ? 966  ASP A OD1 1 
ATOM   935  O OD2 . ASP A 1 121 ? -15.812 -7.600  7.114   1.00 31.24 ? 966  ASP A OD2 1 
ATOM   936  N N   . LYS A 1 122 ? -19.473 -6.199  9.023   1.00 26.19 ? 967  LYS A N   1 
ATOM   937  C CA  . LYS A 1 122 ? -20.535 -6.373  10.004  1.00 25.77 ? 967  LYS A CA  1 
ATOM   938  C C   . LYS A 1 122 ? -20.121 -5.824  11.363  1.00 28.05 ? 967  LYS A C   1 
ATOM   939  O O   . LYS A 1 122 ? -18.936 -5.769  11.704  1.00 25.82 ? 967  LYS A O   1 
ATOM   940  C CB  . LYS A 1 122 ? -20.932 -7.845  10.120  1.00 30.78 ? 967  LYS A CB  1 
ATOM   941  C CG  . LYS A 1 122 ? -19.910 -8.726  10.795  1.00 36.04 ? 967  LYS A CG  1 
ATOM   942  C CD  . LYS A 1 122 ? -20.501 -10.110 11.098  1.00 38.24 ? 967  LYS A CD  1 
ATOM   943  C CE  . LYS A 1 122 ? -20.951 -10.828 9.835   1.00 42.69 ? 967  LYS A CE  1 
ATOM   944  N NZ  . LYS A 1 122 ? -21.605 -12.140 10.136  1.00 45.38 ? 967  LYS A NZ  1 
ATOM   945  N N   . ASN A 1 123 ? -21.127 -5.387  12.125  1.00 25.58 ? 968  ASN A N   1 
ATOM   946  C CA  . ASN A 1 123 ? -20.949 -4.893  13.493  1.00 23.70 ? 968  ASN A CA  1 
ATOM   947  C C   . ASN A 1 123 ? -19.980 -3.714  13.542  1.00 25.20 ? 968  ASN A C   1 
ATOM   948  O O   . ASN A 1 123 ? -19.067 -3.668  14.369  1.00 26.56 ? 968  ASN A O   1 
ATOM   949  C CB  . ASN A 1 123 ? -20.492 -6.023  14.411  1.00 27.49 ? 968  ASN A CB  1 
ATOM   950  C CG  . ASN A 1 123 ? -21.485 -7.160  14.455  1.00 26.45 ? 968  ASN A CG  1 
ATOM   951  O OD1 . ASN A 1 123 ? -22.683 -6.933  14.586  1.00 31.59 ? 968  ASN A OD1 1 
ATOM   952  N ND2 . ASN A 1 123 ? -20.995 -8.386  14.317  1.00 30.29 ? 968  ASN A ND2 1 
ATOM   953  N N   . ASN A 1 124 ? -20.192 -2.753  12.638  1.00 24.47 ? 969  ASN A N   1 
ATOM   954  C CA  . ASN A 1 124 ? -19.487 -1.467  12.657  1.00 25.69 ? 969  ASN A CA  1 
ATOM   955  C C   . ASN A 1 124 ? -17.986 -1.639  12.433  1.00 25.44 ? 969  ASN A C   1 
ATOM   956  O O   . ASN A 1 124 ? -17.175 -0.883  12.977  1.00 28.36 ? 969  ASN A O   1 
ATOM   957  C CB  . ASN A 1 124 ? -19.756 -0.714  13.968  1.00 26.58 ? 969  ASN A CB  1 
ATOM   958  C CG  . ASN A 1 124 ? -19.459 0.774   13.870  1.00 28.39 ? 969  ASN A CG  1 
ATOM   959  O OD1 . ASN A 1 124 ? -19.631 1.389   12.821  1.00 33.34 ? 969  ASN A OD1 1 
ATOM   960  N ND2 . ASN A 1 124 ? -19.029 1.360   14.976  1.00 30.99 ? 969  ASN A ND2 1 
ATOM   961  N N   . SER A 1 125 ? -17.601 -2.626  11.634  1.00 22.17 ? 970  SER A N   1 
ATOM   962  C CA  . SER A 1 125 ? -16.199 -2.914  11.356  1.00 21.53 ? 970  SER A CA  1 
ATOM   963  C C   . SER A 1 125 ? -15.871 -2.582  9.904   1.00 22.70 ? 970  SER A C   1 
ATOM   964  O O   . SER A 1 125 ? -16.708 -2.076  9.149   1.00 23.83 ? 970  SER A O   1 
ATOM   965  C CB  . SER A 1 125 ? -15.872 -4.371  11.667  1.00 23.88 ? 970  SER A CB  1 
ATOM   966  O OG  . SER A 1 125 ? -16.550 -5.240  10.787  1.00 24.03 ? 970  SER A OG  1 
ATOM   967  N N   . THR A 1 126 ? -14.626 -2.867  9.518   1.00 20.96 ? 971  THR A N   1 
ATOM   968  C CA  . THR A 1 126 ? -14.097 -2.475  8.221   1.00 21.76 ? 971  THR A CA  1 
ATOM   969  C C   . THR A 1 126 ? -13.592 -3.691  7.463   1.00 22.28 ? 971  THR A C   1 
ATOM   970  O O   . THR A 1 126 ? -12.898 -4.544  8.029   1.00 21.10 ? 971  THR A O   1 
ATOM   971  C CB  . THR A 1 126 ? -12.949 -1.462  8.380   1.00 20.04 ? 971  THR A CB  1 
ATOM   972  O OG1 . THR A 1 126 ? -13.441 -0.280  9.020   1.00 21.31 ? 971  THR A OG1 1 
ATOM   973  C CG2 . THR A 1 126 ? -12.345 -1.095  7.014   1.00 21.05 ? 971  THR A CG2 1 
ATOM   974  N N   . LYS A 1 127 ? -13.929 -3.759  6.177   1.00 19.26 ? 972  LYS A N   1 
ATOM   975  C CA  . LYS A 1 127 ? -13.342 -4.730  5.266   1.00 19.12 ? 972  LYS A CA  1 
ATOM   976  C C   . LYS A 1 127 ? -12.263 -4.047  4.446   1.00 21.76 ? 972  LYS A C   1 
ATOM   977  O O   . LYS A 1 127 ? -12.515 -3.015  3.816   1.00 22.10 ? 972  LYS A O   1 
ATOM   978  C CB  . LYS A 1 127 ? -14.393 -5.334  4.329   1.00 22.85 ? 972  LYS A CB  1 
ATOM   979  C CG  . LYS A 1 127 ? -13.809 -6.273  3.277   1.00 26.08 ? 972  LYS A CG  1 
ATOM   980  C CD  . LYS A 1 127 ? -14.860 -6.706  2.269   1.00 35.97 ? 972  LYS A CD  1 
ATOM   981  C CE  . LYS A 1 127 ? -15.289 -8.150  2.494   1.00 39.69 ? 972  LYS A CE  1 
ATOM   982  N NZ  . LYS A 1 127 ? -14.885 -9.037  1.356   1.00 39.10 ? 972  LYS A NZ  1 
ATOM   983  N N   . LEU A 1 128 ? -11.068 -4.619  4.451   1.00 19.46 ? 973  LEU A N   1 
ATOM   984  C CA  . LEU A 1 128 ? -9.959  -4.125  3.652   1.00 19.15 ? 973  LEU A CA  1 
ATOM   985  C C   . LEU A 1 128 ? -9.719  -5.111  2.514   1.00 20.98 ? 973  LEU A C   1 
ATOM   986  O O   . LEU A 1 128 ? -9.493  -6.298  2.756   1.00 22.87 ? 973  LEU A O   1 
ATOM   987  C CB  . LEU A 1 128 ? -8.698  -3.951  4.498   1.00 21.80 ? 973  LEU A CB  1 
ATOM   988  C CG  . LEU A 1 128 ? -7.461  -3.769  3.622   1.00 23.57 ? 973  LEU A CG  1 
ATOM   989  C CD1 . LEU A 1 128 ? -7.490  -2.422  2.924   1.00 21.50 ? 973  LEU A CD1 1 
ATOM   990  C CD2 . LEU A 1 128 ? -6.197  -3.945  4.454   1.00 29.23 ? 973  LEU A CD2 1 
ATOM   991  N N   . THR A 1 129 ? -9.787  -4.623  1.282   1.00 19.69 ? 974  THR A N   1 
ATOM   992  C CA  . THR A 1 129 ? -9.511  -5.431  0.105   1.00 19.02 ? 974  THR A CA  1 
ATOM   993  C C   . THR A 1 129 ? -8.312  -4.831  -0.598  1.00 19.25 ? 974  THR A C   1 
ATOM   994  O O   . THR A 1 129 ? -8.308  -3.634  -0.901  1.00 20.59 ? 974  THR A O   1 
ATOM   995  C CB  . THR A 1 129 ? -10.715 -5.466  -0.842  1.00 21.75 ? 974  THR A CB  1 
ATOM   996  O OG1 . THR A 1 129 ? -11.874 -5.900  -0.122  1.00 23.68 ? 974  THR A OG1 1 
ATOM   997  C CG2 . THR A 1 129 ? -10.448 -6.437  -1.993  1.00 21.94 ? 974  THR A CG2 1 
ATOM   998  N N   . VAL A 1 130 ? -7.298  -5.651  -0.857  1.00 20.06 ? 975  VAL A N   1 
ATOM   999  C CA  . VAL A 1 130 ? -6.053  -5.178  -1.445  1.00 19.01 ? 975  VAL A CA  1 
ATOM   1000 C C   . VAL A 1 130 ? -5.821  -5.906  -2.758  1.00 21.98 ? 975  VAL A C   1 
ATOM   1001 O O   . VAL A 1 130 ? -5.916  -7.140  -2.817  1.00 19.69 ? 975  VAL A O   1 
ATOM   1002 C CB  . VAL A 1 130 ? -4.859  -5.373  -0.489  1.00 17.46 ? 975  VAL A CB  1 
ATOM   1003 C CG1 . VAL A 1 130 ? -3.553  -4.903  -1.148  1.00 21.21 ? 975  VAL A CG1 1 
ATOM   1004 C CG2 . VAL A 1 130 ? -5.095  -4.607  0.808   1.00 22.09 ? 975  VAL A CG2 1 
ATOM   1005 N N   . TYR A 1 131 ? -5.540  -5.137  -3.806  1.00 19.27 ? 976  TYR A N   1 
ATOM   1006 C CA  . TYR A 1 131 ? -5.152  -5.646  -5.114  1.00 20.51 ? 976  TYR A CA  1 
ATOM   1007 C C   . TYR A 1 131 ? -3.751  -5.168  -5.466  1.00 22.01 ? 976  TYR A C   1 
ATOM   1008 O O   . TYR A 1 131 ? -3.326  -4.093  -5.039  1.00 20.43 ? 976  TYR A O   1 
ATOM   1009 C CB  . TYR A 1 131 ? -6.114  -5.174  -6.197  1.00 20.65 ? 976  TYR A CB  1 
ATOM   1010 C CG  . TYR A 1 131 ? -7.532  -5.648  -6.035  1.00 22.80 ? 976  TYR A CG  1 
ATOM   1011 C CD1 . TYR A 1 131 ? -7.936  -6.866  -6.559  1.00 24.36 ? 976  TYR A CD1 1 
ATOM   1012 C CD2 . TYR A 1 131 ? -8.482  -4.858  -5.407  1.00 22.88 ? 976  TYR A CD2 1 
ATOM   1013 C CE1 . TYR A 1 131 ? -9.238  -7.303  -6.438  1.00 26.92 ? 976  TYR A CE1 1 
ATOM   1014 C CE2 . TYR A 1 131 ? -9.798  -5.292  -5.284  1.00 26.25 ? 976  TYR A CE2 1 
ATOM   1015 C CZ  . TYR A 1 131 ? -10.166 -6.513  -5.807  1.00 26.14 ? 976  TYR A CZ  1 
ATOM   1016 O OH  . TYR A 1 131 ? -11.470 -6.947  -5.685  1.00 28.47 ? 976  TYR A OH  1 
ATOM   1017 N N   . ASN A 1 132 ? -3.036  -5.954  -6.281  1.00 18.29 ? 977  ASN A N   1 
ATOM   1018 C CA  . ASN A 1 132 ? -1.701  -5.558  -6.713  1.00 20.18 ? 977  ASN A CA  1 
ATOM   1019 C C   . ASN A 1 132 ? -1.477  -5.978  -8.156  1.00 21.63 ? 977  ASN A C   1 
ATOM   1020 O O   . ASN A 1 132 ? -1.851  -7.085  -8.551  1.00 22.96 ? 977  ASN A O   1 
ATOM   1021 C CB  . ASN A 1 132 ? -0.617  -6.164  -5.819  1.00 21.86 ? 977  ASN A CB  1 
ATOM   1022 C CG  . ASN A 1 132 ? 0.787   -5.876  -6.328  1.00 23.11 ? 977  ASN A CG  1 
ATOM   1023 O OD1 . ASN A 1 132 ? 1.432   -6.746  -6.895  1.00 24.95 ? 977  ASN A OD1 1 
ATOM   1024 N ND2 . ASN A 1 132 ? 1.258   -4.649  -6.131  1.00 25.46 ? 977  ASN A ND2 1 
ATOM   1025 N N   . SER A 1 133 ? -0.864  -5.089  -8.935  1.00 20.34 ? 978  SER A N   1 
ATOM   1026 C CA  . SER A 1 133 ? -0.537  -5.381  -10.325 1.00 21.98 ? 978  SER A CA  1 
ATOM   1027 C C   . SER A 1 133 ? 0.675   -4.556  -10.731 1.00 23.65 ? 978  SER A C   1 
ATOM   1028 O O   . SER A 1 133 ? 1.103   -3.646  -10.018 1.00 23.37 ? 978  SER A O   1 
ATOM   1029 C CB  . SER A 1 133 ? -1.717  -5.092  -11.260 1.00 26.27 ? 978  SER A CB  1 
ATOM   1030 O OG  . SER A 1 133 ? -2.028  -3.702  -11.262 1.00 26.76 ? 978  SER A OG  1 
ATOM   1031 N N   . VAL A 1 134 ? 1.242   -4.896  -11.889 1.00 22.09 ? 979  VAL A N   1 
ATOM   1032 C CA  . VAL A 1 134 ? 2.355   -4.149  -12.458 1.00 22.28 ? 979  VAL A CA  1 
ATOM   1033 C C   . VAL A 1 134 ? 1.907   -3.561  -13.789 1.00 23.09 ? 979  VAL A C   1 
ATOM   1034 O O   . VAL A 1 134 ? 1.300   -4.259  -14.611 1.00 26.90 ? 979  VAL A O   1 
ATOM   1035 C CB  . VAL A 1 134 ? 3.609   -5.028  -12.638 1.00 21.59 ? 979  VAL A CB  1 
ATOM   1036 C CG1 . VAL A 1 134 ? 4.733   -4.219  -13.289 1.00 23.95 ? 979  VAL A CG1 1 
ATOM   1037 C CG2 . VAL A 1 134 ? 4.074   -5.583  -11.303 1.00 24.04 ? 979  VAL A CG2 1 
ATOM   1038 N N   . ASP A 1 135 ? 2.198   -2.279  -13.989 1.00 24.15 ? 980  ASP A N   1 
ATOM   1039 C CA  . ASP A 1 135 ? 1.947   -1.580  -15.246 1.00 27.90 ? 980  ASP A CA  1 
ATOM   1040 C C   . ASP A 1 135 ? 3.252   -1.455  -16.019 1.00 26.58 ? 980  ASP A C   1 
ATOM   1041 O O   . ASP A 1 135 ? 4.196   -0.815  -15.544 1.00 26.72 ? 980  ASP A O   1 
ATOM   1042 C CB  . ASP A 1 135 ? 1.365   -0.188  -15.003 1.00 30.71 ? 980  ASP A CB  1 
ATOM   1043 C CG  . ASP A 1 135 ? -0.094  -0.227  -14.628 1.00 38.26 ? 980  ASP A CG  1 
ATOM   1044 O OD1 . ASP A 1 135 ? -0.814  -1.108  -15.147 1.00 37.42 ? 980  ASP A OD1 1 
ATOM   1045 O OD2 . ASP A 1 135 ? -0.522  0.639   -13.832 1.00 40.75 ? 980  ASP A OD2 1 
ATOM   1046 N N   . TRP A 1 136 ? 3.295   -2.049  -17.211 1.00 27.70 ? 981  TRP A N   1 
ATOM   1047 C CA  . TRP A 1 136 ? 4.478   -2.040  -18.061 1.00 29.82 ? 981  TRP A CA  1 
ATOM   1048 C C   . TRP A 1 136 ? 4.365   -0.959  -19.128 1.00 28.94 ? 981  TRP A C   1 
ATOM   1049 O O   . TRP A 1 136 ? 3.315   -0.814  -19.763 1.00 34.57 ? 981  TRP A O   1 
ATOM   1050 C CB  . TRP A 1 136 ? 4.669   -3.403  -18.728 1.00 25.45 ? 981  TRP A CB  1 
ATOM   1051 C CG  . TRP A 1 136 ? 4.927   -4.474  -17.743 1.00 25.99 ? 981  TRP A CG  1 
ATOM   1052 C CD1 . TRP A 1 136 ? 4.015   -5.337  -17.205 1.00 24.87 ? 981  TRP A CD1 1 
ATOM   1053 C CD2 . TRP A 1 136 ? 6.194   -4.799  -17.151 1.00 25.70 ? 981  TRP A CD2 1 
ATOM   1054 N NE1 . TRP A 1 136 ? 4.645   -6.188  -16.316 1.00 23.53 ? 981  TRP A NE1 1 
ATOM   1055 C CE2 . TRP A 1 136 ? 5.976   -5.868  -16.262 1.00 26.19 ? 981  TRP A CE2 1 
ATOM   1056 C CE3 . TRP A 1 136 ? 7.492   -4.287  -17.290 1.00 23.82 ? 981  TRP A CE3 1 
ATOM   1057 C CZ2 . TRP A 1 136 ? 7.005   -6.440  -15.516 1.00 22.65 ? 981  TRP A CZ2 1 
ATOM   1058 C CZ3 . TRP A 1 136 ? 8.511   -4.855  -16.542 1.00 24.34 ? 981  TRP A CZ3 1 
ATOM   1059 C CH2 . TRP A 1 136 ? 8.259   -5.920  -15.666 1.00 22.63 ? 981  TRP A CH2 1 
ATOM   1060 N N   . THR A 1 137 ? 5.449   -0.211  -19.328 1.00 28.41 ? 982  THR A N   1 
ATOM   1061 C CA  . THR A 1 137 ? 5.530   0.769   -20.403 1.00 33.29 ? 982  THR A CA  1 
ATOM   1062 C C   . THR A 1 137 ? 6.606   0.417   -21.421 1.00 36.72 ? 982  THR A C   1 
ATOM   1063 O O   . THR A 1 137 ? 6.842   1.189   -22.356 1.00 36.47 ? 982  THR A O   1 
ATOM   1064 C CB  . THR A 1 137 ? 5.780   2.173   -19.845 1.00 32.67 ? 982  THR A CB  1 
ATOM   1065 O OG1 . THR A 1 137 ? 7.040   2.210   -19.163 1.00 33.33 ? 982  THR A OG1 1 
ATOM   1066 C CG2 . THR A 1 137 ? 4.667   2.569   -18.875 1.00 33.81 ? 982  THR A CG2 1 
ATOM   1067 N N   . GLY A 1 138 ? 7.265   -0.728  -21.262 1.00 32.37 ? 983  GLY A N   1 
ATOM   1068 C CA  . GLY A 1 138 ? 8.280   -1.157  -22.199 1.00 34.05 ? 983  GLY A CA  1 
ATOM   1069 C C   . GLY A 1 138 ? 8.440   -2.661  -22.172 1.00 36.08 ? 983  GLY A C   1 
ATOM   1070 O O   . GLY A 1 138 ? 7.799   -3.364  -21.387 1.00 33.81 ? 983  GLY A O   1 
ATOM   1071 N N   . LYS A 1 139 ? 9.315   -3.150  -23.048 1.00 36.53 ? 984  LYS A N   1 
ATOM   1072 C CA  . LYS A 1 139 ? 9.574   -4.576  -23.179 1.00 36.05 ? 984  LYS A CA  1 
ATOM   1073 C C   . LYS A 1 139 ? 10.534  -5.050  -22.095 1.00 27.55 ? 984  LYS A C   1 
ATOM   1074 O O   . LYS A 1 139 ? 11.549  -4.405  -21.819 1.00 33.82 ? 984  LYS A O   1 
ATOM   1075 C CB  . LYS A 1 139 ? 10.151  -4.885  -24.562 1.00 39.46 ? 984  LYS A CB  1 
ATOM   1076 C CG  . LYS A 1 139 ? 10.985  -6.144  -24.628 1.00 37.08 ? 984  LYS A CG  1 
ATOM   1077 C CD  . LYS A 1 139 ? 11.871  -6.147  -25.867 1.00 39.37 ? 984  LYS A CD  1 
ATOM   1078 C CE  . LYS A 1 139 ? 11.037  -6.141  -27.135 1.00 39.55 ? 984  LYS A CE  1 
ATOM   1079 N NZ  . LYS A 1 139 ? 11.627  -7.000  -28.209 1.00 40.03 ? 984  LYS A NZ  1 
ATOM   1080 N N   . SER A 1 140 ? 10.202  -6.179  -21.472 1.00 29.35 ? 985  SER A N   1 
ATOM   1081 C CA  . SER A 1 140 ? 11.072  -6.790  -20.475 1.00 26.46 ? 985  SER A CA  1 
ATOM   1082 C C   . SER A 1 140 ? 11.011  -8.304  -20.611 1.00 24.66 ? 985  SER A C   1 
ATOM   1083 O O   . SER A 1 140 ? 9.937   -8.877  -20.805 1.00 27.90 ? 985  SER A O   1 
ATOM   1084 C CB  . SER A 1 140 ? 10.678  -6.378  -19.050 1.00 26.81 ? 985  SER A CB  1 
ATOM   1085 O OG  . SER A 1 140 ? 11.391  -7.129  -18.079 1.00 23.12 ? 985  SER A OG  1 
ATOM   1086 N N   . TRP A 1 141 ? 12.164  -8.953  -20.493 1.00 24.30 ? 986  TRP A N   1 
ATOM   1087 C CA  . TRP A 1 141 ? 12.223  -10.404 -20.551 1.00 23.17 ? 986  TRP A CA  1 
ATOM   1088 C C   . TRP A 1 141 ? 12.267  -11.038 -19.168 1.00 23.97 ? 986  TRP A C   1 
ATOM   1089 O O   . TRP A 1 141 ? 12.590  -12.222 -19.042 1.00 22.30 ? 986  TRP A O   1 
ATOM   1090 C CB  . TRP A 1 141 ? 13.423  -10.844 -21.391 1.00 20.45 ? 986  TRP A CB  1 
ATOM   1091 C CG  . TRP A 1 141 ? 13.340  -10.354 -22.804 1.00 22.26 ? 986  TRP A CG  1 
ATOM   1092 C CD1 . TRP A 1 141 ? 12.278  -10.475 -23.645 1.00 22.99 ? 986  TRP A CD1 1 
ATOM   1093 C CD2 . TRP A 1 141 ? 14.358  -9.667  -23.540 1.00 21.38 ? 986  TRP A CD2 1 
ATOM   1094 N NE1 . TRP A 1 141 ? 12.566  -9.902  -24.860 1.00 24.13 ? 986  TRP A NE1 1 
ATOM   1095 C CE2 . TRP A 1 141 ? 13.836  -9.393  -24.820 1.00 23.61 ? 986  TRP A CE2 1 
ATOM   1096 C CE3 . TRP A 1 141 ? 15.657  -9.248  -23.235 1.00 21.95 ? 986  TRP A CE3 1 
ATOM   1097 C CZ2 . TRP A 1 141 ? 14.576  -8.732  -25.805 1.00 24.11 ? 986  TRP A CZ2 1 
ATOM   1098 C CZ3 . TRP A 1 141 ? 16.389  -8.584  -24.207 1.00 23.05 ? 986  TRP A CZ3 1 
ATOM   1099 C CH2 . TRP A 1 141 ? 15.849  -8.337  -25.478 1.00 25.54 ? 986  TRP A CH2 1 
ATOM   1100 N N   . ILE A 1 142 ? 11.919  -10.284 -18.128 1.00 23.72 ? 987  ILE A N   1 
ATOM   1101 C CA  . ILE A 1 142 ? 11.843  -10.840 -16.784 1.00 20.74 ? 987  ILE A CA  1 
ATOM   1102 C C   . ILE A 1 142 ? 10.514  -10.424 -16.159 1.00 22.00 ? 987  ILE A C   1 
ATOM   1103 O O   . ILE A 1 142 ? 10.415  -10.267 -14.936 1.00 21.13 ? 987  ILE A O   1 
ATOM   1104 C CB  . ILE A 1 142 ? 13.037  -10.387 -15.923 1.00 22.45 ? 987  ILE A CB  1 
ATOM   1105 C CG1 . ILE A 1 142 ? 13.141  -8.860  -15.869 1.00 22.88 ? 987  ILE A CG1 1 
ATOM   1106 C CG2 . ILE A 1 142 ? 14.341  -10.983 -16.475 1.00 23.92 ? 987  ILE A CG2 1 
ATOM   1107 C CD1 . ILE A 1 142 ? 14.195  -8.353  -14.877 1.00 24.81 ? 987  ILE A CD1 1 
ATOM   1108 N N   . LYS A 1 143 ? 9.483   -10.270 -16.994 1.00 21.96 ? 988  LYS A N   1 
ATOM   1109 C CA  . LYS A 1 143 ? 8.204   -9.739  -16.520 1.00 21.83 ? 988  LYS A CA  1 
ATOM   1110 C C   . LYS A 1 143 ? 7.558   -10.650 -15.488 1.00 21.98 ? 988  LYS A C   1 
ATOM   1111 O O   . LYS A 1 143 ? 7.074   -10.180 -14.456 1.00 24.04 ? 988  LYS A O   1 
ATOM   1112 C CB  . LYS A 1 143 ? 7.248   -9.523  -17.690 1.00 25.33 ? 988  LYS A CB  1 
ATOM   1113 C CG  . LYS A 1 143 ? 7.545   -8.285  -18.494 1.00 27.84 ? 988  LYS A CG  1 
ATOM   1114 C CD  . LYS A 1 143 ? 6.387   -7.927  -19.415 1.00 30.33 ? 988  LYS A CD  1 
ATOM   1115 C CE  . LYS A 1 143 ? 6.702   -6.648  -20.169 1.00 29.67 ? 988  LYS A CE  1 
ATOM   1116 N NZ  . LYS A 1 143 ? 5.587   -6.274  -21.109 1.00 35.99 ? 988  LYS A NZ  1 
ATOM   1117 N N   . SER A 1 144 ? 7.519   -11.956 -15.756 1.00 22.14 ? 989  SER A N   1 
ATOM   1118 C CA  . SER A 1 144 ? 6.876   -12.875 -14.819 1.00 23.50 ? 989  SER A CA  1 
ATOM   1119 C C   . SER A 1 144 ? 7.615   -12.907 -13.493 1.00 24.34 ? 989  SER A C   1 
ATOM   1120 O O   . SER A 1 144 ? 6.989   -12.897 -12.426 1.00 24.00 ? 989  SER A O   1 
ATOM   1121 C CB  . SER A 1 144 ? 6.794   -14.277 -15.416 1.00 27.74 ? 989  SER A CB  1 
ATOM   1122 O OG  . SER A 1 144 ? 5.936   -14.300 -16.544 1.00 34.55 ? 989  SER A OG  1 
ATOM   1123 N N   . MET A 1 145 ? 8.949   -12.939 -13.540 1.00 20.85 ? 990  MET A N   1 
ATOM   1124 C CA  . MET A 1 145 ? 9.734   -12.887 -12.312 1.00 20.87 ? 990  MET A CA  1 
ATOM   1125 C C   . MET A 1 145 ? 9.415   -11.628 -11.512 1.00 21.98 ? 990  MET A C   1 
ATOM   1126 O O   . MET A 1 145 ? 9.218   -11.689 -10.292 1.00 22.55 ? 990  MET A O   1 
ATOM   1127 C CB  . MET A 1 145 ? 11.225  -12.963 -12.646 1.00 24.65 ? 990  MET A CB  1 
ATOM   1128 C CG  . MET A 1 145 ? 12.115  -12.831 -11.438 1.00 24.85 ? 990  MET A CG  1 
ATOM   1129 S SD  . MET A 1 145 ? 13.796  -13.380 -11.788 1.00 30.13 ? 990  MET A SD  1 
ATOM   1130 C CE  . MET A 1 145 ? 14.209  -12.381 -13.222 1.00 33.02 ? 990  MET A CE  1 
ATOM   1131 N N   . ILE A 1 146 ? 9.374   -10.471 -12.176 1.00 21.31 ? 991  ILE A N   1 
ATOM   1132 C CA  . ILE A 1 146 ? 9.084   -9.236  -11.452 1.00 20.58 ? 991  ILE A CA  1 
ATOM   1133 C C   . ILE A 1 146 ? 7.663   -9.252  -10.906 1.00 19.90 ? 991  ILE A C   1 
ATOM   1134 O O   . ILE A 1 146 ? 7.420   -8.842  -9.763  1.00 21.14 ? 991  ILE A O   1 
ATOM   1135 C CB  . ILE A 1 146 ? 9.326   -8.005  -12.345 1.00 20.74 ? 991  ILE A CB  1 
ATOM   1136 C CG1 . ILE A 1 146 ? 10.824  -7.781  -12.544 1.00 23.88 ? 991  ILE A CG1 1 
ATOM   1137 C CG2 . ILE A 1 146 ? 8.673   -6.756  -11.719 1.00 21.23 ? 991  ILE A CG2 1 
ATOM   1138 C CD1 . ILE A 1 146 ? 11.146  -6.721  -13.569 1.00 26.14 ? 991  ILE A CD1 1 
ATOM   1139 N N   . GLU A 1 147 ? 6.697   -9.720  -11.703 1.00 21.42 ? 992  GLU A N   1 
ATOM   1140 C CA  . GLU A 1 147 ? 5.313   -9.694  -11.235 1.00 20.88 ? 992  GLU A CA  1 
ATOM   1141 C C   . GLU A 1 147 ? 5.105   -10.624 -10.046 1.00 23.50 ? 992  GLU A C   1 
ATOM   1142 O O   . GLU A 1 147 ? 4.407   -10.269 -9.085  1.00 22.18 ? 992  GLU A O   1 
ATOM   1143 C CB  . GLU A 1 147 ? 4.360   -10.035 -12.376 1.00 23.79 ? 992  GLU A CB  1 
ATOM   1144 C CG  . GLU A 1 147 ? 4.324   -8.953  -13.432 1.00 26.47 ? 992  GLU A CG  1 
ATOM   1145 C CD  . GLU A 1 147 ? 3.420   -9.294  -14.589 1.00 29.56 ? 992  GLU A CD  1 
ATOM   1146 O OE1 . GLU A 1 147 ? 2.965   -10.455 -14.673 1.00 36.34 ? 992  GLU A OE1 1 
ATOM   1147 O OE2 . GLU A 1 147 ? 3.176   -8.399  -15.425 1.00 31.02 ? 992  GLU A OE2 1 
ATOM   1148 N N   . LYS A 1 148 ? 5.711   -11.812 -10.083 1.00 21.00 ? 993  LYS A N   1 
ATOM   1149 C CA  . LYS A 1 148 ? 5.579   -12.755 -8.977  1.00 22.14 ? 993  LYS A CA  1 
ATOM   1150 C C   . LYS A 1 148 ? 6.275   -12.243 -7.723  1.00 24.86 ? 993  LYS A C   1 
ATOM   1151 O O   . LYS A 1 148 ? 5.699   -12.268 -6.627  1.00 24.72 ? 993  LYS A O   1 
ATOM   1152 C CB  . LYS A 1 148 ? 6.152   -14.115 -9.383  1.00 25.62 ? 993  LYS A CB  1 
ATOM   1153 C CG  . LYS A 1 148 ? 6.143   -15.130 -8.257  1.00 32.03 ? 993  LYS A CG  1 
ATOM   1154 C CD  . LYS A 1 148 ? 5.721   -16.500 -8.755  1.00 39.32 ? 993  LYS A CD  1 
ATOM   1155 C CE  . LYS A 1 148 ? 5.220   -17.354 -7.601  1.00 40.67 ? 993  LYS A CE  1 
ATOM   1156 N NZ  . LYS A 1 148 ? 6.138   -17.265 -6.434  1.00 43.31 ? 993  LYS A NZ  1 
ATOM   1157 N N   . GLY A 1 149 ? 7.526   -11.794 -7.857  1.00 21.52 ? 994  GLY A N   1 
ATOM   1158 C CA  . GLY A 1 149 ? 8.230   -11.254 -6.707  1.00 20.50 ? 994  GLY A CA  1 
ATOM   1159 C C   . GLY A 1 149 ? 7.513   -10.055 -6.114  1.00 21.11 ? 994  GLY A C   1 
ATOM   1160 O O   . GLY A 1 149 ? 7.449   -9.899  -4.891  1.00 22.97 ? 994  GLY A O   1 
ATOM   1161 N N   . THR A 1 150 ? 6.955   -9.202  -6.977  1.00 19.47 ? 995  THR A N   1 
ATOM   1162 C CA  . THR A 1 150 ? 6.203   -8.041  -6.504  1.00 18.72 ? 995  THR A CA  1 
ATOM   1163 C C   . THR A 1 150 ? 4.969   -8.474  -5.736  1.00 23.63 ? 995  THR A C   1 
ATOM   1164 O O   . THR A 1 150 ? 4.702   -7.982  -4.631  1.00 23.16 ? 995  THR A O   1 
ATOM   1165 C CB  . THR A 1 150 ? 5.808   -7.160  -7.689  1.00 19.36 ? 995  THR A CB  1 
ATOM   1166 O OG1 . THR A 1 150 ? 6.987   -6.616  -8.275  1.00 22.15 ? 995  THR A OG1 1 
ATOM   1167 C CG2 . THR A 1 150 ? 4.905   -6.013  -7.233  1.00 22.60 ? 995  THR A CG2 1 
ATOM   1168 N N   . PHE A 1 151 ? 4.199   -9.393  -6.314  1.00 21.12 ? 996  PHE A N   1 
ATOM   1169 C CA  . PHE A 1 151 ? 2.948   -9.813  -5.691  1.00 24.13 ? 996  PHE A CA  1 
ATOM   1170 C C   . PHE A 1 151 ? 3.202   -10.492 -4.348  1.00 24.05 ? 996  PHE A C   1 
ATOM   1171 O O   . PHE A 1 151 ? 2.512   -10.218 -3.354  1.00 22.95 ? 996  PHE A O   1 
ATOM   1172 C CB  . PHE A 1 151 ? 2.199   -10.749 -6.636  1.00 24.32 ? 996  PHE A CB  1 
ATOM   1173 C CG  . PHE A 1 151 ? 0.814   -11.055 -6.193  1.00 26.60 ? 996  PHE A CG  1 
ATOM   1174 C CD1 . PHE A 1 151 ? -0.241  -10.251 -6.591  1.00 26.66 ? 996  PHE A CD1 1 
ATOM   1175 C CD2 . PHE A 1 151 ? 0.565   -12.134 -5.358  1.00 29.61 ? 996  PHE A CD2 1 
ATOM   1176 C CE1 . PHE A 1 151 ? -1.532  -10.527 -6.175  1.00 29.88 ? 996  PHE A CE1 1 
ATOM   1177 C CE2 . PHE A 1 151 ? -0.721  -12.410 -4.936  1.00 32.62 ? 996  PHE A CE2 1 
ATOM   1178 C CZ  . PHE A 1 151 ? -1.769  -11.607 -5.350  1.00 28.53 ? 996  PHE A CZ  1 
ATOM   1179 N N   . ASP A 1 152 ? 4.179   -11.404 -4.308  1.00 22.23 ? 997  ASP A N   1 
ATOM   1180 C CA  . ASP A 1 152 ? 4.513   -12.075 -3.057  1.00 24.01 ? 997  ASP A CA  1 
ATOM   1181 C C   . ASP A 1 152 ? 4.981   -11.074 -2.013  1.00 22.69 ? 997  ASP A C   1 
ATOM   1182 O O   . ASP A 1 152 ? 4.662   -11.208 -0.828  1.00 25.50 ? 997  ASP A O   1 
ATOM   1183 C CB  . ASP A 1 152 ? 5.595   -13.129 -3.293  1.00 26.53 ? 997  ASP A CB  1 
ATOM   1184 C CG  . ASP A 1 152 ? 5.100   -14.308 -4.096  1.00 31.17 ? 997  ASP A CG  1 
ATOM   1185 O OD1 . ASP A 1 152 ? 3.867   -14.458 -4.260  1.00 33.15 ? 997  ASP A OD1 1 
ATOM   1186 O OD2 . ASP A 1 152 ? 5.958   -15.096 -4.547  1.00 34.22 ? 997  ASP A OD2 1 
ATOM   1187 N N   . GLY A 1 153 ? 5.739   -10.065 -2.440  1.00 21.26 ? 998  GLY A N   1 
ATOM   1188 C CA  . GLY A 1 153 ? 6.191   -9.045  -1.505  1.00 22.83 ? 998  GLY A CA  1 
ATOM   1189 C C   . GLY A 1 153 ? 5.041   -8.259  -0.909  1.00 22.35 ? 998  GLY A C   1 
ATOM   1190 O O   . GLY A 1 153 ? 5.023   -7.982  0.291   1.00 22.27 ? 998  GLY A O   1 
ATOM   1191 N N   . VAL A 1 154 ? 4.059   -7.896  -1.741  1.00 21.55 ? 999  VAL A N   1 
ATOM   1192 C CA  . VAL A 1 154 ? 2.908   -7.156  -1.232  1.00 19.49 ? 999  VAL A CA  1 
ATOM   1193 C C   . VAL A 1 154 ? 2.070   -8.043  -0.329  1.00 22.29 ? 999  VAL A C   1 
ATOM   1194 O O   . VAL A 1 154 ? 1.534   -7.578  0.685   1.00 22.42 ? 999  VAL A O   1 
ATOM   1195 C CB  . VAL A 1 154 ? 2.085   -6.573  -2.397  1.00 21.79 ? 999  VAL A CB  1 
ATOM   1196 C CG1 . VAL A 1 154 ? 0.787   -5.918  -1.875  1.00 20.04 ? 999  VAL A CG1 1 
ATOM   1197 C CG2 . VAL A 1 154 ? 2.928   -5.552  -3.166  1.00 25.65 ? 999  VAL A CG2 1 
ATOM   1198 N N   . ALA A 1 155 ? 1.960   -9.331  -0.649  1.00 20.35 ? 1000 ALA A N   1 
ATOM   1199 C CA  . ALA A 1 155 ? 1.264   -10.240 0.256   1.00 21.01 ? 1000 ALA A CA  1 
ATOM   1200 C C   . ALA A 1 155 ? 1.942   -10.255 1.621   1.00 23.81 ? 1000 ALA A C   1 
ATOM   1201 O O   . ALA A 1 155 ? 1.279   -10.113 2.657   1.00 22.81 ? 1000 ALA A O   1 
ATOM   1202 C CB  . ALA A 1 155 ? 1.194   -11.646 -0.353  1.00 24.69 ? 1000 ALA A CB  1 
ATOM   1203 N N   . ASP A 1 156 ? 3.277   -10.371 1.631   1.00 22.90 ? 1001 ASP A N   1 
ATOM   1204 C CA  . ASP A 1 156 ? 4.020   -10.367 2.888   1.00 22.34 ? 1001 ASP A CA  1 
ATOM   1205 C C   . ASP A 1 156 ? 3.805   -9.068  3.652   1.00 23.49 ? 1001 ASP A C   1 
ATOM   1206 O O   . ASP A 1 156 ? 3.527   -9.082  4.859   1.00 23.61 ? 1001 ASP A O   1 
ATOM   1207 C CB  . ASP A 1 156 ? 5.518   -10.560 2.630   1.00 24.57 ? 1001 ASP A CB  1 
ATOM   1208 C CG  . ASP A 1 156 ? 5.868   -11.968 2.199   1.00 33.23 ? 1001 ASP A CG  1 
ATOM   1209 O OD1 . ASP A 1 156 ? 5.009   -12.866 2.311   1.00 35.43 ? 1001 ASP A OD1 1 
ATOM   1210 O OD2 . ASP A 1 156 ? 7.020   -12.172 1.745   1.00 36.93 ? 1001 ASP A OD2 1 
ATOM   1211 N N   . THR A 1 157 ? 3.959   -7.929  2.974   1.00 20.30 ? 1002 THR A N   1 
ATOM   1212 C CA  . THR A 1 157 ? 3.886   -6.669  3.706   1.00 18.40 ? 1002 THR A CA  1 
ATOM   1213 C C   . THR A 1 157 ? 2.457   -6.324  4.104   1.00 20.76 ? 1002 THR A C   1 
ATOM   1214 O O   . THR A 1 157 ? 2.260   -5.663  5.128   1.00 18.75 ? 1002 THR A O   1 
ATOM   1215 C CB  . THR A 1 157 ? 4.511   -5.521  2.905   1.00 23.33 ? 1002 THR A CB  1 
ATOM   1216 O OG1 . THR A 1 157 ? 3.780   -5.301  1.694   1.00 28.17 ? 1002 THR A OG1 1 
ATOM   1217 C CG2 . THR A 1 157 ? 5.969   -5.809  2.586   1.00 27.70 ? 1002 THR A CG2 1 
ATOM   1218 N N   . THR A 1 158 ? 1.458   -6.754  3.329   1.00 20.04 ? 1003 THR A N   1 
ATOM   1219 C CA  . THR A 1 158 ? 0.077   -6.474  3.714   1.00 18.32 ? 1003 THR A CA  1 
ATOM   1220 C C   . THR A 1 158 ? -0.304  -7.255  4.964   1.00 21.43 ? 1003 THR A C   1 
ATOM   1221 O O   . THR A 1 158 ? -1.031  -6.742  5.822   1.00 20.34 ? 1003 THR A O   1 
ATOM   1222 C CB  . THR A 1 158 ? -0.873  -6.791  2.554   1.00 21.66 ? 1003 THR A CB  1 
ATOM   1223 O OG1 . THR A 1 158 ? -0.526  -5.978  1.432   1.00 21.44 ? 1003 THR A OG1 1 
ATOM   1224 C CG2 . THR A 1 158 ? -2.304  -6.477  2.940   1.00 23.62 ? 1003 THR A CG2 1 
ATOM   1225 N N   . LYS A 1 159 ? 0.194   -8.488  5.095   1.00 21.01 ? 1004 LYS A N   1 
ATOM   1226 C CA  . LYS A 1 159 ? -0.042  -9.251  6.318   1.00 21.82 ? 1004 LYS A CA  1 
ATOM   1227 C C   . LYS A 1 159 ? 0.530   -8.527  7.534   1.00 23.18 ? 1004 LYS A C   1 
ATOM   1228 O O   . LYS A 1 159 ? -0.114  -8.465  8.589   1.00 20.75 ? 1004 LYS A O   1 
ATOM   1229 C CB  . LYS A 1 159 ? 0.567   -10.651 6.181   1.00 27.06 ? 1004 LYS A CB  1 
ATOM   1230 C CG  . LYS A 1 159 ? 0.649   -11.430 7.486   1.00 34.15 ? 1004 LYS A CG  1 
ATOM   1231 C CD  . LYS A 1 159 ? 1.720   -12.513 7.426   1.00 36.17 ? 1004 LYS A CD  1 
ATOM   1232 C CE  . LYS A 1 159 ? 1.172   -13.837 7.957   1.00 43.62 ? 1004 LYS A CE  1 
ATOM   1233 N NZ  . LYS A 1 159 ? 0.491   -13.634 9.284   1.00 47.25 ? 1004 LYS A NZ  1 
ATOM   1234 N N   . ILE A 1 160 ? 1.736   -7.960  7.400   1.00 20.77 ? 1005 ILE A N   1 
ATOM   1235 C CA  . ILE A 1 160 ? 2.333   -7.193  8.493   1.00 19.63 ? 1005 ILE A CA  1 
ATOM   1236 C C   . ILE A 1 160 ? 1.508   -5.947  8.782   1.00 18.48 ? 1005 ILE A C   1 
ATOM   1237 O O   . ILE A 1 160 ? 1.300   -5.580  9.949   1.00 18.15 ? 1005 ILE A O   1 
ATOM   1238 C CB  . ILE A 1 160 ? 3.792   -6.839  8.160   1.00 19.51 ? 1005 ILE A CB  1 
ATOM   1239 C CG1 . ILE A 1 160 ? 4.636   -8.125  8.089   1.00 22.68 ? 1005 ILE A CG1 1 
ATOM   1240 C CG2 . ILE A 1 160 ? 4.374   -5.860  9.180   1.00 20.45 ? 1005 ILE A CG2 1 
ATOM   1241 C CD1 . ILE A 1 160 ? 6.032   -7.888  7.554   1.00 23.62 ? 1005 ILE A CD1 1 
ATOM   1242 N N   . MET A 1 161 ? 1.013   -5.283  7.733   1.00 18.56 ? 1006 MET A N   1 
ATOM   1243 C CA  . MET A 1 161 ? 0.191   -4.099  7.951   1.00 18.75 ? 1006 MET A CA  1 
ATOM   1244 C C   . MET A 1 161 ? -1.043  -4.427  8.776   1.00 18.78 ? 1006 MET A C   1 
ATOM   1245 O O   . MET A 1 161 ? -1.395  -3.688  9.701   1.00 19.36 ? 1006 MET A O   1 
ATOM   1246 C CB  . MET A 1 161 ? -0.220  -3.466  6.626   1.00 20.96 ? 1006 MET A CB  1 
ATOM   1247 C CG  . MET A 1 161 ? -1.165  -2.325  6.920   1.00 19.96 ? 1006 MET A CG  1 
ATOM   1248 S SD  . MET A 1 161 ? -1.457  -1.203  5.572   1.00 32.31 ? 1006 MET A SD  1 
ATOM   1249 C CE  . MET A 1 161 ? -2.269  -2.322  4.528   1.00 16.07 ? 1006 MET A CE  1 
ATOM   1250 N N   . ILE A 1 162 ? -1.725  -5.525  8.444   1.00 18.73 ? 1007 ILE A N   1 
ATOM   1251 C CA  . ILE A 1 162 ? -2.922  -5.902  9.183   1.00 17.41 ? 1007 ILE A CA  1 
ATOM   1252 C C   . ILE A 1 162 ? -2.566  -6.220  10.630  1.00 18.05 ? 1007 ILE A C   1 
ATOM   1253 O O   . ILE A 1 162 ? -3.251  -5.779  11.556  1.00 18.78 ? 1007 ILE A O   1 
ATOM   1254 C CB  . ILE A 1 162 ? -3.623  -7.079  8.479   1.00 19.77 ? 1007 ILE A CB  1 
ATOM   1255 C CG1 . ILE A 1 162 ? -4.177  -6.601  7.133   1.00 21.03 ? 1007 ILE A CG1 1 
ATOM   1256 C CG2 . ILE A 1 162 ? -4.769  -7.618  9.332   1.00 23.22 ? 1007 ILE A CG2 1 
ATOM   1257 C CD1 . ILE A 1 162 ? -4.417  -7.705  6.138   1.00 22.13 ? 1007 ILE A CD1 1 
ATOM   1258 N N   . SER A 1 163 ? -1.488  -6.977  10.850  1.00 19.59 ? 1008 SER A N   1 
ATOM   1259 C CA  . SER A 1 163 ? -1.051  -7.256  12.216  1.00 18.84 ? 1008 SER A CA  1 
ATOM   1260 C C   . SER A 1 163 ? -0.750  -5.969  12.977  1.00 21.80 ? 1008 SER A C   1 
ATOM   1261 O O   . SER A 1 163 ? -1.110  -5.832  14.152  1.00 21.40 ? 1008 SER A O   1 
ATOM   1262 C CB  . SER A 1 163 ? 0.180   -8.173  12.194  1.00 24.00 ? 1008 SER A CB  1 
ATOM   1263 O OG  . SER A 1 163 ? 0.735   -8.314  13.489  1.00 32.57 ? 1008 SER A OG  1 
ATOM   1264 N N   . GLU A 1 164 ? -0.105  -5.005  12.318  1.00 18.71 ? 1009 GLU A N   1 
ATOM   1265 C CA  . GLU A 1 164 ? 0.276   -3.773  12.999  1.00 16.98 ? 1009 GLU A CA  1 
ATOM   1266 C C   . GLU A 1 164 ? -0.942  -2.907  13.298  1.00 19.25 ? 1009 GLU A C   1 
ATOM   1267 O O   . GLU A 1 164 ? -1.007  -2.264  14.351  1.00 19.44 ? 1009 GLU A O   1 
ATOM   1268 C CB  . GLU A 1 164 ? 1.297   -3.013  12.145  1.00 20.36 ? 1009 GLU A CB  1 
ATOM   1269 C CG  . GLU A 1 164 ? 2.178   -2.058  12.927  1.00 24.35 ? 1009 GLU A CG  1 
ATOM   1270 C CD  . GLU A 1 164 ? 3.107   -2.753  13.937  1.00 21.39 ? 1009 GLU A CD  1 
ATOM   1271 O OE1 . GLU A 1 164 ? 3.382   -3.974  13.831  1.00 26.54 ? 1009 GLU A OE1 1 
ATOM   1272 O OE2 . GLU A 1 164 ? 3.585   -2.055  14.841  1.00 30.09 ? 1009 GLU A OE2 1 
ATOM   1273 N N   . ILE A 1 165 ? -1.921  -2.882  12.389  1.00 17.85 ? 1010 ILE A N   1 
ATOM   1274 C CA  . ILE A 1 165 ? -3.140  -2.121  12.650  1.00 15.97 ? 1010 ILE A CA  1 
ATOM   1275 C C   . ILE A 1 165 ? -3.857  -2.669  13.876  1.00 19.02 ? 1010 ILE A C   1 
ATOM   1276 O O   . ILE A 1 165 ? -4.335  -1.904  14.723  1.00 19.85 ? 1010 ILE A O   1 
ATOM   1277 C CB  . ILE A 1 165 ? -4.051  -2.140  11.412  1.00 17.28 ? 1010 ILE A CB  1 
ATOM   1278 C CG1 . ILE A 1 165 ? -3.409  -1.332  10.279  1.00 18.12 ? 1010 ILE A CG1 1 
ATOM   1279 C CG2 . ILE A 1 165 ? -5.459  -1.635  11.780  1.00 21.37 ? 1010 ILE A CG2 1 
ATOM   1280 C CD1 . ILE A 1 165 ? -4.174  -1.354  8.988   1.00 17.53 ? 1010 ILE A CD1 1 
ATOM   1281 N N   . LYS A 1 166 ? -3.916  -4.000  14.003  1.00 18.74 ? 1011 LYS A N   1 
ATOM   1282 C CA  . LYS A 1 166 ? -4.538  -4.609  15.177  1.00 20.93 ? 1011 LYS A CA  1 
ATOM   1283 C C   . LYS A 1 166 ? -3.828  -4.188  16.457  1.00 21.43 ? 1011 LYS A C   1 
ATOM   1284 O O   . LYS A 1 166 ? -4.474  -3.927  17.478  1.00 22.46 ? 1011 LYS A O   1 
ATOM   1285 C CB  . LYS A 1 166 ? -4.529  -6.132  15.052  1.00 22.10 ? 1011 LYS A CB  1 
ATOM   1286 C CG  . LYS A 1 166 ? -5.524  -6.652  14.049  1.00 24.04 ? 1011 LYS A CG  1 
ATOM   1287 C CD  . LYS A 1 166 ? -5.273  -8.110  13.710  1.00 32.28 ? 1011 LYS A CD  1 
ATOM   1288 C CE  . LYS A 1 166 ? -5.316  -8.969  14.947  1.00 35.52 ? 1011 LYS A CE  1 
ATOM   1289 N NZ  . LYS A 1 166 ? -5.225  -10.429 14.656  1.00 26.75 ? 1011 LYS A NZ  1 
ATOM   1290 N N   . LYS A 1 167 ? -2.496  -4.123  16.421  1.00 20.74 ? 1012 LYS A N   1 
ATOM   1291 C CA  . LYS A 1 167 ? -1.749  -3.682  17.591  1.00 20.95 ? 1012 LYS A CA  1 
ATOM   1292 C C   . LYS A 1 167 ? -2.061  -2.230  17.921  1.00 23.01 ? 1012 LYS A C   1 
ATOM   1293 O O   . LYS A 1 167 ? -2.270  -1.873  19.088  1.00 21.62 ? 1012 LYS A O   1 
ATOM   1294 C CB  . LYS A 1 167 ? -0.247  -3.851  17.348  1.00 22.40 ? 1012 LYS A CB  1 
ATOM   1295 C CG  . LYS A 1 167 ? 0.245   -5.275  17.380  1.00 24.54 ? 1012 LYS A CG  1 
ATOM   1296 C CD  . LYS A 1 167 ? 1.757   -5.286  17.175  1.00 26.25 ? 1012 LYS A CD  1 
ATOM   1297 C CE  . LYS A 1 167 ? 2.300   -6.699  17.192  1.00 33.98 ? 1012 LYS A CE  1 
ATOM   1298 N NZ  . LYS A 1 167 ? 1.644   -7.552  16.180  1.00 36.73 ? 1012 LYS A NZ  1 
ATOM   1299 N N   . ILE A 1 168 ? -2.067  -1.370  16.903  1.00 20.64 ? 1013 ILE A N   1 
ATOM   1300 C CA  . ILE A 1 168 ? -2.370  0.040   17.131  1.00 19.56 ? 1013 ILE A CA  1 
ATOM   1301 C C   . ILE A 1 168 ? -3.743  0.191   17.777  1.00 22.63 ? 1013 ILE A C   1 
ATOM   1302 O O   . ILE A 1 168 ? -3.932  1.004   18.693  1.00 23.34 ? 1013 ILE A O   1 
ATOM   1303 C CB  . ILE A 1 168 ? -2.267  0.818   15.804  1.00 20.43 ? 1013 ILE A CB  1 
ATOM   1304 C CG1 . ILE A 1 168 ? -0.814  0.899   15.335  1.00 20.86 ? 1013 ILE A CG1 1 
ATOM   1305 C CG2 . ILE A 1 168 ? -2.852  2.215   15.936  1.00 21.94 ? 1013 ILE A CG2 1 
ATOM   1306 C CD1 . ILE A 1 168 ? -0.663  1.285   13.857  1.00 21.15 ? 1013 ILE A CD1 1 
ATOM   1307 N N   . LEU A 1 169 ? -4.717  -0.605  17.337  1.00 23.54 ? 1014 LEU A N   1 
ATOM   1308 C CA  . LEU A 1 169 ? -6.088  -0.503  17.830  1.00 23.49 ? 1014 LEU A CA  1 
ATOM   1309 C C   . LEU A 1 169 ? -6.375  -1.362  19.064  1.00 26.66 ? 1014 LEU A C   1 
ATOM   1310 O O   . LEU A 1 169 ? -7.534  -1.431  19.493  1.00 34.60 ? 1014 LEU A O   1 
ATOM   1311 C CB  . LEU A 1 169 ? -7.080  -0.882  16.726  1.00 24.23 ? 1014 LEU A CB  1 
ATOM   1312 C CG  . LEU A 1 169 ? -7.000  -0.099  15.423  1.00 26.13 ? 1014 LEU A CG  1 
ATOM   1313 C CD1 . LEU A 1 169 ? -7.838  -0.796  14.364  1.00 30.98 ? 1014 LEU A CD1 1 
ATOM   1314 C CD2 . LEU A 1 169 ? -7.469  1.332   15.630  1.00 30.85 ? 1014 LEU A CD2 1 
ATOM   1315 N N   . SER A 1 170 ? -5.365  -2.001  19.651  1.00 26.87 ? 1015 SER A N   1 
ATOM   1316 C CA  . SER A 1 170 ? -5.594  -2.918  20.764  1.00 28.80 ? 1015 SER A CA  1 
ATOM   1317 C C   . SER A 1 170 ? -5.868  -2.215  22.092  1.00 33.44 ? 1015 SER A C   1 
ATOM   1318 O O   . SER A 1 170 ? -6.209  -2.895  23.069  1.00 36.95 ? 1015 SER A O   1 
ATOM   1319 C CB  . SER A 1 170 ? -4.399  -3.870  20.915  1.00 29.36 ? 1015 SER A CB  1 
ATOM   1320 O OG  . SER A 1 170 ? -3.226  -3.167  21.307  1.00 30.49 ? 1015 SER A OG  1 
ATOM   1321 N N   . ASP A 1 171 ? -5.727  -0.891  22.155  1.00 32.45 ? 1016 ASP A N   1 
ATOM   1322 C CA  . ASP A 1 171 ? -6.159  -0.117  23.319  1.00 39.80 ? 1016 ASP A CA  1 
ATOM   1323 C C   . ASP A 1 171 ? -7.684  -0.068  23.391  1.00 40.70 ? 1016 ASP A C   1 
ATOM   1324 O O   . ASP A 1 171 ? -8.336  -1.043  23.759  1.00 45.53 ? 1016 ASP A O   1 
ATOM   1325 C CB  . ASP A 1 171 ? -5.621  1.314   23.271  1.00 40.17 ? 1016 ASP A CB  1 
ATOM   1326 C CG  . ASP A 1 171 ? -4.118  1.398   23.471  1.00 40.70 ? 1016 ASP A CG  1 
ATOM   1327 O OD1 . ASP A 1 171 ? -3.493  0.396   23.882  1.00 42.52 ? 1016 ASP A OD1 1 
ATOM   1328 O OD2 . ASP A 1 171 ? -3.572  2.495   23.230  1.00 40.99 ? 1016 ASP A OD2 1 
HETATM 1329 O O   . HOH B 2 .   ? 5.937   -1.870  15.378  1.00 31.81 ? 1101 HOH A O   1 
HETATM 1330 O O   . HOH B 2 .   ? 17.939  2.381   -4.925  1.00 41.73 ? 1102 HOH A O   1 
HETATM 1331 O O   . HOH B 2 .   ? 0.720   2.051   1.246   1.00 28.50 ? 1103 HOH A O   1 
HETATM 1332 O O   . HOH B 2 .   ? 8.724   12.937  2.218   1.00 30.06 ? 1104 HOH A O   1 
HETATM 1333 O O   . HOH B 2 .   ? 0.966   5.356   2.296   1.00 22.19 ? 1105 HOH A O   1 
HETATM 1334 O O   . HOH B 2 .   ? -19.595 -0.431  2.478   1.00 26.02 ? 1106 HOH A O   1 
HETATM 1335 O O   . HOH B 2 .   ? -21.007 2.148   -4.415  1.00 41.21 ? 1107 HOH A O   1 
HETATM 1336 O O   . HOH B 2 .   ? 6.566   -1.912  1.883   1.00 35.31 ? 1108 HOH A O   1 
HETATM 1337 O O   . HOH B 2 .   ? 1.210   -3.137  -18.362 1.00 35.77 ? 1109 HOH A O   1 
HETATM 1338 O O   . HOH B 2 .   ? -9.547  -12.468 -12.192 1.00 35.91 ? 1110 HOH A O   1 
HETATM 1339 O O   . HOH B 2 .   ? -3.002  10.665  17.329  1.00 33.60 ? 1111 HOH A O   1 
HETATM 1340 O O   . HOH B 2 .   ? 7.321   14.235  0.324   1.00 32.39 ? 1112 HOH A O   1 
HETATM 1341 O O   . HOH B 2 .   ? -22.259 9.820   1.755   1.00 42.17 ? 1113 HOH A O   1 
HETATM 1342 O O   . HOH B 2 .   ? -2.845  1.235   3.067   1.00 21.96 ? 1114 HOH A O   1 
HETATM 1343 O O   . HOH B 2 .   ? -6.629  -5.413  18.057  1.00 25.86 ? 1115 HOH A O   1 
HETATM 1344 O O   . HOH B 2 .   ? 5.086   14.419  8.282   1.00 25.62 ? 1116 HOH A O   1 
HETATM 1345 O O   . HOH B 2 .   ? -9.411  -6.458  14.091  1.00 29.85 ? 1117 HOH A O   1 
HETATM 1346 O O   . HOH B 2 .   ? 3.174   15.161  -4.013  1.00 24.54 ? 1118 HOH A O   1 
HETATM 1347 O O   . HOH B 2 .   ? -14.731 8.562   -7.231  1.00 30.82 ? 1119 HOH A O   1 
HETATM 1348 O O   . HOH B 2 .   ? -1.745  -10.473 9.368   1.00 26.67 ? 1120 HOH A O   1 
HETATM 1349 O O   . HOH B 2 .   ? 0.554   16.017  -0.333  1.00 23.23 ? 1121 HOH A O   1 
HETATM 1350 O O   . HOH B 2 .   ? -19.797 6.111   -2.848  1.00 26.71 ? 1122 HOH A O   1 
HETATM 1351 O O   . HOH B 2 .   ? -11.465 10.069  -8.340  1.00 37.05 ? 1123 HOH A O   1 
HETATM 1352 O O   . HOH B 2 .   ? 9.289   -10.799 -3.111  1.00 29.08 ? 1124 HOH A O   1 
HETATM 1353 O O   . HOH B 2 .   ? -0.806  7.388   9.643   1.00 16.23 ? 1125 HOH A O   1 
HETATM 1354 O O   . HOH B 2 .   ? 2.941   -6.623  13.400  1.00 34.46 ? 1126 HOH A O   1 
HETATM 1355 O O   . HOH B 2 .   ? -24.915 -8.247  13.752  1.00 32.29 ? 1127 HOH A O   1 
HETATM 1356 O O   . HOH B 2 .   ? 15.425  -3.522  7.207   1.00 31.04 ? 1128 HOH A O   1 
HETATM 1357 O O   . HOH B 2 .   ? -2.328  -12.683 0.996   1.00 35.48 ? 1129 HOH A O   1 
HETATM 1358 O O   . HOH B 2 .   ? 4.110   2.007   -15.563 1.00 33.68 ? 1130 HOH A O   1 
HETATM 1359 O O   . HOH B 2 .   ? 10.329  -3.423  12.468  1.00 46.06 ? 1131 HOH A O   1 
HETATM 1360 O O   . HOH B 2 .   ? 3.748   -0.361  2.783   1.00 33.24 ? 1132 HOH A O   1 
HETATM 1361 O O   . HOH B 2 .   ? 0.617   9.771   17.944  1.00 30.78 ? 1133 HOH A O   1 
HETATM 1362 O O   . HOH B 2 .   ? 5.871   6.101   14.020  1.00 31.85 ? 1134 HOH A O   1 
HETATM 1363 O O   . HOH B 2 .   ? 0.501   -7.241  -13.155 1.00 32.91 ? 1135 HOH A O   1 
HETATM 1364 O O   . HOH B 2 .   ? -23.873 -4.917  16.059  1.00 33.08 ? 1136 HOH A O   1 
HETATM 1365 O O   . HOH B 2 .   ? 1.449   3.647   17.204  1.00 27.61 ? 1137 HOH A O   1 
HETATM 1366 O O   . HOH B 2 .   ? -5.418  16.058  13.541  1.00 31.26 ? 1138 HOH A O   1 
HETATM 1367 O O   . HOH B 2 .   ? -1.667  12.333  5.140   1.00 19.54 ? 1139 HOH A O   1 
HETATM 1368 O O   . HOH B 2 .   ? 1.840   13.673  11.680  1.00 25.48 ? 1140 HOH A O   1 
HETATM 1369 O O   . HOH B 2 .   ? 7.200   -16.346 -17.947 1.00 36.32 ? 1141 HOH A O   1 
HETATM 1370 O O   . HOH B 2 .   ? -2.343  19.098  7.691   1.00 34.10 ? 1142 HOH A O   1 
HETATM 1371 O O   . HOH B 2 .   ? -6.617  15.691  7.047   1.00 25.97 ? 1143 HOH A O   1 
HETATM 1372 O O   . HOH B 2 .   ? 5.671   7.008   -7.249  1.00 24.46 ? 1144 HOH A O   1 
HETATM 1373 O O   . HOH B 2 .   ? -7.318  -11.045 12.901  1.00 31.50 ? 1145 HOH A O   1 
HETATM 1374 O O   . HOH B 2 .   ? 2.398   5.991   16.317  1.00 32.26 ? 1146 HOH A O   1 
HETATM 1375 O O   . HOH B 2 .   ? 8.877   -10.104 1.359   1.00 38.61 ? 1147 HOH A O   1 
HETATM 1376 O O   . HOH B 2 .   ? -1.262  9.425   7.541   1.00 16.96 ? 1148 HOH A O   1 
HETATM 1377 O O   . HOH B 2 .   ? -3.652  9.953   10.868  1.00 18.00 ? 1149 HOH A O   1 
HETATM 1378 O O   . HOH B 2 .   ? -4.763  18.603  6.988   1.00 31.47 ? 1150 HOH A O   1 
HETATM 1379 O O   . HOH B 2 .   ? 7.308   -0.262  13.740  1.00 26.04 ? 1151 HOH A O   1 
HETATM 1380 O O   . HOH B 2 .   ? -13.451 -8.045  -3.980  1.00 33.73 ? 1152 HOH A O   1 
HETATM 1381 O O   . HOH B 2 .   ? 4.510   -11.199 6.472   1.00 31.40 ? 1153 HOH A O   1 
HETATM 1382 O O   . HOH B 2 .   ? 2.301   -0.012  -5.067  1.00 24.59 ? 1154 HOH A O   1 
HETATM 1383 O O   . HOH B 2 .   ? -15.919 -1.242  15.507  1.00 30.95 ? 1155 HOH A O   1 
HETATM 1384 O O   . HOH B 2 .   ? -1.354  7.120   -7.007  1.00 21.52 ? 1156 HOH A O   1 
HETATM 1385 O O   . HOH B 2 .   ? 9.964   -13.875 -8.623  1.00 33.92 ? 1157 HOH A O   1 
HETATM 1386 O O   . HOH B 2 .   ? -2.386  -10.375 14.292  1.00 35.51 ? 1158 HOH A O   1 
HETATM 1387 O O   . HOH B 2 .   ? -2.138  -14.265 -8.867  1.00 43.73 ? 1159 HOH A O   1 
HETATM 1388 O O   . HOH B 2 .   ? -23.436 6.850   -0.371  1.00 40.70 ? 1160 HOH A O   1 
HETATM 1389 O O   . HOH B 2 .   ? 7.307   9.826   -4.505  1.00 29.10 ? 1161 HOH A O   1 
HETATM 1390 O O   . HOH B 2 .   ? 2.521   -8.048  -9.229  1.00 25.50 ? 1162 HOH A O   1 
HETATM 1391 O O   . HOH B 2 .   ? -4.601  13.769  5.808   1.00 20.11 ? 1163 HOH A O   1 
HETATM 1392 O O   . HOH B 2 .   ? -19.438 -9.693  5.778   1.00 37.14 ? 1164 HOH A O   1 
HETATM 1393 O O   . HOH B 2 .   ? -1.556  -8.098  15.906  1.00 26.09 ? 1165 HOH A O   1 
HETATM 1394 O O   . HOH B 2 .   ? -13.176 -3.493  0.840   1.00 23.10 ? 1166 HOH A O   1 
HETATM 1395 O O   . HOH B 2 .   ? 13.795  -5.883  -11.053 1.00 42.90 ? 1167 HOH A O   1 
HETATM 1396 O O   . HOH B 2 .   ? 6.535   -6.119  -3.353  1.00 30.11 ? 1168 HOH A O   1 
HETATM 1397 O O   . HOH B 2 .   ? 12.727  -1.285  9.787   1.00 32.48 ? 1169 HOH A O   1 
HETATM 1398 O O   . HOH B 2 .   ? 0.822   -3.390  1.547   1.00 28.02 ? 1170 HOH A O   1 
HETATM 1399 O O   . HOH B 2 .   ? 3.816   2.369   1.234   1.00 30.27 ? 1171 HOH A O   1 
HETATM 1400 O O   . HOH B 2 .   ? -5.566  12.572  -6.645  1.00 29.83 ? 1172 HOH A O   1 
HETATM 1401 O O   . HOH B 2 .   ? 1.299   -1.443  3.464   1.00 23.33 ? 1173 HOH A O   1 
HETATM 1402 O O   . HOH B 2 .   ? -11.480 11.499  -4.426  1.00 34.31 ? 1174 HOH A O   1 
HETATM 1403 O O   . HOH B 2 .   ? -15.349 10.573  -3.225  1.00 29.39 ? 1175 HOH A O   1 
HETATM 1404 O O   . HOH B 2 .   ? 14.899  6.128   1.128   1.00 33.62 ? 1176 HOH A O   1 
HETATM 1405 O O   . HOH B 2 .   ? 17.387  -13.003 -5.721  1.00 49.83 ? 1177 HOH A O   1 
HETATM 1406 O O   . HOH B 2 .   ? -16.664 5.655   10.775  1.00 33.14 ? 1178 HOH A O   1 
HETATM 1407 O O   . HOH B 2 .   ? 19.115  -0.353  -5.900  1.00 38.80 ? 1179 HOH A O   1 
HETATM 1408 O O   . HOH B 2 .   ? -17.817 10.846  3.547   1.00 32.75 ? 1180 HOH A O   1 
HETATM 1409 O O   . HOH B 2 .   ? 9.550   9.366   8.487   1.00 31.71 ? 1181 HOH A O   1 
HETATM 1410 O O   . HOH B 2 .   ? 3.125   15.091  -1.225  1.00 18.73 ? 1182 HOH A O   1 
HETATM 1411 O O   . HOH B 2 .   ? -8.082  -13.149 1.455   1.00 30.44 ? 1183 HOH A O   1 
HETATM 1412 O O   . HOH B 2 .   ? -7.409  -2.133  -14.854 1.00 42.63 ? 1184 HOH A O   1 
HETATM 1413 O O   . HOH B 2 .   ? 6.526   15.713  4.372   1.00 29.71 ? 1185 HOH A O   1 
HETATM 1414 O O   . HOH B 2 .   ? 2.893   17.573  5.497   1.00 34.52 ? 1186 HOH A O   1 
HETATM 1415 O O   . HOH B 2 .   ? -5.519  16.959  5.022   1.00 32.30 ? 1187 HOH A O   1 
HETATM 1416 O O   . HOH B 2 .   ? -1.927  -13.408 -1.775  1.00 37.98 ? 1188 HOH A O   1 
HETATM 1417 O O   . HOH B 2 .   ? -7.207  1.424   -9.853  1.00 42.56 ? 1189 HOH A O   1 
HETATM 1418 O O   . HOH B 2 .   ? 3.405   15.422  10.165  1.00 27.26 ? 1190 HOH A O   1 
HETATM 1419 O O   . HOH B 2 .   ? 14.925  -7.791  -19.695 1.00 29.80 ? 1191 HOH A O   1 
HETATM 1420 O O   . HOH B 2 .   ? -15.108 6.413   12.494  1.00 37.84 ? 1192 HOH A O   1 
HETATM 1421 O O   . HOH B 2 .   ? -22.112 -2.857  15.726  1.00 38.99 ? 1193 HOH A O   1 
HETATM 1422 O O   . HOH B 2 .   ? -1.727  -6.221  20.436  1.00 35.36 ? 1194 HOH A O   1 
HETATM 1423 O O   . HOH B 2 .   ? 8.391   -16.244 -12.484 1.00 30.96 ? 1195 HOH A O   1 
HETATM 1424 O O   . HOH B 2 .   ? 1.621   0.229   -0.992  1.00 39.46 ? 1196 HOH A O   1 
HETATM 1425 O O   . HOH B 2 .   ? -2.854  -7.203  18.207  1.00 27.19 ? 1197 HOH A O   1 
HETATM 1426 O O   . HOH B 2 .   ? 2.219   -2.016  -1.119  1.00 37.19 ? 1198 HOH A O   1 
HETATM 1427 O O   . HOH B 2 .   ? -7.899  -3.686  -16.551 1.00 38.85 ? 1199 HOH A O   1 
HETATM 1428 O O   . HOH B 2 .   ? -3.193  -10.270 11.528  1.00 33.11 ? 1200 HOH A O   1 
HETATM 1429 O O   . HOH B 2 .   ? -8.507  -4.998  20.315  1.00 26.69 ? 1201 HOH A O   1 
HETATM 1430 O O   . HOH B 2 .   ? -3.352  -6.751  22.535  1.00 29.37 ? 1202 HOH A O   1 
HETATM 1431 O O   . HOH B 2 .   ? 5.636   16.459  6.741   1.00 31.57 ? 1203 HOH A O   1 
HETATM 1432 O O   . HOH B 2 .   ? -13.878 8.846   12.329  1.00 41.00 ? 1204 HOH A O   1 
HETATM 1433 O O   . HOH B 2 .   ? 0.924   -8.713  -11.367 1.00 32.10 ? 1205 HOH A O   1 
HETATM 1434 O O   . HOH B 2 .   ? 7.793   4.298   13.971  1.00 37.50 ? 1206 HOH A O   1 
HETATM 1435 O O   . HOH B 2 .   ? 11.719  -8.197  4.204   1.00 37.09 ? 1207 HOH A O   1 
HETATM 1436 O O   . HOH B 2 .   ? 2.691   -10.191 10.687  1.00 36.64 ? 1208 HOH A O   1 
HETATM 1437 O O   . HOH B 2 .   ? 7.356   8.842   -8.445  1.00 33.38 ? 1209 HOH A O   1 
HETATM 1438 O O   . HOH B 2 .   ? -7.214  21.723  4.644   1.00 33.78 ? 1210 HOH A O   1 
HETATM 1439 O O   . HOH B 2 .   ? 5.205   6.291   16.439  1.00 36.15 ? 1211 HOH A O   1 
HETATM 1440 O O   . HOH B 2 .   ? -8.290  -4.852  16.115  1.00 34.27 ? 1212 HOH A O   1 
HETATM 1441 O O   . HOH B 2 .   ? -0.806  8.452   -9.297  1.00 31.03 ? 1213 HOH A O   1 
HETATM 1442 O O   . HOH B 2 .   ? 9.325   -3.789  -4.367  1.00 44.29 ? 1214 HOH A O   1 
HETATM 1443 O O   . HOH B 2 .   ? 4.871   -8.360  12.219  1.00 39.57 ? 1215 HOH A O   1 
HETATM 1444 O O   . HOH B 2 .   ? 1.596   8.606   -10.433 1.00 34.56 ? 1216 HOH A O   1 
HETATM 1445 O O   . HOH B 2 .   ? 8.214   2.199   14.677  1.00 31.48 ? 1217 HOH A O   1 
HETATM 1446 O O   . HOH B 2 .   ? -3.686  -10.918 7.435   1.00 37.13 ? 1218 HOH A O   1 
HETATM 1447 O O   . HOH B 2 .   ? 6.194   -3.553  -4.438  1.00 30.97 ? 1219 HOH A O   1 
# 
loop_
_pdbx_poly_seq_scheme.asym_id 
_pdbx_poly_seq_scheme.entity_id 
_pdbx_poly_seq_scheme.seq_id 
_pdbx_poly_seq_scheme.mon_id 
_pdbx_poly_seq_scheme.ndb_seq_num 
_pdbx_poly_seq_scheme.pdb_seq_num 
_pdbx_poly_seq_scheme.auth_seq_num 
_pdbx_poly_seq_scheme.pdb_mon_id 
_pdbx_poly_seq_scheme.auth_mon_id 
_pdbx_poly_seq_scheme.pdb_strand_id 
_pdbx_poly_seq_scheme.pdb_ins_code 
_pdbx_poly_seq_scheme.hetero 
A 1 1   GLY 1   846  ?    ?   ?   A . n 
A 1 2   SER 2   847  ?    ?   ?   A . n 
A 1 3   ALA 3   848  848  ALA ALA A . n 
A 1 4   MET 4   849  849  MET MET A . n 
A 1 5   ASP 5   850  850  ASP ASP A . n 
A 1 6   ASN 6   851  851  ASN ASN A . n 
A 1 7   ASP 7   852  852  ASP ASP A . n 
A 1 8   HIS 8   853  853  HIS HIS A . n 
A 1 9   LEU 9   854  854  LEU LEU A . n 
A 1 10  VAL 10  855  855  VAL VAL A . n 
A 1 11  ILE 11  856  856  ILE ILE A . n 
A 1 12  GLU 12  857  857  GLU GLU A . n 
A 1 13  ALA 13  858  858  ALA ALA A . n 
A 1 14  ASN 14  859  859  ASN ASN A . n 
A 1 15  ILE 15  860  860  ILE ILE A . n 
A 1 16  ASN 16  861  861  ASN ASN A . n 
A 1 17  ALA 17  862  862  ALA ALA A . n 
A 1 18  PRO 18  863  863  PRO PRO A . n 
A 1 19  LEU 19  864  864  LEU LEU A . n 
A 1 20  GLY 20  865  865  GLY GLY A . n 
A 1 21  LYS 21  866  866  LYS LYS A . n 
A 1 22  VAL 22  867  867  VAL VAL A . n 
A 1 23  VAL 23  868  868  VAL VAL A . n 
A 1 24  ASN 24  869  869  ASN ASN A . n 
A 1 25  LEU 25  870  870  LEU LEU A . n 
A 1 26  LEU 26  871  871  LEU LEU A . n 
A 1 27  TYR 27  872  872  TYR TYR A . n 
A 1 28  GLY 28  873  873  GLY GLY A . n 
A 1 29  GLU 29  874  874  GLU GLU A . n 
A 1 30  ASP 30  875  875  ASP ASP A . n 
A 1 31  VAL 31  876  876  VAL VAL A . n 
A 1 32  SER 32  877  877  SER SER A . n 
A 1 33  TYR 33  878  878  TYR TYR A . n 
A 1 34  TYR 34  879  879  TYR TYR A . n 
A 1 35  GLU 35  880  880  GLU GLU A . n 
A 1 36  ARG 36  881  881  ARG ARG A . n 
A 1 37  ILE 37  882  882  ILE ILE A . n 
A 1 38  LEU 38  883  883  LEU LEU A . n 
A 1 39  LYS 39  884  884  LYS LYS A . n 
A 1 40  ALA 40  885  885  ALA ALA A . n 
A 1 41  GLN 41  886  886  GLN GLN A . n 
A 1 42  LYS 42  887  887  LYS LYS A . n 
A 1 43  ASN 43  888  888  ASN ASN A . n 
A 1 44  PHE 44  889  889  PHE PHE A . n 
A 1 45  GLU 45  890  890  GLU GLU A . n 
A 1 46  ILE 46  891  891  ILE ILE A . n 
A 1 47  SER 47  892  892  SER SER A . n 
A 1 48  PRO 48  893  893  PRO PRO A . n 
A 1 49  ILE 49  894  894  ILE ILE A . n 
A 1 50  PRO 50  895  895  PRO PRO A . n 
A 1 51  ASN 51  896  896  ASN ASN A . n 
A 1 52  ASN 52  897  897  ASN ASN A . n 
A 1 53  PHE 53  898  898  PHE PHE A . n 
A 1 54  LEU 54  899  899  LEU LEU A . n 
A 1 55  THR 55  900  900  THR THR A . n 
A 1 56  LYS 56  901  901  LYS LYS A . n 
A 1 57  LYS 57  902  902  LYS LYS A . n 
A 1 58  ILE 58  903  903  ILE ILE A . n 
A 1 59  ARG 59  904  904  ARG ARG A . n 
A 1 60  ASP 60  905  905  ASP ASP A . n 
A 1 61  TYR 61  906  906  TYR TYR A . n 
A 1 62  ALA 62  907  907  ALA ALA A . n 
A 1 63  TYR 63  908  908  TYR TYR A . n 
A 1 64  THR 64  909  909  THR THR A . n 
A 1 65  LYS 65  910  910  LYS LYS A . n 
A 1 66  PRO 66  911  911  PRO PRO A . n 
A 1 67  LEU 67  912  912  LEU LEU A . n 
A 1 68  SER 68  913  ?    ?   ?   A . n 
A 1 69  GLY 69  914  ?    ?   ?   A . n 
A 1 70  SER 70  915  ?    ?   ?   A . n 
A 1 71  ILE 71  916  916  ILE ILE A . n 
A 1 72  GLY 72  917  917  GLY GLY A . n 
A 1 73  PRO 73  918  918  PRO PRO A . n 
A 1 74  SER 74  919  919  SER SER A . n 
A 1 75  LYS 75  920  920  LYS LYS A . n 
A 1 76  THR 76  921  921  THR THR A . n 
A 1 77  LYS 77  922  922  LYS LYS A . n 
A 1 78  CYS 78  923  923  CYS CYS A . n 
A 1 79  LEU 79  924  924  LEU LEU A . n 
A 1 80  ILE 80  925  925  ILE ILE A . n 
A 1 81  THR 81  926  926  THR THR A . n 
A 1 82  ASP 82  927  927  ASP ASP A . n 
A 1 83  THR 83  928  928  THR THR A . n 
A 1 84  LEU 84  929  929  LEU LEU A . n 
A 1 85  GLU 85  930  930  GLU GLU A . n 
A 1 86  HIS 86  931  931  HIS HIS A . n 
A 1 87  TYR 87  932  932  TYR TYR A . n 
A 1 88  ASP 88  933  933  ASP ASP A . n 
A 1 89  LEU 89  934  934  LEU LEU A . n 
A 1 90  GLU 90  935  935  GLU GLU A . n 
A 1 91  ASP 91  936  936  ASP ASP A . n 
A 1 92  TYR 92  937  937  TYR TYR A . n 
A 1 93  VAL 93  938  938  VAL VAL A . n 
A 1 94  LYS 94  939  939  LYS LYS A . n 
A 1 95  VAL 95  940  940  VAL VAL A . n 
A 1 96  LEU 96  941  941  LEU LEU A . n 
A 1 97  SER 97  942  942  SER SER A . n 
A 1 98  ILE 98  943  943  ILE ILE A . n 
A 1 99  THR 99  944  944  THR THR A . n 
A 1 100 LYS 100 945  945  LYS LYS A . n 
A 1 101 ASN 101 946  946  ASN ASN A . n 
A 1 102 PRO 102 947  947  PRO PRO A . n 
A 1 103 ASP 103 948  948  ASP ASP A . n 
A 1 104 VAL 104 949  949  VAL VAL A . n 
A 1 105 PRO 105 950  950  PRO PRO A . n 
A 1 106 SER 106 951  951  SER SER A . n 
A 1 107 GLY 107 952  952  GLY GLY A . n 
A 1 108 ASN 108 953  953  ASN ASN A . n 
A 1 109 ILE 109 954  954  ILE ILE A . n 
A 1 110 PHE 110 955  955  PHE PHE A . n 
A 1 111 SER 111 956  956  SER SER A . n 
A 1 112 VAL 112 957  957  VAL VAL A . n 
A 1 113 LYS 113 958  958  LYS LYS A . n 
A 1 114 THR 114 959  959  THR THR A . n 
A 1 115 VAL 115 960  960  VAL VAL A . n 
A 1 116 PHE 116 961  961  PHE PHE A . n 
A 1 117 LEU 117 962  962  LEU LEU A . n 
A 1 118 PHE 118 963  963  PHE PHE A . n 
A 1 119 SER 119 964  964  SER SER A . n 
A 1 120 TRP 120 965  965  TRP TRP A . n 
A 1 121 ASP 121 966  966  ASP ASP A . n 
A 1 122 LYS 122 967  967  LYS LYS A . n 
A 1 123 ASN 123 968  968  ASN ASN A . n 
A 1 124 ASN 124 969  969  ASN ASN A . n 
A 1 125 SER 125 970  970  SER SER A . n 
A 1 126 THR 126 971  971  THR THR A . n 
A 1 127 LYS 127 972  972  LYS LYS A . n 
A 1 128 LEU 128 973  973  LEU LEU A . n 
A 1 129 THR 129 974  974  THR THR A . n 
A 1 130 VAL 130 975  975  VAL VAL A . n 
A 1 131 TYR 131 976  976  TYR TYR A . n 
A 1 132 ASN 132 977  977  ASN ASN A . n 
A 1 133 SER 133 978  978  SER SER A . n 
A 1 134 VAL 134 979  979  VAL VAL A . n 
A 1 135 ASP 135 980  980  ASP ASP A . n 
A 1 136 TRP 136 981  981  TRP TRP A . n 
A 1 137 THR 137 982  982  THR THR A . n 
A 1 138 GLY 138 983  983  GLY GLY A . n 
A 1 139 LYS 139 984  984  LYS LYS A . n 
A 1 140 SER 140 985  985  SER SER A . n 
A 1 141 TRP 141 986  986  TRP TRP A . n 
A 1 142 ILE 142 987  987  ILE ILE A . n 
A 1 143 LYS 143 988  988  LYS LYS A . n 
A 1 144 SER 144 989  989  SER SER A . n 
A 1 145 MET 145 990  990  MET MET A . n 
A 1 146 ILE 146 991  991  ILE ILE A . n 
A 1 147 GLU 147 992  992  GLU GLU A . n 
A 1 148 LYS 148 993  993  LYS LYS A . n 
A 1 149 GLY 149 994  994  GLY GLY A . n 
A 1 150 THR 150 995  995  THR THR A . n 
A 1 151 PHE 151 996  996  PHE PHE A . n 
A 1 152 ASP 152 997  997  ASP ASP A . n 
A 1 153 GLY 153 998  998  GLY GLY A . n 
A 1 154 VAL 154 999  999  VAL VAL A . n 
A 1 155 ALA 155 1000 1000 ALA ALA A . n 
A 1 156 ASP 156 1001 1001 ASP ASP A . n 
A 1 157 THR 157 1002 1002 THR THR A . n 
A 1 158 THR 158 1003 1003 THR THR A . n 
A 1 159 LYS 159 1004 1004 LYS LYS A . n 
A 1 160 ILE 160 1005 1005 ILE ILE A . n 
A 1 161 MET 161 1006 1006 MET MET A . n 
A 1 162 ILE 162 1007 1007 ILE ILE A . n 
A 1 163 SER 163 1008 1008 SER SER A . n 
A 1 164 GLU 164 1009 1009 GLU GLU A . n 
A 1 165 ILE 165 1010 1010 ILE ILE A . n 
A 1 166 LYS 166 1011 1011 LYS LYS A . n 
A 1 167 LYS 167 1012 1012 LYS LYS A . n 
A 1 168 ILE 168 1013 1013 ILE ILE A . n 
A 1 169 LEU 169 1014 1014 LEU LEU A . n 
A 1 170 SER 170 1015 1015 SER SER A . n 
A 1 171 ASP 171 1016 1016 ASP ASP A . n 
# 
loop_
_pdbx_nonpoly_scheme.asym_id 
_pdbx_nonpoly_scheme.entity_id 
_pdbx_nonpoly_scheme.mon_id 
_pdbx_nonpoly_scheme.ndb_seq_num 
_pdbx_nonpoly_scheme.pdb_seq_num 
_pdbx_nonpoly_scheme.auth_seq_num 
_pdbx_nonpoly_scheme.pdb_mon_id 
_pdbx_nonpoly_scheme.auth_mon_id 
_pdbx_nonpoly_scheme.pdb_strand_id 
_pdbx_nonpoly_scheme.pdb_ins_code 
B 2 HOH 1   1101 35  HOH HOH A . 
B 2 HOH 2   1102 92  HOH HOH A . 
B 2 HOH 3   1103 47  HOH HOH A . 
B 2 HOH 4   1104 43  HOH HOH A . 
B 2 HOH 5   1105 10  HOH HOH A . 
B 2 HOH 6   1106 39  HOH HOH A . 
B 2 HOH 7   1107 85  HOH HOH A . 
B 2 HOH 8   1108 51  HOH HOH A . 
B 2 HOH 9   1109 102 HOH HOH A . 
B 2 HOH 10  1110 67  HOH HOH A . 
B 2 HOH 11  1111 60  HOH HOH A . 
B 2 HOH 12  1112 46  HOH HOH A . 
B 2 HOH 13  1113 196 HOH HOH A . 
B 2 HOH 14  1114 42  HOH HOH A . 
B 2 HOH 15  1115 9   HOH HOH A . 
B 2 HOH 16  1116 13  HOH HOH A . 
B 2 HOH 17  1117 36  HOH HOH A . 
B 2 HOH 18  1118 30  HOH HOH A . 
B 2 HOH 19  1119 138 HOH HOH A . 
B 2 HOH 20  1120 15  HOH HOH A . 
B 2 HOH 21  1121 2   HOH HOH A . 
B 2 HOH 22  1122 41  HOH HOH A . 
B 2 HOH 23  1123 56  HOH HOH A . 
B 2 HOH 24  1124 59  HOH HOH A . 
B 2 HOH 25  1125 1   HOH HOH A . 
B 2 HOH 26  1126 23  HOH HOH A . 
B 2 HOH 27  1127 48  HOH HOH A . 
B 2 HOH 28  1128 69  HOH HOH A . 
B 2 HOH 29  1129 145 HOH HOH A . 
B 2 HOH 30  1130 127 HOH HOH A . 
B 2 HOH 31  1131 44  HOH HOH A . 
B 2 HOH 32  1132 83  HOH HOH A . 
B 2 HOH 33  1133 65  HOH HOH A . 
B 2 HOH 34  1134 100 HOH HOH A . 
B 2 HOH 35  1135 117 HOH HOH A . 
B 2 HOH 36  1136 54  HOH HOH A . 
B 2 HOH 37  1137 11  HOH HOH A . 
B 2 HOH 38  1138 187 HOH HOH A . 
B 2 HOH 39  1139 17  HOH HOH A . 
B 2 HOH 40  1140 32  HOH HOH A . 
B 2 HOH 41  1141 124 HOH HOH A . 
B 2 HOH 42  1142 40  HOH HOH A . 
B 2 HOH 43  1143 45  HOH HOH A . 
B 2 HOH 44  1144 12  HOH HOH A . 
B 2 HOH 45  1145 76  HOH HOH A . 
B 2 HOH 46  1146 84  HOH HOH A . 
B 2 HOH 47  1147 101 HOH HOH A . 
B 2 HOH 48  1148 5   HOH HOH A . 
B 2 HOH 49  1149 3   HOH HOH A . 
B 2 HOH 50  1150 57  HOH HOH A . 
B 2 HOH 51  1151 14  HOH HOH A . 
B 2 HOH 52  1152 63  HOH HOH A . 
B 2 HOH 53  1153 22  HOH HOH A . 
B 2 HOH 54  1154 34  HOH HOH A . 
B 2 HOH 55  1155 95  HOH HOH A . 
B 2 HOH 56  1156 7   HOH HOH A . 
B 2 HOH 57  1157 70  HOH HOH A . 
B 2 HOH 58  1158 90  HOH HOH A . 
B 2 HOH 59  1159 119 HOH HOH A . 
B 2 HOH 60  1160 153 HOH HOH A . 
B 2 HOH 61  1161 16  HOH HOH A . 
B 2 HOH 62  1162 18  HOH HOH A . 
B 2 HOH 63  1163 6   HOH HOH A . 
B 2 HOH 64  1164 97  HOH HOH A . 
B 2 HOH 65  1165 55  HOH HOH A . 
B 2 HOH 66  1166 26  HOH HOH A . 
B 2 HOH 67  1167 149 HOH HOH A . 
B 2 HOH 68  1168 66  HOH HOH A . 
B 2 HOH 69  1169 189 HOH HOH A . 
B 2 HOH 70  1170 64  HOH HOH A . 
B 2 HOH 71  1171 29  HOH HOH A . 
B 2 HOH 72  1172 50  HOH HOH A . 
B 2 HOH 73  1173 19  HOH HOH A . 
B 2 HOH 74  1174 93  HOH HOH A . 
B 2 HOH 75  1175 8   HOH HOH A . 
B 2 HOH 76  1176 72  HOH HOH A . 
B 2 HOH 77  1177 132 HOH HOH A . 
B 2 HOH 78  1178 28  HOH HOH A . 
B 2 HOH 79  1179 77  HOH HOH A . 
B 2 HOH 80  1180 33  HOH HOH A . 
B 2 HOH 81  1181 74  HOH HOH A . 
B 2 HOH 82  1182 4   HOH HOH A . 
B 2 HOH 83  1183 52  HOH HOH A . 
B 2 HOH 84  1184 126 HOH HOH A . 
B 2 HOH 85  1185 61  HOH HOH A . 
B 2 HOH 86  1186 123 HOH HOH A . 
B 2 HOH 87  1187 21  HOH HOH A . 
B 2 HOH 88  1188 194 HOH HOH A . 
B 2 HOH 89  1189 140 HOH HOH A . 
B 2 HOH 90  1190 24  HOH HOH A . 
B 2 HOH 91  1191 20  HOH HOH A . 
B 2 HOH 92  1192 134 HOH HOH A . 
B 2 HOH 93  1193 104 HOH HOH A . 
B 2 HOH 94  1194 158 HOH HOH A . 
B 2 HOH 95  1195 139 HOH HOH A . 
B 2 HOH 96  1196 62  HOH HOH A . 
B 2 HOH 97  1197 31  HOH HOH A . 
B 2 HOH 98  1198 122 HOH HOH A . 
B 2 HOH 99  1199 71  HOH HOH A . 
B 2 HOH 100 1200 105 HOH HOH A . 
B 2 HOH 101 1201 38  HOH HOH A . 
B 2 HOH 102 1202 53  HOH HOH A . 
B 2 HOH 103 1203 25  HOH HOH A . 
B 2 HOH 104 1204 120 HOH HOH A . 
B 2 HOH 105 1205 80  HOH HOH A . 
B 2 HOH 106 1206 116 HOH HOH A . 
B 2 HOH 107 1207 192 HOH HOH A . 
B 2 HOH 108 1208 188 HOH HOH A . 
B 2 HOH 109 1209 86  HOH HOH A . 
B 2 HOH 110 1210 49  HOH HOH A . 
B 2 HOH 111 1211 141 HOH HOH A . 
B 2 HOH 112 1212 58  HOH HOH A . 
B 2 HOH 113 1213 27  HOH HOH A . 
B 2 HOH 114 1214 110 HOH HOH A . 
B 2 HOH 115 1215 111 HOH HOH A . 
B 2 HOH 116 1216 75  HOH HOH A . 
B 2 HOH 117 1217 37  HOH HOH A . 
B 2 HOH 118 1218 79  HOH HOH A . 
B 2 HOH 119 1219 68  HOH HOH A . 
# 
_pdbx_struct_assembly.id                   1 
_pdbx_struct_assembly.details              author_defined_assembly 
_pdbx_struct_assembly.method_details       ? 
_pdbx_struct_assembly.oligomeric_details   monomeric 
_pdbx_struct_assembly.oligomeric_count     1 
# 
_pdbx_struct_assembly_gen.assembly_id       1 
_pdbx_struct_assembly_gen.oper_expression   1 
_pdbx_struct_assembly_gen.asym_id_list      A,B 
# 
loop_
_pdbx_struct_assembly_prop.biol_id 
_pdbx_struct_assembly_prop.type 
_pdbx_struct_assembly_prop.value 
_pdbx_struct_assembly_prop.details 
1 'ABSA (A^2)' 0    ? 
1 MORE         0    ? 
1 'SSA (A^2)'  8910 ? 
# 
_pdbx_struct_oper_list.id                   1 
_pdbx_struct_oper_list.type                 'identity operation' 
_pdbx_struct_oper_list.name                 1_555 
_pdbx_struct_oper_list.symmetry_operation   x,y,z 
_pdbx_struct_oper_list.matrix[1][1]         1.0000000000 
_pdbx_struct_oper_list.matrix[1][2]         0.0000000000 
_pdbx_struct_oper_list.matrix[1][3]         0.0000000000 
_pdbx_struct_oper_list.vector[1]            0.0000000000 
_pdbx_struct_oper_list.matrix[2][1]         0.0000000000 
_pdbx_struct_oper_list.matrix[2][2]         1.0000000000 
_pdbx_struct_oper_list.matrix[2][3]         0.0000000000 
_pdbx_struct_oper_list.vector[2]            0.0000000000 
_pdbx_struct_oper_list.matrix[3][1]         0.0000000000 
_pdbx_struct_oper_list.matrix[3][2]         0.0000000000 
_pdbx_struct_oper_list.matrix[3][3]         1.0000000000 
_pdbx_struct_oper_list.vector[3]            0.0000000000 
# 
loop_
_pdbx_audit_revision_history.ordinal 
_pdbx_audit_revision_history.data_content_type 
_pdbx_audit_revision_history.major_revision 
_pdbx_audit_revision_history.minor_revision 
_pdbx_audit_revision_history.revision_date 
1 'Structure model' 1 0 2018-01-31 
2 'Structure model' 1 1 2018-02-14 
3 'Structure model' 1 2 2023-11-22 
# 
_pdbx_audit_revision_details.ordinal             1 
_pdbx_audit_revision_details.revision_ordinal    1 
_pdbx_audit_revision_details.data_content_type   'Structure model' 
_pdbx_audit_revision_details.provider            repository 
_pdbx_audit_revision_details.type                'Initial release' 
_pdbx_audit_revision_details.description         ? 
_pdbx_audit_revision_details.details             ? 
# 
loop_
_pdbx_audit_revision_group.ordinal 
_pdbx_audit_revision_group.revision_ordinal 
_pdbx_audit_revision_group.data_content_type 
_pdbx_audit_revision_group.group 
1 2 'Structure model' 'Database references'    
2 2 'Structure model' 'Source and taxonomy'    
3 3 'Structure model' 'Data collection'        
4 3 'Structure model' 'Database references'    
5 3 'Structure model' 'Refinement description' 
# 
loop_
_pdbx_audit_revision_category.ordinal 
_pdbx_audit_revision_category.revision_ordinal 
_pdbx_audit_revision_category.data_content_type 
_pdbx_audit_revision_category.category 
1 2 'Structure model' citation                      
2 2 'Structure model' entity_src_gen                
3 3 'Structure model' chem_comp_atom                
4 3 'Structure model' chem_comp_bond                
5 3 'Structure model' database_2                    
6 3 'Structure model' pdbx_initial_refinement_model 
# 
loop_
_pdbx_audit_revision_item.ordinal 
_pdbx_audit_revision_item.revision_ordinal 
_pdbx_audit_revision_item.data_content_type 
_pdbx_audit_revision_item.item 
1 2 'Structure model' '_citation.journal_volume'                       
2 2 'Structure model' '_citation.page_first'                           
3 2 'Structure model' '_citation.page_last'                            
4 2 'Structure model' '_entity_src_gen.gene_src_strain'                
5 2 'Structure model' '_entity_src_gen.pdbx_gene_src_gene'             
6 2 'Structure model' '_entity_src_gen.pdbx_gene_src_ncbi_taxonomy_id' 
7 3 'Structure model' '_database_2.pdbx_DOI'                           
8 3 'Structure model' '_database_2.pdbx_database_accession'            
# 
loop_
_software.citation_id 
_software.classification 
_software.compiler_name 
_software.compiler_version 
_software.contact_author 
_software.contact_author_email 
_software.date 
_software.description 
_software.dependencies 
_software.hardware 
_software.language 
_software.location 
_software.mods 
_software.name 
_software.os 
_software.os_version 
_software.type 
_software.version 
_software.pdbx_ordinal 
? refinement       ? ? ? ? ? ? ? ? ? ? ? PHENIX   ? ? ? '(1.10.1_2155: ???)' 1 
? 'data reduction' ? ? ? ? ? ? ? ? ? ? ? HKL-2000 ? ? ? .                    2 
? 'data scaling'   ? ? ? ? ? ? ? ? ? ? ? HKL-2000 ? ? ? .                    3 
? phasing          ? ? ? ? ? ? ? ? ? ? ? PHASER   ? ? ? .                    4 
# 
loop_
_pdbx_validate_torsion.id 
_pdbx_validate_torsion.PDB_model_num 
_pdbx_validate_torsion.auth_comp_id 
_pdbx_validate_torsion.auth_asym_id 
_pdbx_validate_torsion.auth_seq_id 
_pdbx_validate_torsion.PDB_ins_code 
_pdbx_validate_torsion.label_alt_id 
_pdbx_validate_torsion.phi 
_pdbx_validate_torsion.psi 
1 1 MET A 849 ? ? -100.20 63.84  
2 1 ASP A 936 ? ? -143.68 -81.75 
# 
loop_
_pdbx_unobs_or_zero_occ_residues.id 
_pdbx_unobs_or_zero_occ_residues.PDB_model_num 
_pdbx_unobs_or_zero_occ_residues.polymer_flag 
_pdbx_unobs_or_zero_occ_residues.occupancy_flag 
_pdbx_unobs_or_zero_occ_residues.auth_asym_id 
_pdbx_unobs_or_zero_occ_residues.auth_comp_id 
_pdbx_unobs_or_zero_occ_residues.auth_seq_id 
_pdbx_unobs_or_zero_occ_residues.PDB_ins_code 
_pdbx_unobs_or_zero_occ_residues.label_asym_id 
_pdbx_unobs_or_zero_occ_residues.label_comp_id 
_pdbx_unobs_or_zero_occ_residues.label_seq_id 
1 1 Y 1 A GLY 846 ? A GLY 1  
2 1 Y 1 A SER 847 ? A SER 2  
3 1 Y 1 A SER 913 ? A SER 68 
4 1 Y 1 A GLY 914 ? A GLY 69 
5 1 Y 1 A SER 915 ? A SER 70 
# 
loop_
_chem_comp_atom.comp_id 
_chem_comp_atom.atom_id 
_chem_comp_atom.type_symbol 
_chem_comp_atom.pdbx_aromatic_flag 
_chem_comp_atom.pdbx_stereo_config 
_chem_comp_atom.pdbx_ordinal 
ALA N    N N N 1   
ALA CA   C N S 2   
ALA C    C N N 3   
ALA O    O N N 4   
ALA CB   C N N 5   
ALA OXT  O N N 6   
ALA H    H N N 7   
ALA H2   H N N 8   
ALA HA   H N N 9   
ALA HB1  H N N 10  
ALA HB2  H N N 11  
ALA HB3  H N N 12  
ALA HXT  H N N 13  
ARG N    N N N 14  
ARG CA   C N S 15  
ARG C    C N N 16  
ARG O    O N N 17  
ARG CB   C N N 18  
ARG CG   C N N 19  
ARG CD   C N N 20  
ARG NE   N N N 21  
ARG CZ   C N N 22  
ARG NH1  N N N 23  
ARG NH2  N N N 24  
ARG OXT  O N N 25  
ARG H    H N N 26  
ARG H2   H N N 27  
ARG HA   H N N 28  
ARG HB2  H N N 29  
ARG HB3  H N N 30  
ARG HG2  H N N 31  
ARG HG3  H N N 32  
ARG HD2  H N N 33  
ARG HD3  H N N 34  
ARG HE   H N N 35  
ARG HH11 H N N 36  
ARG HH12 H N N 37  
ARG HH21 H N N 38  
ARG HH22 H N N 39  
ARG HXT  H N N 40  
ASN N    N N N 41  
ASN CA   C N S 42  
ASN C    C N N 43  
ASN O    O N N 44  
ASN CB   C N N 45  
ASN CG   C N N 46  
ASN OD1  O N N 47  
ASN ND2  N N N 48  
ASN OXT  O N N 49  
ASN H    H N N 50  
ASN H2   H N N 51  
ASN HA   H N N 52  
ASN HB2  H N N 53  
ASN HB3  H N N 54  
ASN HD21 H N N 55  
ASN HD22 H N N 56  
ASN HXT  H N N 57  
ASP N    N N N 58  
ASP CA   C N S 59  
ASP C    C N N 60  
ASP O    O N N 61  
ASP CB   C N N 62  
ASP CG   C N N 63  
ASP OD1  O N N 64  
ASP OD2  O N N 65  
ASP OXT  O N N 66  
ASP H    H N N 67  
ASP H2   H N N 68  
ASP HA   H N N 69  
ASP HB2  H N N 70  
ASP HB3  H N N 71  
ASP HD2  H N N 72  
ASP HXT  H N N 73  
CYS N    N N N 74  
CYS CA   C N R 75  
CYS C    C N N 76  
CYS O    O N N 77  
CYS CB   C N N 78  
CYS SG   S N N 79  
CYS OXT  O N N 80  
CYS H    H N N 81  
CYS H2   H N N 82  
CYS HA   H N N 83  
CYS HB2  H N N 84  
CYS HB3  H N N 85  
CYS HG   H N N 86  
CYS HXT  H N N 87  
GLN N    N N N 88  
GLN CA   C N S 89  
GLN C    C N N 90  
GLN O    O N N 91  
GLN CB   C N N 92  
GLN CG   C N N 93  
GLN CD   C N N 94  
GLN OE1  O N N 95  
GLN NE2  N N N 96  
GLN OXT  O N N 97  
GLN H    H N N 98  
GLN H2   H N N 99  
GLN HA   H N N 100 
GLN HB2  H N N 101 
GLN HB3  H N N 102 
GLN HG2  H N N 103 
GLN HG3  H N N 104 
GLN HE21 H N N 105 
GLN HE22 H N N 106 
GLN HXT  H N N 107 
GLU N    N N N 108 
GLU CA   C N S 109 
GLU C    C N N 110 
GLU O    O N N 111 
GLU CB   C N N 112 
GLU CG   C N N 113 
GLU CD   C N N 114 
GLU OE1  O N N 115 
GLU OE2  O N N 116 
GLU OXT  O N N 117 
GLU H    H N N 118 
GLU H2   H N N 119 
GLU HA   H N N 120 
GLU HB2  H N N 121 
GLU HB3  H N N 122 
GLU HG2  H N N 123 
GLU HG3  H N N 124 
GLU HE2  H N N 125 
GLU HXT  H N N 126 
GLY N    N N N 127 
GLY CA   C N N 128 
GLY C    C N N 129 
GLY O    O N N 130 
GLY OXT  O N N 131 
GLY H    H N N 132 
GLY H2   H N N 133 
GLY HA2  H N N 134 
GLY HA3  H N N 135 
GLY HXT  H N N 136 
HIS N    N N N 137 
HIS CA   C N S 138 
HIS C    C N N 139 
HIS O    O N N 140 
HIS CB   C N N 141 
HIS CG   C Y N 142 
HIS ND1  N Y N 143 
HIS CD2  C Y N 144 
HIS CE1  C Y N 145 
HIS NE2  N Y N 146 
HIS OXT  O N N 147 
HIS H    H N N 148 
HIS H2   H N N 149 
HIS HA   H N N 150 
HIS HB2  H N N 151 
HIS HB3  H N N 152 
HIS HD1  H N N 153 
HIS HD2  H N N 154 
HIS HE1  H N N 155 
HIS HE2  H N N 156 
HIS HXT  H N N 157 
HOH O    O N N 158 
HOH H1   H N N 159 
HOH H2   H N N 160 
ILE N    N N N 161 
ILE CA   C N S 162 
ILE C    C N N 163 
ILE O    O N N 164 
ILE CB   C N S 165 
ILE CG1  C N N 166 
ILE CG2  C N N 167 
ILE CD1  C N N 168 
ILE OXT  O N N 169 
ILE H    H N N 170 
ILE H2   H N N 171 
ILE HA   H N N 172 
ILE HB   H N N 173 
ILE HG12 H N N 174 
ILE HG13 H N N 175 
ILE HG21 H N N 176 
ILE HG22 H N N 177 
ILE HG23 H N N 178 
ILE HD11 H N N 179 
ILE HD12 H N N 180 
ILE HD13 H N N 181 
ILE HXT  H N N 182 
LEU N    N N N 183 
LEU CA   C N S 184 
LEU C    C N N 185 
LEU O    O N N 186 
LEU CB   C N N 187 
LEU CG   C N N 188 
LEU CD1  C N N 189 
LEU CD2  C N N 190 
LEU OXT  O N N 191 
LEU H    H N N 192 
LEU H2   H N N 193 
LEU HA   H N N 194 
LEU HB2  H N N 195 
LEU HB3  H N N 196 
LEU HG   H N N 197 
LEU HD11 H N N 198 
LEU HD12 H N N 199 
LEU HD13 H N N 200 
LEU HD21 H N N 201 
LEU HD22 H N N 202 
LEU HD23 H N N 203 
LEU HXT  H N N 204 
LYS N    N N N 205 
LYS CA   C N S 206 
LYS C    C N N 207 
LYS O    O N N 208 
LYS CB   C N N 209 
LYS CG   C N N 210 
LYS CD   C N N 211 
LYS CE   C N N 212 
LYS NZ   N N N 213 
LYS OXT  O N N 214 
LYS H    H N N 215 
LYS H2   H N N 216 
LYS HA   H N N 217 
LYS HB2  H N N 218 
LYS HB3  H N N 219 
LYS HG2  H N N 220 
LYS HG3  H N N 221 
LYS HD2  H N N 222 
LYS HD3  H N N 223 
LYS HE2  H N N 224 
LYS HE3  H N N 225 
LYS HZ1  H N N 226 
LYS HZ2  H N N 227 
LYS HZ3  H N N 228 
LYS HXT  H N N 229 
MET N    N N N 230 
MET CA   C N S 231 
MET C    C N N 232 
MET O    O N N 233 
MET CB   C N N 234 
MET CG   C N N 235 
MET SD   S N N 236 
MET CE   C N N 237 
MET OXT  O N N 238 
MET H    H N N 239 
MET H2   H N N 240 
MET HA   H N N 241 
MET HB2  H N N 242 
MET HB3  H N N 243 
MET HG2  H N N 244 
MET HG3  H N N 245 
MET HE1  H N N 246 
MET HE2  H N N 247 
MET HE3  H N N 248 
MET HXT  H N N 249 
PHE N    N N N 250 
PHE CA   C N S 251 
PHE C    C N N 252 
PHE O    O N N 253 
PHE CB   C N N 254 
PHE CG   C Y N 255 
PHE CD1  C Y N 256 
PHE CD2  C Y N 257 
PHE CE1  C Y N 258 
PHE CE2  C Y N 259 
PHE CZ   C Y N 260 
PHE OXT  O N N 261 
PHE H    H N N 262 
PHE H2   H N N 263 
PHE HA   H N N 264 
PHE HB2  H N N 265 
PHE HB3  H N N 266 
PHE HD1  H N N 267 
PHE HD2  H N N 268 
PHE HE1  H N N 269 
PHE HE2  H N N 270 
PHE HZ   H N N 271 
PHE HXT  H N N 272 
PRO N    N N N 273 
PRO CA   C N S 274 
PRO C    C N N 275 
PRO O    O N N 276 
PRO CB   C N N 277 
PRO CG   C N N 278 
PRO CD   C N N 279 
PRO OXT  O N N 280 
PRO H    H N N 281 
PRO HA   H N N 282 
PRO HB2  H N N 283 
PRO HB3  H N N 284 
PRO HG2  H N N 285 
PRO HG3  H N N 286 
PRO HD2  H N N 287 
PRO HD3  H N N 288 
PRO HXT  H N N 289 
SER N    N N N 290 
SER CA   C N S 291 
SER C    C N N 292 
SER O    O N N 293 
SER CB   C N N 294 
SER OG   O N N 295 
SER OXT  O N N 296 
SER H    H N N 297 
SER H2   H N N 298 
SER HA   H N N 299 
SER HB2  H N N 300 
SER HB3  H N N 301 
SER HG   H N N 302 
SER HXT  H N N 303 
THR N    N N N 304 
THR CA   C N S 305 
THR C    C N N 306 
THR O    O N N 307 
THR CB   C N R 308 
THR OG1  O N N 309 
THR CG2  C N N 310 
THR OXT  O N N 311 
THR H    H N N 312 
THR H2   H N N 313 
THR HA   H N N 314 
THR HB   H N N 315 
THR HG1  H N N 316 
THR HG21 H N N 317 
THR HG22 H N N 318 
THR HG23 H N N 319 
THR HXT  H N N 320 
TRP N    N N N 321 
TRP CA   C N S 322 
TRP C    C N N 323 
TRP O    O N N 324 
TRP CB   C N N 325 
TRP CG   C Y N 326 
TRP CD1  C Y N 327 
TRP CD2  C Y N 328 
TRP NE1  N Y N 329 
TRP CE2  C Y N 330 
TRP CE3  C Y N 331 
TRP CZ2  C Y N 332 
TRP CZ3  C Y N 333 
TRP CH2  C Y N 334 
TRP OXT  O N N 335 
TRP H    H N N 336 
TRP H2   H N N 337 
TRP HA   H N N 338 
TRP HB2  H N N 339 
TRP HB3  H N N 340 
TRP HD1  H N N 341 
TRP HE1  H N N 342 
TRP HE3  H N N 343 
TRP HZ2  H N N 344 
TRP HZ3  H N N 345 
TRP HH2  H N N 346 
TRP HXT  H N N 347 
TYR N    N N N 348 
TYR CA   C N S 349 
TYR C    C N N 350 
TYR O    O N N 351 
TYR CB   C N N 352 
TYR CG   C Y N 353 
TYR CD1  C Y N 354 
TYR CD2  C Y N 355 
TYR CE1  C Y N 356 
TYR CE2  C Y N 357 
TYR CZ   C Y N 358 
TYR OH   O N N 359 
TYR OXT  O N N 360 
TYR H    H N N 361 
TYR H2   H N N 362 
TYR HA   H N N 363 
TYR HB2  H N N 364 
TYR HB3  H N N 365 
TYR HD1  H N N 366 
TYR HD2  H N N 367 
TYR HE1  H N N 368 
TYR HE2  H N N 369 
TYR HH   H N N 370 
TYR HXT  H N N 371 
VAL N    N N N 372 
VAL CA   C N S 373 
VAL C    C N N 374 
VAL O    O N N 375 
VAL CB   C N N 376 
VAL CG1  C N N 377 
VAL CG2  C N N 378 
VAL OXT  O N N 379 
VAL H    H N N 380 
VAL H2   H N N 381 
VAL HA   H N N 382 
VAL HB   H N N 383 
VAL HG11 H N N 384 
VAL HG12 H N N 385 
VAL HG13 H N N 386 
VAL HG21 H N N 387 
VAL HG22 H N N 388 
VAL HG23 H N N 389 
VAL HXT  H N N 390 
# 
loop_
_chem_comp_bond.comp_id 
_chem_comp_bond.atom_id_1 
_chem_comp_bond.atom_id_2 
_chem_comp_bond.value_order 
_chem_comp_bond.pdbx_aromatic_flag 
_chem_comp_bond.pdbx_stereo_config 
_chem_comp_bond.pdbx_ordinal 
ALA N   CA   sing N N 1   
ALA N   H    sing N N 2   
ALA N   H2   sing N N 3   
ALA CA  C    sing N N 4   
ALA CA  CB   sing N N 5   
ALA CA  HA   sing N N 6   
ALA C   O    doub N N 7   
ALA C   OXT  sing N N 8   
ALA CB  HB1  sing N N 9   
ALA CB  HB2  sing N N 10  
ALA CB  HB3  sing N N 11  
ALA OXT HXT  sing N N 12  
ARG N   CA   sing N N 13  
ARG N   H    sing N N 14  
ARG N   H2   sing N N 15  
ARG CA  C    sing N N 16  
ARG CA  CB   sing N N 17  
ARG CA  HA   sing N N 18  
ARG C   O    doub N N 19  
ARG C   OXT  sing N N 20  
ARG CB  CG   sing N N 21  
ARG CB  HB2  sing N N 22  
ARG CB  HB3  sing N N 23  
ARG CG  CD   sing N N 24  
ARG CG  HG2  sing N N 25  
ARG CG  HG3  sing N N 26  
ARG CD  NE   sing N N 27  
ARG CD  HD2  sing N N 28  
ARG CD  HD3  sing N N 29  
ARG NE  CZ   sing N N 30  
ARG NE  HE   sing N N 31  
ARG CZ  NH1  sing N N 32  
ARG CZ  NH2  doub N N 33  
ARG NH1 HH11 sing N N 34  
ARG NH1 HH12 sing N N 35  
ARG NH2 HH21 sing N N 36  
ARG NH2 HH22 sing N N 37  
ARG OXT HXT  sing N N 38  
ASN N   CA   sing N N 39  
ASN N   H    sing N N 40  
ASN N   H2   sing N N 41  
ASN CA  C    sing N N 42  
ASN CA  CB   sing N N 43  
ASN CA  HA   sing N N 44  
ASN C   O    doub N N 45  
ASN C   OXT  sing N N 46  
ASN CB  CG   sing N N 47  
ASN CB  HB2  sing N N 48  
ASN CB  HB3  sing N N 49  
ASN CG  OD1  doub N N 50  
ASN CG  ND2  sing N N 51  
ASN ND2 HD21 sing N N 52  
ASN ND2 HD22 sing N N 53  
ASN OXT HXT  sing N N 54  
ASP N   CA   sing N N 55  
ASP N   H    sing N N 56  
ASP N   H2   sing N N 57  
ASP CA  C    sing N N 58  
ASP CA  CB   sing N N 59  
ASP CA  HA   sing N N 60  
ASP C   O    doub N N 61  
ASP C   OXT  sing N N 62  
ASP CB  CG   sing N N 63  
ASP CB  HB2  sing N N 64  
ASP CB  HB3  sing N N 65  
ASP CG  OD1  doub N N 66  
ASP CG  OD2  sing N N 67  
ASP OD2 HD2  sing N N 68  
ASP OXT HXT  sing N N 69  
CYS N   CA   sing N N 70  
CYS N   H    sing N N 71  
CYS N   H2   sing N N 72  
CYS CA  C    sing N N 73  
CYS CA  CB   sing N N 74  
CYS CA  HA   sing N N 75  
CYS C   O    doub N N 76  
CYS C   OXT  sing N N 77  
CYS CB  SG   sing N N 78  
CYS CB  HB2  sing N N 79  
CYS CB  HB3  sing N N 80  
CYS SG  HG   sing N N 81  
CYS OXT HXT  sing N N 82  
GLN N   CA   sing N N 83  
GLN N   H    sing N N 84  
GLN N   H2   sing N N 85  
GLN CA  C    sing N N 86  
GLN CA  CB   sing N N 87  
GLN CA  HA   sing N N 88  
GLN C   O    doub N N 89  
GLN C   OXT  sing N N 90  
GLN CB  CG   sing N N 91  
GLN CB  HB2  sing N N 92  
GLN CB  HB3  sing N N 93  
GLN CG  CD   sing N N 94  
GLN CG  HG2  sing N N 95  
GLN CG  HG3  sing N N 96  
GLN CD  OE1  doub N N 97  
GLN CD  NE2  sing N N 98  
GLN NE2 HE21 sing N N 99  
GLN NE2 HE22 sing N N 100 
GLN OXT HXT  sing N N 101 
GLU N   CA   sing N N 102 
GLU N   H    sing N N 103 
GLU N   H2   sing N N 104 
GLU CA  C    sing N N 105 
GLU CA  CB   sing N N 106 
GLU CA  HA   sing N N 107 
GLU C   O    doub N N 108 
GLU C   OXT  sing N N 109 
GLU CB  CG   sing N N 110 
GLU CB  HB2  sing N N 111 
GLU CB  HB3  sing N N 112 
GLU CG  CD   sing N N 113 
GLU CG  HG2  sing N N 114 
GLU CG  HG3  sing N N 115 
GLU CD  OE1  doub N N 116 
GLU CD  OE2  sing N N 117 
GLU OE2 HE2  sing N N 118 
GLU OXT HXT  sing N N 119 
GLY N   CA   sing N N 120 
GLY N   H    sing N N 121 
GLY N   H2   sing N N 122 
GLY CA  C    sing N N 123 
GLY CA  HA2  sing N N 124 
GLY CA  HA3  sing N N 125 
GLY C   O    doub N N 126 
GLY C   OXT  sing N N 127 
GLY OXT HXT  sing N N 128 
HIS N   CA   sing N N 129 
HIS N   H    sing N N 130 
HIS N   H2   sing N N 131 
HIS CA  C    sing N N 132 
HIS CA  CB   sing N N 133 
HIS CA  HA   sing N N 134 
HIS C   O    doub N N 135 
HIS C   OXT  sing N N 136 
HIS CB  CG   sing N N 137 
HIS CB  HB2  sing N N 138 
HIS CB  HB3  sing N N 139 
HIS CG  ND1  sing Y N 140 
HIS CG  CD2  doub Y N 141 
HIS ND1 CE1  doub Y N 142 
HIS ND1 HD1  sing N N 143 
HIS CD2 NE2  sing Y N 144 
HIS CD2 HD2  sing N N 145 
HIS CE1 NE2  sing Y N 146 
HIS CE1 HE1  sing N N 147 
HIS NE2 HE2  sing N N 148 
HIS OXT HXT  sing N N 149 
HOH O   H1   sing N N 150 
HOH O   H2   sing N N 151 
ILE N   CA   sing N N 152 
ILE N   H    sing N N 153 
ILE N   H2   sing N N 154 
ILE CA  C    sing N N 155 
ILE CA  CB   sing N N 156 
ILE CA  HA   sing N N 157 
ILE C   O    doub N N 158 
ILE C   OXT  sing N N 159 
ILE CB  CG1  sing N N 160 
ILE CB  CG2  sing N N 161 
ILE CB  HB   sing N N 162 
ILE CG1 CD1  sing N N 163 
ILE CG1 HG12 sing N N 164 
ILE CG1 HG13 sing N N 165 
ILE CG2 HG21 sing N N 166 
ILE CG2 HG22 sing N N 167 
ILE CG2 HG23 sing N N 168 
ILE CD1 HD11 sing N N 169 
ILE CD1 HD12 sing N N 170 
ILE CD1 HD13 sing N N 171 
ILE OXT HXT  sing N N 172 
LEU N   CA   sing N N 173 
LEU N   H    sing N N 174 
LEU N   H2   sing N N 175 
LEU CA  C    sing N N 176 
LEU CA  CB   sing N N 177 
LEU CA  HA   sing N N 178 
LEU C   O    doub N N 179 
LEU C   OXT  sing N N 180 
LEU CB  CG   sing N N 181 
LEU CB  HB2  sing N N 182 
LEU CB  HB3  sing N N 183 
LEU CG  CD1  sing N N 184 
LEU CG  CD2  sing N N 185 
LEU CG  HG   sing N N 186 
LEU CD1 HD11 sing N N 187 
LEU CD1 HD12 sing N N 188 
LEU CD1 HD13 sing N N 189 
LEU CD2 HD21 sing N N 190 
LEU CD2 HD22 sing N N 191 
LEU CD2 HD23 sing N N 192 
LEU OXT HXT  sing N N 193 
LYS N   CA   sing N N 194 
LYS N   H    sing N N 195 
LYS N   H2   sing N N 196 
LYS CA  C    sing N N 197 
LYS CA  CB   sing N N 198 
LYS CA  HA   sing N N 199 
LYS C   O    doub N N 200 
LYS C   OXT  sing N N 201 
LYS CB  CG   sing N N 202 
LYS CB  HB2  sing N N 203 
LYS CB  HB3  sing N N 204 
LYS CG  CD   sing N N 205 
LYS CG  HG2  sing N N 206 
LYS CG  HG3  sing N N 207 
LYS CD  CE   sing N N 208 
LYS CD  HD2  sing N N 209 
LYS CD  HD3  sing N N 210 
LYS CE  NZ   sing N N 211 
LYS CE  HE2  sing N N 212 
LYS CE  HE3  sing N N 213 
LYS NZ  HZ1  sing N N 214 
LYS NZ  HZ2  sing N N 215 
LYS NZ  HZ3  sing N N 216 
LYS OXT HXT  sing N N 217 
MET N   CA   sing N N 218 
MET N   H    sing N N 219 
MET N   H2   sing N N 220 
MET CA  C    sing N N 221 
MET CA  CB   sing N N 222 
MET CA  HA   sing N N 223 
MET C   O    doub N N 224 
MET C   OXT  sing N N 225 
MET CB  CG   sing N N 226 
MET CB  HB2  sing N N 227 
MET CB  HB3  sing N N 228 
MET CG  SD   sing N N 229 
MET CG  HG2  sing N N 230 
MET CG  HG3  sing N N 231 
MET SD  CE   sing N N 232 
MET CE  HE1  sing N N 233 
MET CE  HE2  sing N N 234 
MET CE  HE3  sing N N 235 
MET OXT HXT  sing N N 236 
PHE N   CA   sing N N 237 
PHE N   H    sing N N 238 
PHE N   H2   sing N N 239 
PHE CA  C    sing N N 240 
PHE CA  CB   sing N N 241 
PHE CA  HA   sing N N 242 
PHE C   O    doub N N 243 
PHE C   OXT  sing N N 244 
PHE CB  CG   sing N N 245 
PHE CB  HB2  sing N N 246 
PHE CB  HB3  sing N N 247 
PHE CG  CD1  doub Y N 248 
PHE CG  CD2  sing Y N 249 
PHE CD1 CE1  sing Y N 250 
PHE CD1 HD1  sing N N 251 
PHE CD2 CE2  doub Y N 252 
PHE CD2 HD2  sing N N 253 
PHE CE1 CZ   doub Y N 254 
PHE CE1 HE1  sing N N 255 
PHE CE2 CZ   sing Y N 256 
PHE CE2 HE2  sing N N 257 
PHE CZ  HZ   sing N N 258 
PHE OXT HXT  sing N N 259 
PRO N   CA   sing N N 260 
PRO N   CD   sing N N 261 
PRO N   H    sing N N 262 
PRO CA  C    sing N N 263 
PRO CA  CB   sing N N 264 
PRO CA  HA   sing N N 265 
PRO C   O    doub N N 266 
PRO C   OXT  sing N N 267 
PRO CB  CG   sing N N 268 
PRO CB  HB2  sing N N 269 
PRO CB  HB3  sing N N 270 
PRO CG  CD   sing N N 271 
PRO CG  HG2  sing N N 272 
PRO CG  HG3  sing N N 273 
PRO CD  HD2  sing N N 274 
PRO CD  HD3  sing N N 275 
PRO OXT HXT  sing N N 276 
SER N   CA   sing N N 277 
SER N   H    sing N N 278 
SER N   H2   sing N N 279 
SER CA  C    sing N N 280 
SER CA  CB   sing N N 281 
SER CA  HA   sing N N 282 
SER C   O    doub N N 283 
SER C   OXT  sing N N 284 
SER CB  OG   sing N N 285 
SER CB  HB2  sing N N 286 
SER CB  HB3  sing N N 287 
SER OG  HG   sing N N 288 
SER OXT HXT  sing N N 289 
THR N   CA   sing N N 290 
THR N   H    sing N N 291 
THR N   H2   sing N N 292 
THR CA  C    sing N N 293 
THR CA  CB   sing N N 294 
THR CA  HA   sing N N 295 
THR C   O    doub N N 296 
THR C   OXT  sing N N 297 
THR CB  OG1  sing N N 298 
THR CB  CG2  sing N N 299 
THR CB  HB   sing N N 300 
THR OG1 HG1  sing N N 301 
THR CG2 HG21 sing N N 302 
THR CG2 HG22 sing N N 303 
THR CG2 HG23 sing N N 304 
THR OXT HXT  sing N N 305 
TRP N   CA   sing N N 306 
TRP N   H    sing N N 307 
TRP N   H2   sing N N 308 
TRP CA  C    sing N N 309 
TRP CA  CB   sing N N 310 
TRP CA  HA   sing N N 311 
TRP C   O    doub N N 312 
TRP C   OXT  sing N N 313 
TRP CB  CG   sing N N 314 
TRP CB  HB2  sing N N 315 
TRP CB  HB3  sing N N 316 
TRP CG  CD1  doub Y N 317 
TRP CG  CD2  sing Y N 318 
TRP CD1 NE1  sing Y N 319 
TRP CD1 HD1  sing N N 320 
TRP CD2 CE2  doub Y N 321 
TRP CD2 CE3  sing Y N 322 
TRP NE1 CE2  sing Y N 323 
TRP NE1 HE1  sing N N 324 
TRP CE2 CZ2  sing Y N 325 
TRP CE3 CZ3  doub Y N 326 
TRP CE3 HE3  sing N N 327 
TRP CZ2 CH2  doub Y N 328 
TRP CZ2 HZ2  sing N N 329 
TRP CZ3 CH2  sing Y N 330 
TRP CZ3 HZ3  sing N N 331 
TRP CH2 HH2  sing N N 332 
TRP OXT HXT  sing N N 333 
TYR N   CA   sing N N 334 
TYR N   H    sing N N 335 
TYR N   H2   sing N N 336 
TYR CA  C    sing N N 337 
TYR CA  CB   sing N N 338 
TYR CA  HA   sing N N 339 
TYR C   O    doub N N 340 
TYR C   OXT  sing N N 341 
TYR CB  CG   sing N N 342 
TYR CB  HB2  sing N N 343 
TYR CB  HB3  sing N N 344 
TYR CG  CD1  doub Y N 345 
TYR CG  CD2  sing Y N 346 
TYR CD1 CE1  sing Y N 347 
TYR CD1 HD1  sing N N 348 
TYR CD2 CE2  doub Y N 349 
TYR CD2 HD2  sing N N 350 
TYR CE1 CZ   doub Y N 351 
TYR CE1 HE1  sing N N 352 
TYR CE2 CZ   sing Y N 353 
TYR CE2 HE2  sing N N 354 
TYR CZ  OH   sing N N 355 
TYR OH  HH   sing N N 356 
TYR OXT HXT  sing N N 357 
VAL N   CA   sing N N 358 
VAL N   H    sing N N 359 
VAL N   H2   sing N N 360 
VAL CA  C    sing N N 361 
VAL CA  CB   sing N N 362 
VAL CA  HA   sing N N 363 
VAL C   O    doub N N 364 
VAL C   OXT  sing N N 365 
VAL CB  CG1  sing N N 366 
VAL CB  CG2  sing N N 367 
VAL CB  HB   sing N N 368 
VAL CG1 HG11 sing N N 369 
VAL CG1 HG12 sing N N 370 
VAL CG1 HG13 sing N N 371 
VAL CG2 HG21 sing N N 372 
VAL CG2 HG22 sing N N 373 
VAL CG2 HG23 sing N N 374 
VAL OXT HXT  sing N N 375 
# 
_pdbx_audit_support.funding_organization   ? 
_pdbx_audit_support.country                'Korea, Republic Of' 
_pdbx_audit_support.grant_number           ? 
_pdbx_audit_support.ordinal                1 
# 
_pdbx_entity_nonpoly.entity_id   2 
_pdbx_entity_nonpoly.name        water 
_pdbx_entity_nonpoly.comp_id     HOH 
# 
_pdbx_initial_refinement_model.id               1 
_pdbx_initial_refinement_model.entity_id_list   ? 
_pdbx_initial_refinement_model.type             'experimental model' 
_pdbx_initial_refinement_model.source_name      PDB 
_pdbx_initial_refinement_model.accession_code   5YQJ 
_pdbx_initial_refinement_model.details          ? 
# 
_pdbx_struct_assembly_auth_evidence.id                     1 
_pdbx_struct_assembly_auth_evidence.assembly_id            1 
_pdbx_struct_assembly_auth_evidence.experimental_support   'gel filtration' 
_pdbx_struct_assembly_auth_evidence.details                ? 
# 
